data_5W1H
#
_entry.id   5W1H
#
_cell.length_a   150.842
_cell.length_b   92.213
_cell.length_c   115.858
_cell.angle_alpha   90.00
_cell.angle_beta   92.42
_cell.angle_gamma   90.00
#
_symmetry.space_group_name_H-M   'C 1 2 1'
#
loop_
_entity.id
_entity.type
_entity.pdbx_description
1 polymer 'LbaCas13a (C2c2)'
2 polymer 'mature crRNA'
3 non-polymer 'IODIDE ION'
4 non-polymer GLYCEROL
5 water water
#
loop_
_entity_poly.entity_id
_entity_poly.type
_entity_poly.pdbx_seq_one_letter_code
_entity_poly.pdbx_strand_id
1 'polypeptide(L)'
;SNAMKISKVREENRGAKLTVNAKTAVVSENRSQEGILYNDPSRYGKSRKNDEDRDRYIESRLKSSGKLYRIFNEDKNKRE
TDELQWFLSEIVKKINRRNGLVLSDMLSVDDRAFEKAFEKYAELSYTNRRNKVSGSPAFETCGVDAATAERLKGIISETN
FINRIKNNIDNKVSEDIIDRIIAKYLKKSLCRERVKRGLKKLLMNAFDLPYSDPDIDVQRDFIDYVLEDFYHVRAKSQVS
RSIKNMNMPVQPEGDGKFAITVSKGGTESGNKRSAEKEAFKKFLSDYASLDERVRDDMLRRMRRLVVLYFYGSDDSKLSD
VNEKFDVWEDHAARRVDNREFIKLPLENKLANGKTDKDAERIRKNTVKELYRNQNIGCYRQAVKAVEEDNNGRYFDDKML
NMFFIHRIEYGVEKIYANLKQVTEFKARTGYLSEKIWKDLINYISIKYIAMGKAVYNYAMDELNASDKKEIELGKISEEY
LSGISSFDYELIKAEEMLQRETAVYVAFAARHLSSQTVELDSENSDFLLLKPKGTMDKNDKNKLASNNILNFLKDKETLR
DTILQYFGGHSLWTDFPFDKYLAGGKDDVDFLTDLKDVIYSMRNDSFHYATENHNNGKWNKELISAMFEHETERMTVVMK
DKFYSNNLPMFYKNDDLKKLLIDLYKDNVERASQVPSFNKVFVRKNFPALVRDKDNLGIELDLKADADKGENELKFYNAL
YYMFKEIYYNAFLNDKNVRERFITKATKVADNYDRNKERNLKDRIKSAGSDEKKKLREQLQNYIAENDFGQRIKNIVQVN
PDYTLAQICQLIMTEYNQQNNGCMQKKSAARKDINKDSYQHYKMLLLVNLRKAFLEFIKENYAFVLKPYKHDLCDKADFV
PDFAKYVKPYAGLISRVAGSSELQKWYIVSRFLSPAQANHMLGFLHSYKQYVWDIYRRASETGTEINHSIAEDKIAGVDI
TDVDAVIDLSVKLCGTISSEISDYFKDDEVYAEYISSYLDFEYDGGNYKDSLNRFCNSDAVNDQKVALYYDGEHPKLNRN
IILSKLYGERRFLEKITDRVSRSDIVEYYKLKKETSQYQTKGIFDSEDEQKNIKKFQEMKNIVEFRDLMDYSEIADELQG
QLINWIYLRERDLMNFQLGYHYACLNNDSNKQATYVTLDYQGKKNRKINGAILYQICAMYINGLPLYYVDKDSSEWTVSD
GKESTGAKIGEFYRYAKSFENTSDCYASGLEIFENISEHDNITELRNYIEHFRYYSSFDRSFLGIYSEVFDRFFTYDLKY
RKNVPTILYNILLQHFVNVRFEFVSGKKMIGIDKKDRKIAKEKECARITIREKNGVYSEQFTYKLKNGTVYVDARDKRYL
QSIIRLLFYPEKVNMDEMIEVKEKKKPSDNNTGKGYSKRDRQQDRKEYDKYKEKKKKEGNFLSGMGGNINWDEINAQLKN
;
A
2 'polyribonucleotide' AAGAUAGCCCAAGAAAGAGGGCAAUAACCAGAUAUAGCCUGGUGGUUCAGGC B
#
loop_
_chem_comp.id
_chem_comp.type
_chem_comp.name
_chem_comp.formula
A RNA linking ADENOSINE-5'-MONOPHOSPHATE 'C10 H14 N5 O7 P'
C RNA linking CYTIDINE-5'-MONOPHOSPHATE 'C9 H14 N3 O8 P'
G RNA linking GUANOSINE-5'-MONOPHOSPHATE 'C10 H14 N5 O8 P'
GOL non-polymer GLYCEROL 'C3 H8 O3'
IOD non-polymer 'IODIDE ION' 'I -1'
U RNA linking URIDINE-5'-MONOPHOSPHATE 'C9 H13 N2 O9 P'
#
# COMPACT_ATOMS: atom_id res chain seq x y z
N LYS A 17 -2.44 1.40 -23.35
CA LYS A 17 -2.69 2.75 -22.87
C LYS A 17 -2.35 3.79 -23.94
N LEU A 18 -3.26 4.75 -24.12
CA LEU A 18 -3.10 5.72 -25.21
C LEU A 18 -1.84 6.56 -25.03
N THR A 19 -1.64 7.12 -23.84
CA THR A 19 -0.51 8.00 -23.56
C THR A 19 0.66 7.25 -22.94
N VAL A 20 1.05 6.11 -23.53
CA VAL A 20 2.11 5.30 -22.96
C VAL A 20 3.48 5.97 -23.14
N ASN A 21 3.60 6.90 -24.09
CA ASN A 21 4.88 7.59 -24.27
C ASN A 21 5.13 8.63 -23.17
N ALA A 22 4.06 9.18 -22.59
CA ALA A 22 4.16 10.43 -21.86
C ALA A 22 3.48 10.32 -20.49
N LYS A 23 3.62 11.38 -19.71
CA LYS A 23 2.95 11.52 -18.43
C LYS A 23 2.07 12.76 -18.45
N THR A 24 1.09 12.79 -17.55
CA THR A 24 0.25 13.96 -17.39
C THR A 24 0.54 14.63 -16.06
N ALA A 25 0.22 15.92 -16.00
CA ALA A 25 0.30 16.66 -14.75
C ALA A 25 -0.70 17.80 -14.83
N VAL A 26 -0.97 18.39 -13.67
CA VAL A 26 -1.80 19.59 -13.57
C VAL A 26 -0.91 20.70 -13.07
N VAL A 27 -0.84 21.80 -13.82
CA VAL A 27 -0.07 22.96 -13.43
C VAL A 27 -1.02 24.14 -13.27
N SER A 28 -0.66 25.07 -12.39
CA SER A 28 -1.46 26.26 -12.16
C SER A 28 -0.56 27.49 -12.24
N GLU A 29 -1.00 28.50 -12.99
CA GLU A 29 -0.19 29.68 -13.23
C GLU A 29 -0.61 30.85 -12.34
N ASN A 30 -1.81 31.40 -12.57
CA ASN A 30 -2.36 32.53 -11.85
C ASN A 30 -3.84 32.24 -11.62
N ARG A 31 -4.10 31.28 -10.73
CA ARG A 31 -5.43 30.77 -10.38
C ARG A 31 -6.15 30.10 -11.53
N SER A 32 -5.48 29.88 -12.66
CA SER A 32 -6.01 29.04 -13.73
C SER A 32 -5.10 27.83 -13.90
N GLN A 33 -5.71 26.70 -14.25
CA GLN A 33 -4.99 25.44 -14.32
C GLN A 33 -4.99 24.90 -15.73
N GLU A 34 -4.07 23.97 -15.98
CA GLU A 34 -3.97 23.29 -17.27
C GLU A 34 -3.40 21.91 -17.08
N GLY A 35 -4.07 20.91 -17.64
CA GLY A 35 -3.50 19.58 -17.71
C GLY A 35 -2.53 19.52 -18.89
N ILE A 36 -1.33 18.98 -18.63
CA ILE A 36 -0.29 18.95 -19.64
C ILE A 36 0.14 17.51 -19.88
N LEU A 37 0.68 17.28 -21.07
CA LEU A 37 1.38 16.05 -21.41
C LEU A 37 2.88 16.36 -21.49
N TYR A 38 3.70 15.45 -20.96
CA TYR A 38 5.14 15.67 -21.04
C TYR A 38 5.88 14.34 -21.20
N ASN A 39 6.96 14.39 -21.97
CA ASN A 39 7.82 13.23 -22.15
C ASN A 39 8.74 13.08 -20.95
N ASP A 40 8.96 11.83 -20.54
CA ASP A 40 9.77 11.53 -19.37
C ASP A 40 10.58 10.26 -19.62
N PRO A 41 11.89 10.26 -19.32
CA PRO A 41 12.62 11.45 -18.86
C PRO A 41 13.01 12.37 -20.02
N SER A 42 13.09 13.67 -19.75
CA SER A 42 13.41 14.63 -20.78
C SER A 42 14.09 15.83 -20.13
N ARG A 43 14.39 16.84 -20.93
CA ARG A 43 15.02 18.06 -20.45
C ARG A 43 14.05 19.22 -20.60
N TYR A 44 14.24 20.24 -19.76
CA TYR A 44 13.46 21.46 -19.86
C TYR A 44 13.58 22.04 -21.26
N GLY A 45 12.44 22.38 -21.85
CA GLY A 45 12.38 22.83 -23.22
C GLY A 45 12.13 21.72 -24.23
N LYS A 46 12.18 20.46 -23.80
CA LYS A 46 11.89 19.33 -24.68
C LYS A 46 10.88 18.36 -24.06
N SER A 47 10.32 18.68 -22.89
CA SER A 47 9.43 17.76 -22.19
C SER A 47 7.96 18.13 -22.34
N ARG A 48 7.58 19.31 -21.85
CA ARG A 48 6.17 19.71 -21.86
C ARG A 48 5.71 19.97 -23.28
N LYS A 49 4.56 19.39 -23.64
CA LYS A 49 4.03 19.53 -24.99
C LYS A 49 3.14 20.76 -25.09
N ASN A 50 3.34 21.56 -26.13
CA ASN A 50 2.46 22.70 -26.37
C ASN A 50 1.13 22.19 -26.91
N ASP A 51 0.19 23.14 -27.11
CA ASP A 51 -1.16 22.77 -27.54
C ASP A 51 -1.14 21.96 -28.83
N GLU A 52 -0.40 22.43 -29.83
CA GLU A 52 -0.35 21.74 -31.11
C GLU A 52 0.33 20.38 -30.99
N ASP A 53 1.45 20.32 -30.28
CA ASP A 53 2.13 19.03 -30.10
C ASP A 53 1.31 18.07 -29.26
N ARG A 54 0.57 18.57 -28.26
CA ARG A 54 -0.33 17.70 -27.51
C ARG A 54 -1.41 17.14 -28.43
N ASP A 55 -1.96 17.97 -29.31
CA ASP A 55 -3.00 17.51 -30.23
C ASP A 55 -2.45 16.47 -31.21
N ARG A 56 -1.31 16.75 -31.83
CA ARG A 56 -0.76 15.81 -32.81
C ARG A 56 -0.24 14.55 -32.15
N TYR A 57 0.19 14.63 -30.89
CA TYR A 57 0.62 13.42 -30.18
C TYR A 57 -0.54 12.47 -29.99
N ILE A 58 -1.68 12.98 -29.53
CA ILE A 58 -2.86 12.13 -29.39
C ILE A 58 -3.30 11.57 -30.74
N GLU A 59 -3.36 12.44 -31.75
CA GLU A 59 -3.75 12.00 -33.09
C GLU A 59 -2.83 10.92 -33.61
N SER A 60 -1.52 11.07 -33.41
CA SER A 60 -0.57 10.08 -33.89
C SER A 60 -0.74 8.75 -33.18
N ARG A 61 -0.98 8.78 -31.86
CA ARG A 61 -1.17 7.54 -31.11
C ARG A 61 -2.44 6.81 -31.53
N LEU A 62 -3.45 7.54 -32.01
CA LEU A 62 -4.68 6.89 -32.45
C LEU A 62 -4.52 6.26 -33.83
N LYS A 63 -3.86 6.96 -34.75
CA LYS A 63 -3.69 6.43 -36.11
C LYS A 63 -2.76 5.23 -36.16
N SER A 64 -1.95 5.01 -35.14
CA SER A 64 -0.99 3.91 -35.14
C SER A 64 -1.64 2.56 -34.90
N SER A 65 -2.97 2.47 -34.91
CA SER A 65 -3.67 1.22 -34.66
C SER A 65 -4.56 0.79 -35.80
N GLY A 66 -4.61 1.54 -36.90
CA GLY A 66 -5.59 1.27 -37.94
C GLY A 66 -5.33 -0.03 -38.68
N LYS A 67 -4.08 -0.33 -38.97
CA LYS A 67 -3.78 -1.48 -39.83
C LYS A 67 -3.95 -2.80 -39.09
N LEU A 68 -3.79 -2.81 -37.77
CA LEU A 68 -4.03 -4.01 -36.98
C LEU A 68 -5.46 -4.06 -36.42
N TYR A 69 -6.31 -3.11 -36.81
CA TYR A 69 -7.68 -3.07 -36.30
C TYR A 69 -8.45 -4.31 -36.75
N ARG A 70 -9.06 -5.00 -35.79
CA ARG A 70 -9.90 -6.15 -36.07
C ARG A 70 -11.15 -6.08 -35.20
N ILE A 71 -12.26 -6.55 -35.76
CA ILE A 71 -13.51 -6.57 -34.99
C ILE A 71 -13.39 -7.50 -33.80
N PHE A 72 -12.67 -8.61 -33.94
CA PHE A 72 -12.51 -9.60 -32.89
C PHE A 72 -11.06 -9.66 -32.42
N ASN A 73 -10.89 -9.95 -31.13
CA ASN A 73 -9.57 -9.99 -30.51
C ASN A 73 -8.91 -11.36 -30.68
N GLU A 74 -7.67 -11.45 -30.23
CA GLU A 74 -6.85 -12.67 -30.33
C GLU A 74 -6.82 -13.20 -31.74
N THR A 81 -7.16 -28.48 -25.68
CA THR A 81 -8.28 -27.56 -25.49
C THR A 81 -9.56 -28.14 -26.07
N ASP A 82 -10.70 -27.60 -25.60
CA ASP A 82 -12.01 -28.12 -25.96
C ASP A 82 -12.21 -28.08 -27.48
N GLU A 83 -13.13 -28.93 -27.97
CA GLU A 83 -13.43 -28.96 -29.39
C GLU A 83 -14.23 -27.73 -29.82
N LEU A 84 -15.21 -27.32 -29.01
CA LEU A 84 -16.02 -26.16 -29.37
C LEU A 84 -15.23 -24.87 -29.22
N GLN A 85 -14.57 -24.68 -28.08
CA GLN A 85 -13.77 -23.47 -27.87
C GLN A 85 -12.73 -23.29 -28.98
N TRP A 86 -12.13 -24.39 -29.42
CA TRP A 86 -11.15 -24.34 -30.49
C TRP A 86 -11.80 -24.09 -31.85
N PHE A 87 -13.07 -24.45 -32.00
CA PHE A 87 -13.79 -24.15 -33.25
C PHE A 87 -14.13 -22.66 -33.34
N LEU A 88 -14.50 -22.04 -32.21
CA LEU A 88 -14.78 -20.61 -32.21
C LEU A 88 -13.53 -19.80 -32.57
N SER A 89 -12.36 -20.23 -32.09
CA SER A 89 -11.13 -19.50 -32.38
C SER A 89 -10.78 -19.56 -33.85
N GLU A 90 -11.10 -20.67 -34.53
CA GLU A 90 -10.78 -20.78 -35.95
C GLU A 90 -11.68 -19.88 -36.79
N ILE A 91 -12.94 -19.73 -36.39
CA ILE A 91 -13.85 -18.82 -37.10
C ILE A 91 -13.36 -17.38 -36.99
N VAL A 92 -12.98 -16.98 -35.78
CA VAL A 92 -12.50 -15.61 -35.56
C VAL A 92 -11.24 -15.36 -36.38
N LYS A 93 -10.30 -16.30 -36.36
CA LYS A 93 -9.06 -16.12 -37.09
C LYS A 93 -9.31 -15.97 -38.59
N LYS A 94 -10.17 -16.81 -39.16
CA LYS A 94 -10.44 -16.73 -40.59
C LYS A 94 -11.13 -15.43 -40.96
N ILE A 95 -12.00 -14.90 -40.09
CA ILE A 95 -12.61 -13.61 -40.35
C ILE A 95 -11.56 -12.51 -40.32
N ASN A 96 -10.56 -12.65 -39.44
CA ASN A 96 -9.52 -11.64 -39.28
C ASN A 96 -8.39 -11.78 -40.30
N ARG A 97 -8.35 -12.85 -41.08
CA ARG A 97 -7.24 -13.07 -42.00
C ARG A 97 -7.35 -12.16 -43.22
N ARG A 98 -6.30 -12.19 -44.04
CA ARG A 98 -6.29 -11.49 -45.31
C ARG A 98 -7.50 -11.91 -46.15
N ASN A 99 -8.05 -10.95 -46.89
CA ASN A 99 -9.26 -11.09 -47.69
C ASN A 99 -10.50 -11.27 -46.84
N GLY A 100 -10.38 -11.16 -45.52
CA GLY A 100 -11.50 -11.17 -44.61
C GLY A 100 -11.94 -9.77 -44.26
N LEU A 101 -12.46 -9.61 -43.04
CA LEU A 101 -12.92 -8.31 -42.56
C LEU A 101 -11.74 -7.53 -42.00
N VAL A 102 -10.89 -7.08 -42.93
CA VAL A 102 -9.73 -6.27 -42.61
C VAL A 102 -10.03 -4.87 -43.12
N LEU A 103 -10.43 -3.97 -42.20
CA LEU A 103 -10.91 -2.65 -42.59
C LEU A 103 -9.84 -1.85 -43.30
N SER A 104 -8.59 -1.95 -42.85
CA SER A 104 -7.51 -1.17 -43.47
C SER A 104 -7.33 -1.56 -44.93
N ASP A 105 -7.52 -2.83 -45.27
CA ASP A 105 -7.45 -3.25 -46.66
C ASP A 105 -8.67 -2.79 -47.44
N MET A 106 -9.85 -2.81 -46.82
CA MET A 106 -11.08 -2.46 -47.51
C MET A 106 -11.13 -0.96 -47.83
N LEU A 107 -10.69 -0.12 -46.89
CA LEU A 107 -10.86 1.32 -47.03
C LEU A 107 -9.70 2.01 -47.74
N SER A 108 -8.56 1.34 -47.86
CA SER A 108 -7.41 1.89 -48.58
C SER A 108 -7.38 1.46 -50.04
N VAL A 109 -8.46 0.89 -50.54
CA VAL A 109 -8.49 0.39 -51.92
C VAL A 109 -8.26 1.55 -52.90
N ASP A 110 -7.77 1.19 -54.09
CA ASP A 110 -7.54 2.13 -55.18
C ASP A 110 -6.50 3.18 -54.80
N ASP A 111 -5.35 2.71 -54.29
CA ASP A 111 -4.20 3.54 -53.95
C ASP A 111 -4.55 4.60 -52.91
N ARG A 112 -5.30 4.20 -51.88
CA ARG A 112 -5.65 5.04 -50.73
C ARG A 112 -6.43 6.29 -51.13
N ALA A 113 -7.10 6.26 -52.30
CA ALA A 113 -7.78 7.45 -52.80
C ALA A 113 -9.01 7.81 -51.98
N PHE A 114 -9.58 6.86 -51.23
CA PHE A 114 -10.83 7.09 -50.53
C PHE A 114 -10.67 7.18 -49.01
N GLU A 115 -9.43 7.17 -48.51
CA GLU A 115 -9.22 7.17 -47.07
C GLU A 115 -9.77 8.44 -46.43
N LYS A 116 -9.57 9.59 -47.07
CA LYS A 116 -10.07 10.85 -46.54
C LYS A 116 -11.59 10.92 -46.60
N ALA A 117 -12.20 10.35 -47.64
CA ALA A 117 -13.67 10.33 -47.71
C ALA A 117 -14.26 9.41 -46.65
N PHE A 118 -13.61 8.26 -46.41
CA PHE A 118 -14.10 7.35 -45.38
C PHE A 118 -13.97 7.96 -43.99
N GLU A 119 -12.86 8.64 -43.71
CA GLU A 119 -12.70 9.29 -42.42
C GLU A 119 -13.74 10.39 -42.23
N LYS A 120 -14.00 11.16 -43.28
CA LYS A 120 -15.03 12.21 -43.21
C LYS A 120 -16.40 11.59 -42.98
N TYR A 121 -16.68 10.45 -43.62
CA TYR A 121 -17.94 9.76 -43.36
C TYR A 121 -18.08 9.37 -41.90
N ALA A 122 -17.01 8.86 -41.30
CA ALA A 122 -17.03 8.46 -39.90
C ALA A 122 -17.30 9.64 -38.98
N GLU A 123 -16.70 10.79 -39.28
CA GLU A 123 -16.93 11.97 -38.46
C GLU A 123 -18.37 12.45 -38.58
N LEU A 124 -18.90 12.49 -39.81
CA LEU A 124 -20.30 12.88 -40.00
C LEU A 124 -21.25 11.88 -39.37
N SER A 125 -20.88 10.59 -39.35
CA SER A 125 -21.72 9.59 -38.71
C SER A 125 -21.82 9.85 -37.20
N TYR A 126 -20.69 10.18 -36.57
CA TYR A 126 -20.68 10.53 -35.15
C TYR A 126 -21.43 11.83 -34.91
N THR A 127 -21.15 12.85 -35.73
CA THR A 127 -21.83 14.14 -35.60
C THR A 127 -23.34 13.98 -35.72
N ASN A 128 -23.80 13.13 -36.64
CA ASN A 128 -25.23 12.90 -36.79
C ASN A 128 -25.85 12.33 -35.52
N ARG A 129 -25.07 11.57 -34.74
CA ARG A 129 -25.60 11.02 -33.50
C ARG A 129 -25.80 12.11 -32.44
N ARG A 130 -24.74 12.86 -32.14
CA ARG A 130 -24.84 13.87 -31.09
C ARG A 130 -25.66 15.09 -31.51
N ASN A 131 -25.97 15.23 -32.80
CA ASN A 131 -26.92 16.24 -33.26
C ASN A 131 -28.27 15.63 -33.63
N LYS A 132 -28.47 14.35 -33.31
CA LYS A 132 -29.77 13.70 -33.36
C LYS A 132 -30.37 13.67 -34.77
N VAL A 133 -29.52 13.75 -35.80
CA VAL A 133 -29.98 13.64 -37.18
C VAL A 133 -29.97 12.17 -37.56
N SER A 134 -31.13 11.67 -37.99
CA SER A 134 -31.29 10.25 -38.29
C SER A 134 -30.68 9.92 -39.65
N GLY A 135 -30.04 8.76 -39.72
CA GLY A 135 -29.60 8.21 -40.99
C GLY A 135 -28.09 8.34 -41.17
N SER A 136 -27.57 7.46 -42.02
CA SER A 136 -26.16 7.50 -42.36
C SER A 136 -25.87 8.73 -43.23
N PRO A 137 -24.68 9.29 -43.12
CA PRO A 137 -24.32 10.42 -43.99
C PRO A 137 -24.21 9.97 -45.43
N ALA A 138 -24.41 10.92 -46.35
CA ALA A 138 -24.22 10.66 -47.76
C ALA A 138 -22.80 11.02 -48.16
N PHE A 139 -22.15 10.13 -48.92
CA PHE A 139 -20.78 10.38 -49.32
C PHE A 139 -20.64 11.62 -50.18
N GLU A 140 -21.72 12.06 -50.82
CA GLU A 140 -21.67 13.30 -51.60
C GLU A 140 -21.31 14.51 -50.75
N THR A 141 -21.53 14.44 -49.43
CA THR A 141 -21.13 15.50 -48.52
C THR A 141 -19.74 15.26 -47.93
N CYS A 142 -19.04 14.21 -48.37
CA CYS A 142 -17.70 13.92 -47.91
C CYS A 142 -16.64 14.26 -48.96
N GLY A 143 -16.97 15.15 -49.90
CA GLY A 143 -16.02 15.56 -50.91
C GLY A 143 -15.86 14.58 -52.06
N VAL A 144 -16.96 13.98 -52.50
CA VAL A 144 -16.91 12.89 -53.48
C VAL A 144 -18.15 12.99 -54.36
N ASP A 145 -17.95 12.78 -55.66
CA ASP A 145 -19.05 12.87 -56.61
C ASP A 145 -20.06 11.75 -56.39
N ALA A 146 -21.20 11.85 -57.09
CA ALA A 146 -22.30 10.91 -56.88
C ALA A 146 -21.96 9.50 -57.33
N ALA A 147 -21.13 9.36 -58.38
CA ALA A 147 -20.79 8.03 -58.87
C ALA A 147 -19.84 7.33 -57.93
N THR A 148 -18.79 8.02 -57.48
CA THR A 148 -17.89 7.45 -56.50
C THR A 148 -18.60 7.21 -55.17
N ALA A 149 -19.53 8.08 -54.81
CA ALA A 149 -20.29 7.89 -53.58
C ALA A 149 -21.01 6.54 -53.57
N GLU A 150 -21.55 6.13 -54.73
CA GLU A 150 -22.22 4.84 -54.81
C GLU A 150 -21.24 3.70 -54.60
N ARG A 151 -20.01 3.86 -55.08
CA ARG A 151 -19.00 2.82 -54.88
C ARG A 151 -18.60 2.74 -53.41
N LEU A 152 -18.33 3.89 -52.79
CA LEU A 152 -17.90 3.89 -51.39
C LEU A 152 -19.01 3.34 -50.48
N LYS A 153 -20.24 3.77 -50.71
CA LYS A 153 -21.37 3.23 -49.96
C LYS A 153 -21.46 1.71 -50.08
N GLY A 154 -21.11 1.18 -51.26
CA GLY A 154 -21.11 -0.27 -51.43
C GLY A 154 -20.00 -0.96 -50.66
N ILE A 155 -18.84 -0.32 -50.55
CA ILE A 155 -17.72 -0.91 -49.81
C ILE A 155 -18.08 -1.08 -48.34
N ILE A 156 -18.79 -0.11 -47.77
CA ILE A 156 -19.19 -0.18 -46.36
C ILE A 156 -20.65 -0.57 -46.25
N SER A 157 -21.11 -1.45 -47.14
CA SER A 157 -22.46 -1.95 -47.10
C SER A 157 -22.50 -3.32 -46.42
N GLU A 158 -23.71 -3.72 -46.01
CA GLU A 158 -23.89 -5.05 -45.43
C GLU A 158 -23.48 -6.13 -46.41
N THR A 159 -23.79 -5.95 -47.70
CA THR A 159 -23.46 -6.95 -48.70
C THR A 159 -21.95 -7.19 -48.76
N ASN A 160 -21.16 -6.11 -48.80
CA ASN A 160 -19.72 -6.26 -48.86
C ASN A 160 -19.17 -6.82 -47.56
N PHE A 161 -19.71 -6.39 -46.41
CA PHE A 161 -19.26 -6.95 -45.14
C PHE A 161 -19.55 -8.45 -45.07
N ILE A 162 -20.71 -8.87 -45.55
CA ILE A 162 -21.02 -10.29 -45.60
C ILE A 162 -20.01 -11.04 -46.48
N ASN A 163 -19.66 -10.45 -47.63
CA ASN A 163 -18.72 -11.12 -48.52
C ASN A 163 -17.33 -11.23 -47.89
N ARG A 164 -16.89 -10.19 -47.20
CA ARG A 164 -15.60 -10.26 -46.52
C ARG A 164 -15.62 -11.26 -45.38
N ILE A 165 -16.75 -11.34 -44.66
CA ILE A 165 -16.87 -12.30 -43.57
C ILE A 165 -16.86 -13.74 -44.11
N LYS A 166 -17.53 -13.96 -45.24
CA LYS A 166 -17.65 -15.31 -45.80
C LYS A 166 -16.42 -15.76 -46.58
N ASN A 167 -15.54 -14.83 -46.94
CA ASN A 167 -14.49 -15.13 -47.92
C ASN A 167 -13.57 -16.25 -47.43
N ASN A 168 -13.29 -16.29 -46.12
CA ASN A 168 -12.39 -17.29 -45.58
C ASN A 168 -13.10 -18.35 -44.74
N ILE A 169 -14.43 -18.41 -44.81
CA ILE A 169 -15.22 -19.33 -44.01
C ILE A 169 -16.05 -20.20 -44.95
N ASP A 170 -15.95 -21.51 -44.76
CA ASP A 170 -16.76 -22.50 -45.47
C ASP A 170 -17.33 -23.51 -44.47
N ASN A 171 -17.96 -23.00 -43.41
CA ASN A 171 -18.42 -23.84 -42.31
C ASN A 171 -19.82 -23.40 -41.91
N LYS A 172 -20.54 -24.34 -41.29
CA LYS A 172 -21.86 -24.06 -40.75
C LYS A 172 -21.75 -23.62 -39.30
N VAL A 173 -22.48 -22.55 -38.95
CA VAL A 173 -22.52 -22.07 -37.58
C VAL A 173 -23.97 -22.04 -37.11
N SER A 174 -24.19 -21.59 -35.88
CA SER A 174 -25.52 -21.48 -35.31
C SER A 174 -25.65 -20.12 -34.64
N GLU A 175 -26.84 -19.85 -34.08
CA GLU A 175 -27.01 -18.61 -33.33
C GLU A 175 -26.21 -18.64 -32.04
N ASP A 176 -26.12 -19.80 -31.39
CA ASP A 176 -25.36 -19.90 -30.15
C ASP A 176 -23.87 -19.72 -30.39
N ILE A 177 -23.36 -20.27 -31.50
CA ILE A 177 -21.95 -20.10 -31.84
C ILE A 177 -21.62 -18.61 -32.03
N ILE A 178 -22.48 -17.89 -32.75
CA ILE A 178 -22.29 -16.46 -32.93
C ILE A 178 -22.35 -15.74 -31.59
N ASP A 179 -23.28 -16.14 -30.72
CA ASP A 179 -23.37 -15.55 -29.39
C ASP A 179 -22.06 -15.73 -28.61
N ARG A 180 -21.49 -16.94 -28.66
CA ARG A 180 -20.26 -17.21 -27.91
C ARG A 180 -19.08 -16.42 -28.48
N ILE A 181 -19.01 -16.29 -29.81
CA ILE A 181 -17.93 -15.53 -30.43
C ILE A 181 -18.01 -14.06 -30.04
N ILE A 182 -19.23 -13.50 -30.02
CA ILE A 182 -19.39 -12.09 -29.70
C ILE A 182 -19.02 -11.82 -28.26
N ALA A 183 -19.47 -12.69 -27.33
CA ALA A 183 -19.20 -12.46 -25.91
C ALA A 183 -17.72 -12.64 -25.59
N LYS A 184 -17.03 -13.55 -26.27
CA LYS A 184 -15.65 -13.85 -25.92
C LYS A 184 -14.64 -12.99 -26.66
N TYR A 185 -14.93 -12.58 -27.90
CA TYR A 185 -13.90 -12.00 -28.76
C TYR A 185 -14.18 -10.59 -29.25
N LEU A 186 -15.41 -10.08 -29.14
CA LEU A 186 -15.70 -8.76 -29.70
C LEU A 186 -14.88 -7.68 -28.98
N LYS A 187 -14.30 -6.78 -29.77
CA LYS A 187 -13.48 -5.71 -29.24
C LYS A 187 -14.25 -4.87 -28.23
N LYS A 188 -13.58 -4.48 -27.15
CA LYS A 188 -14.23 -3.79 -26.04
C LYS A 188 -14.93 -2.52 -26.49
N SER A 189 -14.30 -1.74 -27.37
CA SER A 189 -14.90 -0.49 -27.82
C SER A 189 -16.21 -0.69 -28.58
N LEU A 190 -16.45 -1.90 -29.08
CA LEU A 190 -17.68 -2.21 -29.79
C LEU A 190 -18.71 -2.92 -28.93
N CYS A 191 -18.43 -3.09 -27.63
CA CYS A 191 -19.31 -3.85 -26.74
C CYS A 191 -20.38 -2.96 -26.12
N ARG A 192 -21.21 -2.40 -27.00
CA ARG A 192 -22.44 -1.71 -26.61
C ARG A 192 -23.62 -2.49 -27.17
N GLU A 193 -24.78 -2.37 -26.50
CA GLU A 193 -25.89 -3.25 -26.79
C GLU A 193 -26.30 -3.18 -28.27
N ARG A 194 -26.51 -1.97 -28.79
CA ARG A 194 -27.00 -1.83 -30.15
C ARG A 194 -25.93 -2.22 -31.17
N VAL A 195 -24.66 -1.99 -30.86
CA VAL A 195 -23.58 -2.42 -31.76
C VAL A 195 -23.49 -3.94 -31.81
N LYS A 196 -23.56 -4.59 -30.64
CA LYS A 196 -23.52 -6.05 -30.59
C LYS A 196 -24.71 -6.66 -31.32
N ARG A 197 -25.90 -6.07 -31.16
CA ARG A 197 -27.07 -6.58 -31.86
C ARG A 197 -26.94 -6.37 -33.37
N GLY A 198 -26.33 -5.27 -33.79
CA GLY A 198 -26.11 -5.06 -35.20
C GLY A 198 -25.14 -6.06 -35.80
N LEU A 199 -24.07 -6.37 -35.07
CA LEU A 199 -23.12 -7.38 -35.53
C LEU A 199 -23.76 -8.77 -35.57
N LYS A 200 -24.56 -9.10 -34.55
CA LYS A 200 -25.23 -10.40 -34.57
C LYS A 200 -26.17 -10.51 -35.76
N LYS A 201 -26.95 -9.46 -36.04
CA LYS A 201 -27.83 -9.48 -37.20
C LYS A 201 -27.04 -9.64 -38.49
N LEU A 202 -25.91 -8.94 -38.59
CA LEU A 202 -25.03 -9.08 -39.75
C LEU A 202 -24.51 -10.50 -39.88
N LEU A 203 -24.04 -11.09 -38.77
CA LEU A 203 -23.46 -12.44 -38.83
C LEU A 203 -24.51 -13.48 -39.15
N MET A 204 -25.74 -13.34 -38.62
CA MET A 204 -26.78 -14.30 -38.95
C MET A 204 -27.12 -14.24 -40.44
N ASN A 205 -27.26 -13.02 -40.97
CA ASN A 205 -27.47 -12.87 -42.41
C ASN A 205 -26.30 -13.43 -43.20
N ALA A 206 -25.07 -13.22 -42.73
CA ALA A 206 -23.90 -13.69 -43.46
C ALA A 206 -23.90 -15.21 -43.58
N PHE A 207 -24.33 -15.92 -42.55
CA PHE A 207 -24.36 -17.37 -42.54
C PHE A 207 -25.73 -17.93 -42.92
N ASP A 208 -26.60 -17.11 -43.52
CA ASP A 208 -27.88 -17.54 -44.06
C ASP A 208 -28.72 -18.26 -43.00
N LEU A 209 -28.72 -17.71 -41.78
CA LEU A 209 -29.51 -18.26 -40.69
C LEU A 209 -30.70 -17.33 -40.42
N PRO A 210 -31.92 -17.85 -40.38
CA PRO A 210 -33.07 -16.99 -40.11
C PRO A 210 -32.90 -16.23 -38.80
N TYR A 211 -33.19 -14.94 -38.83
CA TYR A 211 -32.97 -14.08 -37.68
C TYR A 211 -33.76 -12.80 -37.86
N SER A 212 -34.28 -12.28 -36.75
CA SER A 212 -35.05 -11.04 -36.76
C SER A 212 -34.65 -10.17 -35.59
N ASP A 213 -34.31 -8.91 -35.88
CA ASP A 213 -34.10 -7.89 -34.87
C ASP A 213 -34.55 -6.57 -35.48
N PRO A 214 -35.86 -6.32 -35.53
CA PRO A 214 -36.36 -5.22 -36.37
C PRO A 214 -35.98 -3.82 -35.89
N ASP A 215 -35.73 -3.64 -34.59
CA ASP A 215 -35.34 -2.31 -34.09
C ASP A 215 -33.90 -1.96 -34.44
N ILE A 216 -33.12 -2.91 -34.95
CA ILE A 216 -31.70 -2.74 -35.19
C ILE A 216 -31.45 -2.63 -36.70
N ASP A 217 -30.62 -1.67 -37.08
CA ASP A 217 -30.20 -1.47 -38.47
C ASP A 217 -28.72 -1.78 -38.60
N VAL A 218 -28.37 -2.75 -39.44
CA VAL A 218 -26.98 -3.18 -39.54
C VAL A 218 -26.09 -2.01 -39.95
N GLN A 219 -26.54 -1.21 -40.90
CA GLN A 219 -25.72 -0.10 -41.39
C GLN A 219 -25.48 0.94 -40.31
N ARG A 220 -26.54 1.43 -39.67
CA ARG A 220 -26.38 2.53 -38.74
C ARG A 220 -25.86 2.06 -37.37
N ASP A 221 -26.29 0.88 -36.93
CA ASP A 221 -25.95 0.44 -35.58
C ASP A 221 -24.64 -0.29 -35.49
N PHE A 222 -24.19 -0.98 -36.54
CA PHE A 222 -22.90 -1.65 -36.52
C PHE A 222 -21.90 -1.04 -37.48
N ILE A 223 -22.18 -1.06 -38.79
CA ILE A 223 -21.17 -0.67 -39.77
C ILE A 223 -20.73 0.77 -39.58
N ASP A 224 -21.69 1.70 -39.51
CA ASP A 224 -21.36 3.10 -39.31
C ASP A 224 -20.56 3.30 -38.03
N TYR A 225 -20.88 2.54 -36.98
CA TYR A 225 -20.17 2.71 -35.72
C TYR A 225 -18.75 2.16 -35.82
N VAL A 226 -18.57 1.03 -36.51
CA VAL A 226 -17.24 0.48 -36.72
C VAL A 226 -16.33 1.51 -37.40
N LEU A 227 -16.87 2.25 -38.37
CA LEU A 227 -16.09 3.29 -39.01
C LEU A 227 -15.74 4.39 -38.02
N GLU A 228 -16.68 4.78 -37.16
CA GLU A 228 -16.39 5.76 -36.11
C GLU A 228 -15.29 5.23 -35.19
N ASP A 229 -15.31 3.93 -34.90
CA ASP A 229 -14.31 3.35 -34.02
C ASP A 229 -12.97 3.18 -34.72
N PHE A 230 -13.01 2.79 -36.00
CA PHE A 230 -11.78 2.63 -36.78
C PHE A 230 -11.01 3.95 -36.88
N TYR A 231 -11.71 5.04 -37.15
CA TYR A 231 -11.07 6.34 -37.27
C TYR A 231 -11.01 7.10 -35.94
N HIS A 232 -11.45 6.47 -34.85
CA HIS A 232 -11.35 7.03 -33.50
C HIS A 232 -11.88 8.46 -33.45
N VAL A 233 -13.08 8.66 -34.00
CA VAL A 233 -13.58 10.03 -34.14
C VAL A 233 -13.93 10.63 -32.79
N ARG A 234 -14.26 9.79 -31.81
CA ARG A 234 -14.56 10.30 -30.47
C ARG A 234 -13.29 10.77 -29.76
N ALA A 235 -12.27 9.92 -29.71
CA ALA A 235 -11.03 10.29 -29.06
C ALA A 235 -10.34 11.42 -29.80
N LYS A 236 -10.44 11.45 -31.13
CA LYS A 236 -9.76 12.46 -31.92
C LYS A 236 -10.24 13.86 -31.58
N SER A 237 -11.53 14.01 -31.31
CA SER A 237 -12.13 15.31 -31.05
C SER A 237 -12.24 15.63 -29.57
N GLN A 238 -11.91 14.71 -28.67
CA GLN A 238 -12.20 14.95 -27.26
C GLN A 238 -11.04 14.70 -26.31
N VAL A 239 -10.17 13.73 -26.62
CA VAL A 239 -9.17 13.30 -25.65
C VAL A 239 -8.24 14.45 -25.28
N SER A 240 -7.74 15.17 -26.28
CA SER A 240 -6.76 16.22 -26.00
C SER A 240 -7.37 17.34 -25.16
N ARG A 241 -8.61 17.72 -25.48
CA ARG A 241 -9.27 18.74 -24.68
C ARG A 241 -9.58 18.25 -23.27
N SER A 242 -9.94 16.97 -23.14
CA SER A 242 -10.21 16.43 -21.80
C SER A 242 -8.96 16.43 -20.94
N ILE A 243 -7.79 16.20 -21.55
CA ILE A 243 -6.53 16.28 -20.81
C ILE A 243 -6.25 17.71 -20.37
N LYS A 244 -6.45 18.68 -21.27
CA LYS A 244 -6.12 20.06 -20.95
C LYS A 244 -7.01 20.62 -19.83
N ASN A 245 -8.21 20.08 -19.67
CA ASN A 245 -9.14 20.57 -18.67
C ASN A 245 -9.08 19.80 -17.36
N MET A 246 -8.12 18.88 -17.20
CA MET A 246 -7.97 18.17 -15.94
C MET A 246 -7.55 19.13 -14.82
N ASN A 247 -7.84 18.75 -13.59
CA ASN A 247 -7.54 19.62 -12.45
C ASN A 247 -7.47 18.80 -11.17
N MET A 248 -7.02 19.47 -10.11
CA MET A 248 -6.90 18.90 -8.78
C MET A 248 -8.25 18.94 -8.07
N PRO A 249 -8.39 18.22 -6.95
CA PRO A 249 -9.70 18.20 -6.27
C PRO A 249 -10.11 19.54 -5.69
N VAL A 250 -9.16 20.36 -5.25
CA VAL A 250 -9.44 21.61 -4.55
C VAL A 250 -8.49 22.69 -5.10
N GLN A 251 -9.01 23.89 -5.28
CA GLN A 251 -8.23 25.02 -5.76
C GLN A 251 -8.74 26.29 -5.10
N PRO A 252 -7.91 27.33 -5.00
CA PRO A 252 -8.37 28.59 -4.44
C PRO A 252 -9.35 29.31 -5.36
N GLU A 253 -10.28 30.03 -4.75
CA GLU A 253 -11.23 30.87 -5.46
C GLU A 253 -10.69 32.30 -5.50
N GLY A 254 -11.56 33.25 -5.88
CA GLY A 254 -11.12 34.62 -6.00
C GLY A 254 -10.67 35.22 -4.68
N ASP A 255 -11.51 35.10 -3.66
CA ASP A 255 -11.22 35.72 -2.37
C ASP A 255 -10.25 34.90 -1.53
N GLY A 256 -9.39 34.12 -2.19
CA GLY A 256 -8.37 33.35 -1.49
C GLY A 256 -8.91 32.26 -0.59
N LYS A 257 -9.98 31.59 -1.00
CA LYS A 257 -10.59 30.52 -0.22
C LYS A 257 -10.53 29.22 -1.01
N PHE A 258 -10.19 28.14 -0.31
CA PHE A 258 -10.19 26.82 -0.93
C PHE A 258 -11.62 26.31 -1.09
N ALA A 259 -11.88 25.65 -2.22
CA ALA A 259 -13.17 25.03 -2.49
C ALA A 259 -12.96 23.94 -3.52
N ILE A 260 -13.92 23.02 -3.61
CA ILE A 260 -13.83 21.97 -4.62
C ILE A 260 -13.75 22.61 -6.00
N THR A 261 -12.93 22.01 -6.87
CA THR A 261 -12.69 22.58 -8.19
C THR A 261 -13.90 22.38 -9.09
N VAL A 262 -14.27 23.43 -9.80
CA VAL A 262 -15.36 23.41 -10.79
C VAL A 262 -14.74 23.55 -12.17
N SER A 263 -15.15 22.67 -13.09
CA SER A 263 -14.62 22.72 -14.45
C SER A 263 -15.05 24.01 -15.16
N LYS A 264 -14.21 24.45 -16.09
CA LYS A 264 -14.50 25.65 -16.88
C LYS A 264 -15.63 25.42 -17.88
N GLY A 265 -15.94 24.18 -18.20
CA GLY A 265 -16.99 23.92 -19.17
C GLY A 265 -16.52 24.24 -20.57
N GLY A 266 -17.35 24.94 -21.33
CA GLY A 266 -17.05 25.33 -22.70
C GLY A 266 -18.03 24.81 -23.72
N THR A 267 -18.73 23.73 -23.43
CA THR A 267 -19.74 23.16 -24.31
C THR A 267 -21.10 23.22 -23.61
N GLU A 268 -22.14 22.84 -24.35
CA GLU A 268 -23.50 22.88 -23.80
C GLU A 268 -23.64 21.92 -22.62
N SER A 269 -23.17 20.67 -22.78
CA SER A 269 -23.25 19.74 -21.67
C SER A 269 -22.22 20.05 -20.60
N GLY A 270 -21.06 20.56 -20.99
CA GLY A 270 -20.06 20.94 -20.01
C GLY A 270 -20.51 22.10 -19.13
N ASN A 271 -21.23 23.06 -19.71
CA ASN A 271 -21.70 24.20 -18.92
C ASN A 271 -22.77 23.77 -17.92
N LYS A 272 -23.65 22.85 -18.31
CA LYS A 272 -24.62 22.32 -17.37
C LYS A 272 -23.94 21.53 -16.27
N ARG A 273 -22.91 20.75 -16.62
CA ARG A 273 -22.20 19.95 -15.62
C ARG A 273 -21.50 20.85 -14.61
N SER A 274 -20.84 21.91 -15.08
CA SER A 274 -20.19 22.84 -14.16
C SER A 274 -21.19 23.55 -13.27
N ALA A 275 -22.39 23.85 -13.78
CA ALA A 275 -23.39 24.51 -12.96
C ALA A 275 -23.92 23.58 -11.88
N GLU A 276 -24.06 22.29 -12.20
CA GLU A 276 -24.43 21.32 -11.17
C GLU A 276 -23.35 21.20 -10.11
N LYS A 277 -22.09 21.22 -10.52
CA LYS A 277 -20.97 21.15 -9.56
C LYS A 277 -20.91 22.40 -8.68
N GLU A 278 -21.20 23.56 -9.26
CA GLU A 278 -21.28 24.79 -8.45
C GLU A 278 -22.40 24.69 -7.42
N ALA A 279 -23.51 24.03 -7.78
CA ALA A 279 -24.59 23.85 -6.83
C ALA A 279 -24.18 22.95 -5.68
N PHE A 280 -23.42 21.89 -5.95
CA PHE A 280 -22.94 21.04 -4.87
C PHE A 280 -21.90 21.76 -4.02
N LYS A 281 -21.09 22.62 -4.64
CA LYS A 281 -20.15 23.42 -3.86
C LYS A 281 -20.88 24.31 -2.85
N LYS A 282 -22.04 24.85 -3.25
CA LYS A 282 -22.88 25.59 -2.32
C LYS A 282 -23.47 24.67 -1.27
N PHE A 283 -23.81 23.43 -1.64
CA PHE A 283 -24.29 22.46 -0.65
C PHE A 283 -23.25 22.25 0.44
N LEU A 284 -21.98 22.08 0.06
CA LEU A 284 -20.94 21.85 1.06
C LEU A 284 -20.81 23.04 2.00
N SER A 285 -20.96 24.25 1.48
CA SER A 285 -20.91 25.45 2.30
C SER A 285 -22.08 25.52 3.28
N ASP A 286 -23.30 25.30 2.77
CA ASP A 286 -24.49 25.39 3.61
C ASP A 286 -24.57 24.24 4.61
N TYR A 287 -24.09 23.06 4.23
CA TYR A 287 -24.19 21.91 5.14
C TYR A 287 -23.27 22.05 6.35
N ALA A 288 -22.22 22.85 6.26
CA ALA A 288 -21.29 23.04 7.38
C ALA A 288 -21.91 24.04 8.36
N SER A 289 -22.89 23.55 9.11
CA SER A 289 -23.63 24.34 10.07
C SER A 289 -23.65 23.62 11.42
N LEU A 290 -23.24 24.32 12.47
CA LEU A 290 -23.28 23.73 13.81
C LEU A 290 -24.70 23.42 14.26
N ASP A 291 -25.70 24.11 13.71
CA ASP A 291 -27.11 23.81 13.99
C ASP A 291 -27.45 22.49 13.29
N GLU A 292 -27.61 21.43 14.08
CA GLU A 292 -27.84 20.10 13.51
C GLU A 292 -29.19 20.00 12.81
N ARG A 293 -30.16 20.85 13.17
CA ARG A 293 -31.43 20.89 12.48
C ARG A 293 -31.27 21.28 11.02
N VAL A 294 -30.32 22.18 10.73
CA VAL A 294 -30.07 22.57 9.35
C VAL A 294 -29.53 21.38 8.55
N ARG A 295 -28.55 20.67 9.11
CA ARG A 295 -27.99 19.51 8.43
C ARG A 295 -29.03 18.39 8.33
N ASP A 296 -29.84 18.22 9.37
CA ASP A 296 -30.88 17.20 9.35
C ASP A 296 -31.85 17.44 8.20
N ASP A 297 -32.23 18.70 7.98
CA ASP A 297 -33.17 19.01 6.89
C ASP A 297 -32.54 18.78 5.52
N MET A 298 -31.26 19.13 5.37
CA MET A 298 -30.60 18.96 4.08
C MET A 298 -30.41 17.49 3.75
N LEU A 299 -30.04 16.66 4.74
CA LEU A 299 -29.94 15.23 4.50
C LEU A 299 -31.30 14.63 4.15
N ARG A 300 -32.37 15.16 4.72
CA ARG A 300 -33.70 14.64 4.42
C ARG A 300 -34.07 14.89 2.96
N ARG A 301 -33.72 16.07 2.44
CA ARG A 301 -33.99 16.36 1.04
C ARG A 301 -33.16 15.46 0.12
N MET A 302 -31.90 15.20 0.50
CA MET A 302 -31.10 14.25 -0.25
C MET A 302 -31.67 12.84 -0.13
N ARG A 303 -32.21 12.49 1.02
CA ARG A 303 -32.82 11.19 1.20
C ARG A 303 -34.04 11.02 0.32
N ARG A 304 -34.84 12.09 0.18
CA ARG A 304 -36.03 12.01 -0.67
C ARG A 304 -35.66 11.81 -2.13
N LEU A 305 -34.53 12.37 -2.58
CA LEU A 305 -34.07 12.12 -3.94
C LEU A 305 -33.75 10.65 -4.15
N VAL A 306 -33.15 9.99 -3.15
CA VAL A 306 -32.86 8.57 -3.27
C VAL A 306 -34.15 7.76 -3.32
N VAL A 307 -35.10 8.08 -2.45
CA VAL A 307 -36.37 7.35 -2.44
C VAL A 307 -37.11 7.56 -3.76
N LEU A 308 -37.13 8.79 -4.26
CA LEU A 308 -37.75 9.07 -5.55
C LEU A 308 -37.11 8.24 -6.66
N TYR A 309 -35.79 8.19 -6.70
CA TYR A 309 -35.09 7.53 -7.79
C TYR A 309 -35.46 6.05 -7.88
N PHE A 310 -35.51 5.36 -6.74
CA PHE A 310 -35.69 3.91 -6.76
C PHE A 310 -37.13 3.47 -6.52
N TYR A 311 -37.98 4.32 -5.92
CA TYR A 311 -39.31 3.92 -5.53
C TYR A 311 -40.43 4.76 -6.12
N GLY A 312 -40.11 5.77 -6.91
CA GLY A 312 -41.11 6.52 -7.63
C GLY A 312 -41.75 7.63 -6.79
N SER A 313 -42.37 8.57 -7.49
CA SER A 313 -42.91 9.78 -6.87
C SER A 313 -44.08 9.51 -5.93
N ASP A 314 -44.70 8.34 -5.96
CA ASP A 314 -45.84 8.04 -5.12
C ASP A 314 -45.47 7.22 -3.89
N ASP A 315 -44.18 7.11 -3.56
CA ASP A 315 -43.79 6.48 -2.31
C ASP A 315 -44.31 7.29 -1.12
N SER A 316 -44.68 6.57 -0.06
CA SER A 316 -45.36 7.20 1.07
C SER A 316 -44.48 8.23 1.78
N LYS A 317 -43.17 8.11 1.69
CA LYS A 317 -42.27 9.09 2.30
C LYS A 317 -42.15 10.37 1.48
N LEU A 318 -42.75 10.43 0.29
CA LEU A 318 -42.77 11.63 -0.51
C LEU A 318 -44.12 12.33 -0.50
N SER A 319 -45.13 11.74 0.15
CA SER A 319 -46.49 12.30 0.09
C SER A 319 -46.59 13.58 0.91
N ASP A 320 -46.18 13.54 2.17
CA ASP A 320 -46.24 14.71 3.05
C ASP A 320 -44.91 15.45 2.96
N VAL A 321 -44.96 16.65 2.38
CA VAL A 321 -43.73 17.41 2.13
C VAL A 321 -43.07 17.81 3.44
N ASN A 322 -43.84 18.04 4.49
CA ASN A 322 -43.30 18.54 5.76
C ASN A 322 -43.04 17.42 6.77
N GLU A 323 -43.15 16.16 6.36
CA GLU A 323 -42.85 15.06 7.27
C GLU A 323 -41.35 15.00 7.53
N LYS A 324 -40.97 15.11 8.80
CA LYS A 324 -39.57 15.05 9.20
C LYS A 324 -39.18 13.63 9.60
N PHE A 325 -39.28 12.73 8.61
CA PHE A 325 -39.01 11.32 8.88
C PHE A 325 -37.51 11.09 9.10
N ASP A 326 -37.22 10.10 9.94
CA ASP A 326 -35.85 9.74 10.27
C ASP A 326 -35.20 9.09 9.05
N VAL A 327 -34.21 9.76 8.46
CA VAL A 327 -33.57 9.23 7.25
C VAL A 327 -32.86 7.92 7.53
N TRP A 328 -32.35 7.75 8.75
CA TRP A 328 -31.60 6.54 9.06
C TRP A 328 -32.52 5.35 9.31
N GLU A 329 -33.71 5.59 9.88
CA GLU A 329 -34.67 4.50 10.02
C GLU A 329 -35.25 4.10 8.66
N ASP A 330 -35.47 5.07 7.77
CA ASP A 330 -35.88 4.74 6.41
C ASP A 330 -34.80 3.95 5.70
N HIS A 331 -33.54 4.35 5.89
CA HIS A 331 -32.42 3.62 5.32
C HIS A 331 -32.43 2.15 5.76
N ALA A 332 -32.62 1.91 7.06
CA ALA A 332 -32.61 0.53 7.54
C ALA A 332 -33.81 -0.25 7.01
N ALA A 333 -34.96 0.41 6.84
CA ALA A 333 -36.15 -0.29 6.38
C ALA A 333 -36.02 -0.74 4.93
N ARG A 334 -35.54 0.14 4.05
CA ARG A 334 -35.44 -0.22 2.63
C ARG A 334 -34.46 -1.37 2.41
N ARG A 335 -33.40 -1.45 3.22
CA ARG A 335 -32.37 -2.45 3.00
C ARG A 335 -32.92 -3.87 3.02
N VAL A 336 -33.93 -4.13 3.86
CA VAL A 336 -34.51 -5.46 3.98
C VAL A 336 -35.76 -5.62 3.13
N ASP A 337 -36.02 -4.68 2.23
CA ASP A 337 -37.13 -4.83 1.29
C ASP A 337 -36.79 -5.90 0.24
N ASN A 338 -37.77 -6.75 -0.04
CA ASN A 338 -37.59 -7.86 -0.98
C ASN A 338 -37.86 -7.47 -2.42
N ARG A 339 -38.20 -6.22 -2.70
CA ARG A 339 -38.53 -5.79 -4.05
C ARG A 339 -37.33 -5.97 -4.99
N GLU A 340 -37.62 -6.43 -6.20
CA GLU A 340 -36.60 -6.75 -7.18
C GLU A 340 -36.41 -5.58 -8.14
N PHE A 341 -35.16 -5.13 -8.30
CA PHE A 341 -34.85 -4.05 -9.21
C PHE A 341 -34.96 -4.52 -10.65
N ILE A 342 -34.41 -5.69 -10.95
CA ILE A 342 -34.57 -6.36 -12.23
C ILE A 342 -34.90 -7.82 -11.94
N LYS A 343 -35.42 -8.51 -12.95
CA LYS A 343 -35.65 -9.94 -12.85
C LYS A 343 -34.46 -10.66 -13.48
N LEU A 344 -33.81 -11.50 -12.70
CA LEU A 344 -32.65 -12.18 -13.23
C LEU A 344 -33.09 -13.35 -14.11
N PRO A 345 -32.40 -13.58 -15.23
CA PRO A 345 -32.68 -14.78 -16.02
C PRO A 345 -32.34 -16.03 -15.22
N LEU A 346 -32.98 -17.14 -15.58
CA LEU A 346 -32.70 -18.39 -14.89
C LEU A 346 -31.26 -18.83 -15.18
N GLU A 347 -30.74 -19.66 -14.28
CA GLU A 347 -29.35 -20.09 -14.36
C GLU A 347 -29.13 -21.02 -15.55
N ASN A 348 -27.86 -21.26 -15.86
CA ASN A 348 -27.48 -22.10 -16.99
C ASN A 348 -27.39 -23.56 -16.55
N LYS A 349 -27.47 -24.44 -17.54
CA LYS A 349 -27.42 -25.89 -17.29
C LYS A 349 -26.01 -26.36 -17.01
N THR A 355 -19.17 -25.85 -14.99
CA THR A 355 -19.97 -24.72 -15.43
C THR A 355 -19.58 -24.27 -16.84
N ASP A 356 -20.58 -23.92 -17.65
CA ASP A 356 -20.36 -23.41 -19.00
C ASP A 356 -19.99 -21.94 -18.89
N LYS A 357 -18.69 -21.67 -18.85
CA LYS A 357 -18.21 -20.31 -18.58
C LYS A 357 -18.58 -19.35 -19.71
N ASP A 358 -18.59 -19.83 -20.96
CA ASP A 358 -19.06 -18.99 -22.06
C ASP A 358 -20.52 -18.61 -21.88
N ALA A 359 -21.34 -19.57 -21.43
CA ALA A 359 -22.75 -19.28 -21.19
C ALA A 359 -22.93 -18.30 -20.03
N GLU A 360 -22.06 -18.37 -19.02
CA GLU A 360 -22.18 -17.47 -17.88
C GLU A 360 -21.79 -16.04 -18.26
N ARG A 361 -20.83 -15.88 -19.16
CA ARG A 361 -20.45 -14.54 -19.60
C ARG A 361 -21.57 -13.90 -20.41
N ILE A 362 -22.24 -14.68 -21.26
CA ILE A 362 -23.41 -14.18 -21.97
C ILE A 362 -24.49 -13.76 -20.99
N ARG A 363 -24.76 -14.61 -19.98
CA ARG A 363 -25.79 -14.29 -18.99
C ARG A 363 -25.41 -13.05 -18.18
N LYS A 364 -24.14 -12.91 -17.83
CA LYS A 364 -23.70 -11.74 -17.09
C LYS A 364 -23.83 -10.47 -17.93
N ASN A 365 -23.55 -10.56 -19.22
CA ASN A 365 -23.73 -9.40 -20.10
C ASN A 365 -25.20 -9.02 -20.21
N THR A 366 -26.07 -10.02 -20.31
CA THR A 366 -27.51 -9.76 -20.32
C THR A 366 -27.96 -9.11 -19.00
N VAL A 367 -27.40 -9.56 -17.89
CA VAL A 367 -27.77 -8.98 -16.60
C VAL A 367 -27.31 -7.53 -16.52
N LYS A 368 -26.11 -7.23 -17.04
CA LYS A 368 -25.63 -5.85 -17.03
C LYS A 368 -26.53 -4.94 -17.86
N GLU A 369 -27.02 -5.44 -19.00
CA GLU A 369 -27.91 -4.62 -19.81
C GLU A 369 -29.25 -4.42 -19.13
N LEU A 370 -29.74 -5.43 -18.41
CA LEU A 370 -30.98 -5.26 -17.64
C LEU A 370 -30.82 -4.17 -16.59
N TYR A 371 -29.69 -4.16 -15.88
CA TYR A 371 -29.39 -3.09 -14.94
C TYR A 371 -29.40 -1.73 -15.63
N ARG A 372 -28.69 -1.63 -16.76
CA ARG A 372 -28.55 -0.34 -17.44
C ARG A 372 -29.90 0.18 -17.91
N ASN A 373 -30.74 -0.69 -18.48
CA ASN A 373 -32.05 -0.25 -18.95
C ASN A 373 -32.92 0.23 -17.79
N GLN A 374 -32.93 -0.50 -16.68
CA GLN A 374 -33.72 -0.08 -15.53
C GLN A 374 -33.14 1.19 -14.91
N ASN A 375 -31.81 1.30 -14.86
CA ASN A 375 -31.19 2.52 -14.34
C ASN A 375 -31.55 3.73 -15.20
N ILE A 376 -31.56 3.56 -16.52
CA ILE A 376 -31.98 4.64 -17.40
C ILE A 376 -33.43 5.03 -17.12
N GLY A 377 -34.30 4.03 -16.96
CA GLY A 377 -35.69 4.33 -16.64
C GLY A 377 -35.84 5.11 -15.34
N CYS A 378 -35.14 4.67 -14.29
CA CYS A 378 -35.21 5.37 -13.01
C CYS A 378 -34.72 6.81 -13.14
N TYR A 379 -33.66 7.03 -13.92
CA TYR A 379 -33.11 8.37 -14.08
C TYR A 379 -34.11 9.31 -14.73
N ARG A 380 -34.68 8.89 -15.87
CA ARG A 380 -35.59 9.76 -16.59
C ARG A 380 -36.84 10.05 -15.76
N GLN A 381 -37.31 9.07 -15.00
CA GLN A 381 -38.45 9.29 -14.11
C GLN A 381 -38.11 10.28 -13.01
N ALA A 382 -36.92 10.17 -12.42
CA ALA A 382 -36.54 11.07 -11.33
C ALA A 382 -36.36 12.50 -11.83
N VAL A 383 -35.73 12.67 -13.00
CA VAL A 383 -35.58 13.99 -13.58
C VAL A 383 -36.95 14.63 -13.80
N LYS A 384 -37.91 13.86 -14.32
CA LYS A 384 -39.25 14.39 -14.55
C LYS A 384 -39.93 14.76 -13.24
N ALA A 385 -39.86 13.88 -12.23
CA ALA A 385 -40.56 14.13 -10.99
C ALA A 385 -39.92 15.26 -10.18
N VAL A 386 -38.60 15.44 -10.30
CA VAL A 386 -37.95 16.56 -9.63
C VAL A 386 -38.41 17.88 -10.23
N GLU A 387 -38.58 17.92 -11.55
CA GLU A 387 -39.06 19.12 -12.23
C GLU A 387 -40.53 19.40 -11.98
N GLU A 388 -41.32 18.37 -11.68
CA GLU A 388 -42.77 18.50 -11.65
C GLU A 388 -43.37 18.49 -10.25
N ASP A 389 -42.80 17.75 -9.30
CA ASP A 389 -43.40 17.57 -7.98
C ASP A 389 -42.38 17.77 -6.88
N ASN A 390 -41.68 18.90 -6.92
CA ASN A 390 -40.77 19.26 -5.85
C ASN A 390 -41.56 19.88 -4.70
N ASN A 391 -41.72 21.21 -4.73
CA ASN A 391 -42.53 21.94 -3.77
C ASN A 391 -42.07 21.70 -2.33
N GLY A 392 -40.74 21.69 -2.12
CA GLY A 392 -40.16 21.53 -0.81
C GLY A 392 -39.70 20.12 -0.47
N ARG A 393 -40.03 19.13 -1.30
CA ARG A 393 -39.57 17.77 -1.06
C ARG A 393 -38.06 17.67 -1.20
N TYR A 394 -37.50 18.29 -2.23
CA TYR A 394 -36.09 18.20 -2.55
C TYR A 394 -35.45 19.58 -2.33
N PHE A 395 -34.31 19.82 -2.97
CA PHE A 395 -33.63 21.09 -2.79
C PHE A 395 -34.26 22.16 -3.66
N ASP A 396 -34.20 23.41 -3.17
CA ASP A 396 -34.72 24.54 -3.95
C ASP A 396 -33.95 24.71 -5.24
N ASP A 397 -32.64 24.44 -5.22
CA ASP A 397 -31.79 24.61 -6.39
C ASP A 397 -31.94 23.39 -7.29
N LYS A 398 -32.53 23.60 -8.48
CA LYS A 398 -32.76 22.47 -9.39
C LYS A 398 -31.45 21.85 -9.84
N MET A 399 -30.41 22.66 -10.02
CA MET A 399 -29.10 22.12 -10.41
C MET A 399 -28.49 21.26 -9.31
N LEU A 400 -28.86 21.49 -8.05
CA LEU A 400 -28.37 20.62 -6.98
C LEU A 400 -29.09 19.28 -7.01
N ASN A 401 -30.40 19.29 -7.26
CA ASN A 401 -31.14 18.04 -7.44
C ASN A 401 -30.58 17.25 -8.62
N MET A 402 -30.28 17.93 -9.72
CA MET A 402 -29.72 17.23 -10.88
C MET A 402 -28.34 16.65 -10.57
N PHE A 403 -27.52 17.39 -9.81
CA PHE A 403 -26.20 16.87 -9.45
C PHE A 403 -26.32 15.55 -8.68
N PHE A 404 -27.24 15.51 -7.71
CA PHE A 404 -27.43 14.29 -6.93
C PHE A 404 -28.02 13.18 -7.79
N ILE A 405 -28.94 13.51 -8.70
CA ILE A 405 -29.52 12.48 -9.55
C ILE A 405 -28.45 11.87 -10.46
N HIS A 406 -27.53 12.71 -10.95
CA HIS A 406 -26.41 12.19 -11.72
C HIS A 406 -25.49 11.34 -10.86
N ARG A 407 -25.26 11.73 -9.60
CA ARG A 407 -24.48 10.89 -8.70
C ARG A 407 -25.16 9.55 -8.48
N ILE A 408 -26.49 9.54 -8.33
CA ILE A 408 -27.21 8.29 -8.07
C ILE A 408 -27.09 7.35 -9.26
N GLU A 409 -27.33 7.86 -10.47
CA GLU A 409 -27.23 7.03 -11.67
C GLU A 409 -25.82 6.49 -11.83
N TYR A 410 -24.81 7.33 -11.56
CA TYR A 410 -23.42 6.90 -11.60
C TYR A 410 -23.14 5.82 -10.56
N GLY A 411 -23.75 5.96 -9.37
CA GLY A 411 -23.54 4.97 -8.33
C GLY A 411 -24.10 3.61 -8.68
N VAL A 412 -25.27 3.59 -9.34
CA VAL A 412 -25.83 2.33 -9.80
C VAL A 412 -24.92 1.69 -10.84
N GLU A 413 -24.37 2.52 -11.74
CA GLU A 413 -23.45 2.00 -12.75
C GLU A 413 -22.19 1.42 -12.13
N LYS A 414 -21.69 2.05 -11.06
CA LYS A 414 -20.50 1.52 -10.38
C LYS A 414 -20.74 0.11 -9.86
N ILE A 415 -21.98 -0.21 -9.50
CA ILE A 415 -22.27 -1.53 -8.94
C ILE A 415 -22.31 -2.60 -10.03
N TYR A 416 -22.99 -2.34 -11.15
CA TYR A 416 -23.17 -3.41 -12.14
C TYR A 416 -22.09 -3.44 -13.21
N ALA A 417 -21.39 -2.32 -13.46
CA ALA A 417 -20.41 -2.30 -14.54
C ALA A 417 -19.25 -3.27 -14.31
N ASN A 418 -18.89 -3.51 -13.06
CA ASN A 418 -17.86 -4.49 -12.72
C ASN A 418 -18.44 -5.61 -11.87
N LEU A 419 -19.65 -6.03 -12.21
CA LEU A 419 -20.28 -7.15 -11.52
C LEU A 419 -19.43 -8.41 -11.71
N LYS A 420 -19.05 -9.02 -10.59
CA LYS A 420 -18.21 -10.23 -10.67
C LYS A 420 -19.05 -11.47 -10.89
N GLN A 421 -20.21 -11.55 -10.24
CA GLN A 421 -21.10 -12.68 -10.43
C GLN A 421 -22.53 -12.22 -10.17
N VAL A 422 -23.46 -12.72 -10.97
CA VAL A 422 -24.87 -12.41 -10.81
C VAL A 422 -25.37 -13.04 -9.52
N THR A 423 -25.92 -12.21 -8.63
CA THR A 423 -26.48 -12.68 -7.36
C THR A 423 -27.83 -12.04 -7.14
N GLU A 424 -28.69 -12.73 -6.39
CA GLU A 424 -30.03 -12.20 -6.14
C GLU A 424 -29.99 -10.98 -5.22
N PHE A 425 -29.13 -10.99 -4.21
CA PHE A 425 -29.13 -9.88 -3.26
C PHE A 425 -28.73 -8.57 -3.94
N LYS A 426 -27.84 -8.63 -4.92
CA LYS A 426 -27.41 -7.44 -5.63
C LYS A 426 -28.45 -6.94 -6.63
N ALA A 427 -29.50 -7.72 -6.88
CA ALA A 427 -30.61 -7.31 -7.74
C ALA A 427 -31.79 -6.77 -6.94
N ARG A 428 -31.67 -6.65 -5.62
CA ARG A 428 -32.75 -6.13 -4.79
C ARG A 428 -32.72 -4.60 -4.78
N THR A 429 -33.90 -3.98 -4.96
CA THR A 429 -33.97 -2.53 -4.99
C THR A 429 -33.46 -1.92 -3.69
N GLY A 430 -33.73 -2.59 -2.56
CA GLY A 430 -33.29 -2.06 -1.28
C GLY A 430 -31.79 -2.14 -1.07
N TYR A 431 -31.15 -3.18 -1.64
CA TYR A 431 -29.69 -3.21 -1.63
C TYR A 431 -29.13 -2.02 -2.40
N LEU A 432 -29.69 -1.72 -3.57
CA LEU A 432 -29.15 -0.67 -4.42
C LEU A 432 -29.44 0.72 -3.87
N SER A 433 -30.65 0.95 -3.36
CA SER A 433 -30.99 2.27 -2.85
C SER A 433 -30.10 2.64 -1.67
N GLU A 434 -29.77 1.66 -0.82
CA GLU A 434 -28.97 1.94 0.36
C GLU A 434 -27.48 1.98 0.05
N LYS A 435 -27.01 1.22 -0.93
CA LYS A 435 -25.64 1.43 -1.40
C LYS A 435 -25.48 2.83 -1.98
N ILE A 436 -26.49 3.31 -2.70
CA ILE A 436 -26.42 4.66 -3.27
C ILE A 436 -26.49 5.72 -2.18
N TRP A 437 -27.30 5.46 -1.15
CA TRP A 437 -27.39 6.38 -0.02
C TRP A 437 -26.03 6.56 0.65
N LYS A 438 -25.37 5.45 0.99
CA LYS A 438 -24.02 5.55 1.54
C LYS A 438 -23.03 6.13 0.54
N ASP A 439 -23.27 5.90 -0.76
CA ASP A 439 -22.42 6.45 -1.82
C ASP A 439 -22.50 7.97 -1.87
N LEU A 440 -23.71 8.52 -1.69
CA LEU A 440 -23.85 9.98 -1.66
C LEU A 440 -23.20 10.57 -0.42
N ILE A 441 -23.35 9.90 0.71
CA ILE A 441 -22.69 10.34 1.94
C ILE A 441 -21.18 10.22 1.79
N ASN A 442 -20.71 9.14 1.16
CA ASN A 442 -19.29 9.00 0.87
C ASN A 442 -18.76 10.19 0.11
N TYR A 443 -19.48 10.64 -0.92
CA TYR A 443 -19.03 11.76 -1.73
C TYR A 443 -18.91 13.03 -0.92
N ILE A 444 -19.87 13.28 -0.02
CA ILE A 444 -19.76 14.44 0.87
C ILE A 444 -18.56 14.28 1.79
N SER A 445 -18.35 13.07 2.31
CA SER A 445 -17.23 12.84 3.22
C SER A 445 -15.89 13.14 2.54
N ILE A 446 -15.67 12.59 1.34
CA ILE A 446 -14.38 12.73 0.71
C ILE A 446 -14.12 14.17 0.26
N LYS A 447 -15.17 14.96 -0.01
CA LYS A 447 -14.97 16.35 -0.39
C LYS A 447 -14.58 17.21 0.81
N TYR A 448 -15.18 16.98 1.98
CA TYR A 448 -14.74 17.70 3.16
C TYR A 448 -13.30 17.32 3.52
N ILE A 449 -12.97 16.04 3.39
CA ILE A 449 -11.59 15.60 3.64
C ILE A 449 -10.64 16.24 2.63
N ALA A 450 -11.05 16.32 1.36
CA ALA A 450 -10.21 16.95 0.34
C ALA A 450 -10.00 18.43 0.63
N MET A 451 -11.04 19.11 1.11
CA MET A 451 -10.89 20.50 1.54
C MET A 451 -9.92 20.61 2.71
N GLY A 452 -10.07 19.72 3.70
CA GLY A 452 -9.17 19.76 4.84
C GLY A 452 -7.73 19.47 4.48
N LYS A 453 -7.51 18.61 3.49
CA LYS A 453 -6.16 18.33 3.00
C LYS A 453 -5.50 19.58 2.46
N ALA A 454 -6.22 20.37 1.67
CA ALA A 454 -5.65 21.60 1.13
C ALA A 454 -5.43 22.62 2.24
N VAL A 455 -6.38 22.74 3.17
CA VAL A 455 -6.25 23.71 4.25
C VAL A 455 -5.06 23.35 5.15
N TYR A 456 -4.96 22.08 5.53
CA TYR A 456 -3.91 21.66 6.46
C TYR A 456 -2.52 21.90 5.87
N ASN A 457 -2.33 21.58 4.59
CA ASN A 457 -1.00 21.66 4.01
C ASN A 457 -0.64 23.06 3.53
N TYR A 458 -1.63 23.87 3.16
CA TYR A 458 -1.36 25.13 2.49
C TYR A 458 -1.96 26.37 3.16
N ALA A 459 -2.79 26.22 4.20
CA ALA A 459 -3.42 27.38 4.82
C ALA A 459 -3.28 27.38 6.34
N MET A 460 -2.25 26.72 6.87
CA MET A 460 -2.02 26.65 8.32
C MET A 460 -0.57 26.96 8.65
N ASP A 461 0.04 27.87 7.89
CA ASP A 461 1.48 28.13 7.99
C ASP A 461 1.87 28.56 9.39
N GLU A 462 1.05 29.38 10.04
CA GLU A 462 1.41 29.93 11.35
C GLU A 462 1.26 28.92 12.48
N LEU A 463 0.99 27.65 12.16
CA LEU A 463 1.16 26.59 13.16
C LEU A 463 2.64 26.40 13.50
N ASN A 464 3.54 26.72 12.57
CA ASN A 464 4.95 26.59 12.82
C ASN A 464 5.36 27.43 14.02
N ALA A 465 6.14 26.84 14.92
CA ALA A 465 6.53 27.51 16.16
C ALA A 465 7.13 28.88 15.86
N SER A 466 6.63 29.89 16.56
CA SER A 466 7.05 31.27 16.31
C SER A 466 6.93 32.06 17.60
N ASP A 467 7.50 33.26 17.59
CA ASP A 467 7.35 34.21 18.67
C ASP A 467 6.14 35.12 18.50
N LYS A 468 5.34 34.89 17.46
CA LYS A 468 4.20 35.77 17.19
C LYS A 468 3.15 35.64 18.29
N LYS A 469 2.77 36.77 18.86
CA LYS A 469 1.72 36.81 19.88
C LYS A 469 0.32 36.83 19.26
N GLU A 470 0.22 37.06 17.95
CA GLU A 470 -1.06 36.97 17.24
C GLU A 470 -0.82 36.24 15.93
N ILE A 471 -1.56 35.15 15.71
CA ILE A 471 -1.45 34.36 14.49
C ILE A 471 -2.84 34.21 13.87
N GLU A 472 -2.85 33.88 12.58
CA GLU A 472 -4.08 33.70 11.82
C GLU A 472 -4.01 32.39 11.07
N LEU A 473 -4.97 31.51 11.34
CA LEU A 473 -5.06 30.21 10.69
C LEU A 473 -6.18 30.22 9.65
N GLY A 474 -5.99 29.42 8.61
CA GLY A 474 -6.98 29.33 7.54
C GLY A 474 -6.80 30.33 6.42
N LYS A 475 -5.66 31.02 6.36
CA LYS A 475 -5.32 31.87 5.23
C LYS A 475 -4.31 31.15 4.35
N ILE A 476 -4.53 31.21 3.03
CA ILE A 476 -3.69 30.47 2.10
C ILE A 476 -2.30 31.09 2.04
N SER A 477 -1.28 30.24 2.16
CA SER A 477 0.11 30.70 2.03
C SER A 477 0.32 31.33 0.66
N GLU A 478 1.28 32.26 0.60
CA GLU A 478 1.49 33.06 -0.60
C GLU A 478 1.84 32.19 -1.81
N GLU A 479 2.67 31.17 -1.61
CA GLU A 479 3.11 30.33 -2.73
C GLU A 479 1.98 29.52 -3.35
N TYR A 480 0.82 29.46 -2.71
CA TYR A 480 -0.29 28.63 -3.18
C TYR A 480 -1.54 29.41 -3.52
N LEU A 481 -1.51 30.75 -3.42
CA LEU A 481 -2.67 31.54 -3.80
C LEU A 481 -2.98 31.42 -5.28
N SER A 482 -1.97 31.12 -6.09
CA SER A 482 -2.15 30.93 -7.52
C SER A 482 -2.58 29.52 -7.89
N GLY A 483 -2.71 28.62 -6.92
CA GLY A 483 -3.27 27.30 -7.15
C GLY A 483 -2.30 26.19 -6.84
N ILE A 484 -2.83 24.97 -6.89
CA ILE A 484 -2.14 23.75 -6.51
C ILE A 484 -1.83 22.94 -7.76
N SER A 485 -0.61 22.43 -7.86
CA SER A 485 -0.21 21.57 -8.96
C SER A 485 -0.27 20.11 -8.53
N SER A 486 -0.21 19.21 -9.52
CA SER A 486 -0.18 17.79 -9.19
C SER A 486 1.13 17.42 -8.50
N PHE A 487 2.25 18.02 -8.92
CA PHE A 487 3.52 17.79 -8.24
C PHE A 487 3.44 18.14 -6.76
N ASP A 488 2.68 19.20 -6.41
CA ASP A 488 2.47 19.54 -5.01
C ASP A 488 1.87 18.37 -4.24
N TYR A 489 0.89 17.68 -4.82
CA TYR A 489 0.25 16.58 -4.11
C TYR A 489 1.11 15.32 -4.11
N GLU A 490 1.98 15.15 -5.12
CA GLU A 490 2.93 14.05 -5.04
C GLU A 490 3.86 14.22 -3.85
N LEU A 491 4.30 15.46 -3.59
CA LEU A 491 5.15 15.72 -2.43
C LEU A 491 4.42 15.42 -1.12
N ILE A 492 3.15 15.83 -1.03
CA ILE A 492 2.35 15.53 0.15
C ILE A 492 2.27 14.03 0.38
N LYS A 493 2.02 13.26 -0.70
CA LYS A 493 1.92 11.83 -0.56
C LYS A 493 3.21 11.23 -0.02
N ALA A 494 4.35 11.67 -0.56
CA ALA A 494 5.63 11.18 -0.08
C ALA A 494 5.77 11.40 1.42
N GLU A 495 5.49 12.62 1.89
CA GLU A 495 5.64 12.93 3.30
C GLU A 495 4.64 12.16 4.16
N GLU A 496 3.38 12.09 3.71
CA GLU A 496 2.36 11.39 4.49
C GLU A 496 2.63 9.89 4.53
N MET A 497 3.16 9.32 3.45
CA MET A 497 3.53 7.90 3.48
C MET A 497 4.58 7.62 4.54
N LEU A 498 5.68 8.39 4.53
CA LEU A 498 6.74 8.17 5.50
C LEU A 498 6.26 8.42 6.92
N GLN A 499 5.45 9.47 7.11
CA GLN A 499 4.90 9.77 8.43
C GLN A 499 4.07 8.59 8.95
N ARG A 500 3.22 8.02 8.09
CA ARG A 500 2.40 6.89 8.50
C ARG A 500 3.24 5.65 8.75
N GLU A 501 4.19 5.37 7.86
CA GLU A 501 5.09 4.23 8.06
C GLU A 501 5.87 4.38 9.36
N THR A 502 6.34 5.59 9.66
CA THR A 502 7.09 5.81 10.89
C THR A 502 6.21 5.65 12.12
N ALA A 503 4.93 6.02 12.03
CA ALA A 503 4.02 5.84 13.15
C ALA A 503 3.86 4.37 13.53
N VAL A 504 3.98 3.48 12.55
CA VAL A 504 3.88 2.04 12.83
C VAL A 504 5.05 1.58 13.68
N TYR A 505 6.26 2.03 13.32
CA TYR A 505 7.45 1.58 14.05
C TYR A 505 7.57 2.24 15.42
N VAL A 506 7.02 3.45 15.58
CA VAL A 506 6.94 4.04 16.92
C VAL A 506 6.13 3.13 17.84
N ALA A 507 5.01 2.60 17.34
CA ALA A 507 4.19 1.70 18.14
C ALA A 507 4.93 0.39 18.44
N PHE A 508 5.66 -0.16 17.47
CA PHE A 508 6.38 -1.40 17.69
C PHE A 508 7.55 -1.20 18.66
N ALA A 509 8.27 -0.08 18.54
CA ALA A 509 9.36 0.21 19.47
C ALA A 509 8.83 0.29 20.90
N ALA A 510 7.69 0.96 21.08
CA ALA A 510 7.08 1.05 22.40
C ALA A 510 6.67 -0.32 22.92
N ARG A 511 6.11 -1.16 22.05
CA ARG A 511 5.72 -2.50 22.45
C ARG A 511 6.92 -3.31 22.92
N HIS A 512 8.00 -3.30 22.15
CA HIS A 512 9.16 -4.11 22.49
C HIS A 512 9.80 -3.65 23.79
N LEU A 513 9.90 -2.35 24.01
CA LEU A 513 10.46 -1.84 25.27
C LEU A 513 9.59 -2.22 26.44
N SER A 514 8.27 -2.21 26.27
CA SER A 514 7.37 -2.53 27.37
C SER A 514 7.28 -4.03 27.65
N SER A 515 7.60 -4.86 26.66
CA SER A 515 7.26 -6.28 26.75
C SER A 515 7.95 -6.96 27.93
N GLN A 516 9.18 -6.56 28.24
CA GLN A 516 9.95 -7.19 29.30
C GLN A 516 10.15 -6.30 30.53
N THR A 517 9.71 -5.04 30.48
CA THR A 517 9.90 -4.12 31.60
C THR A 517 8.64 -3.92 32.43
N VAL A 518 7.46 -3.94 31.82
CA VAL A 518 6.23 -3.65 32.53
C VAL A 518 5.18 -4.70 32.18
N GLU A 519 4.19 -4.82 33.06
CA GLU A 519 2.99 -5.62 32.80
C GLU A 519 1.80 -4.69 32.92
N LEU A 520 1.17 -4.40 31.79
CA LEU A 520 0.07 -3.45 31.75
C LEU A 520 -1.25 -4.14 32.09
N ASP A 521 -2.29 -3.34 32.31
CA ASP A 521 -3.64 -3.85 32.49
C ASP A 521 -4.56 -3.16 31.48
N SER A 522 -5.85 -3.55 31.52
CA SER A 522 -6.79 -3.02 30.55
C SER A 522 -7.01 -1.52 30.71
N GLU A 523 -6.93 -1.01 31.94
CA GLU A 523 -7.13 0.43 32.14
C GLU A 523 -5.87 1.24 31.88
N ASN A 524 -4.69 0.62 31.91
CA ASN A 524 -3.42 1.29 31.65
C ASN A 524 -2.68 0.48 30.59
N SER A 525 -3.21 0.47 29.38
CA SER A 525 -2.72 -0.41 28.33
C SER A 525 -1.78 0.27 27.34
N ASP A 526 -1.54 1.57 27.47
CA ASP A 526 -0.61 2.29 26.60
C ASP A 526 0.65 2.60 27.39
N PHE A 527 1.73 1.87 27.06
CA PHE A 527 2.99 2.03 27.78
C PHE A 527 3.53 3.45 27.70
N LEU A 528 3.36 4.10 26.55
CA LEU A 528 3.89 5.45 26.36
C LEU A 528 3.18 6.49 27.23
N LEU A 529 1.99 6.20 27.72
CA LEU A 529 1.25 7.15 28.54
C LEU A 529 1.45 6.92 30.04
N LEU A 530 2.32 6.01 30.44
CA LEU A 530 2.64 5.86 31.85
C LEU A 530 3.41 7.09 32.34
N LYS A 531 3.26 7.40 33.62
CA LYS A 531 3.79 8.63 34.19
C LYS A 531 5.06 8.36 34.99
N PRO A 532 5.91 9.37 35.18
CA PRO A 532 7.15 9.17 35.92
C PRO A 532 6.91 8.71 37.35
N LYS A 533 7.98 8.18 37.97
CA LYS A 533 7.86 7.52 39.26
C LYS A 533 7.39 8.45 40.37
N GLY A 534 7.49 9.76 40.19
CA GLY A 534 7.07 10.71 41.19
C GLY A 534 5.65 11.24 41.04
N THR A 535 4.85 10.66 40.15
CA THR A 535 3.51 11.17 39.88
C THR A 535 2.53 10.64 40.94
N MET A 536 1.84 11.56 41.60
CA MET A 536 0.90 11.21 42.67
C MET A 536 -0.53 11.39 42.19
N ASP A 537 -1.44 10.74 42.90
CA ASP A 537 -2.87 10.83 42.58
C ASP A 537 -3.37 12.25 42.82
N LYS A 538 -4.20 12.74 41.90
CA LYS A 538 -4.62 14.14 41.94
C LYS A 538 -5.60 14.42 43.07
N ASN A 539 -6.42 13.43 43.44
CA ASN A 539 -7.41 13.62 44.48
C ASN A 539 -6.94 13.14 45.85
N ASP A 540 -5.92 12.30 45.91
CA ASP A 540 -5.27 11.92 47.17
C ASP A 540 -3.77 11.92 46.90
N LYS A 541 -3.12 13.04 47.22
CA LYS A 541 -1.69 13.19 46.98
C LYS A 541 -0.85 12.24 47.82
N ASN A 542 -1.46 11.50 48.76
CA ASN A 542 -0.74 10.50 49.51
C ASN A 542 -0.46 9.24 48.70
N LYS A 543 -1.24 8.98 47.67
CA LYS A 543 -1.12 7.77 46.87
C LYS A 543 -0.46 8.07 45.53
N LEU A 544 0.25 7.09 45.00
CA LEU A 544 0.76 7.20 43.64
C LEU A 544 -0.40 7.30 42.66
N ALA A 545 -0.16 7.95 41.53
CA ALA A 545 -1.15 7.95 40.47
C ALA A 545 -1.37 6.52 39.96
N SER A 546 -2.58 6.26 39.47
CA SER A 546 -2.88 4.93 38.96
C SER A 546 -1.99 4.58 37.77
N ASN A 547 -1.58 5.57 36.99
CA ASN A 547 -0.73 5.36 35.82
C ASN A 547 0.75 5.63 36.11
N ASN A 548 1.13 5.67 37.39
CA ASN A 548 2.54 5.78 37.75
C ASN A 548 3.28 4.52 37.32
N ILE A 549 4.45 4.71 36.70
CA ILE A 549 5.18 3.59 36.12
C ILE A 549 5.59 2.57 37.17
N LEU A 550 5.70 2.98 38.44
CA LEU A 550 6.09 2.05 39.50
C LEU A 550 5.07 0.93 39.67
N ASN A 551 3.79 1.21 39.39
CA ASN A 551 2.74 0.21 39.57
C ASN A 551 2.82 -0.95 38.59
N PHE A 552 3.65 -0.86 37.55
CA PHE A 552 3.62 -1.83 36.48
C PHE A 552 4.97 -2.52 36.23
N LEU A 553 6.02 -2.13 36.94
CA LEU A 553 7.34 -2.73 36.72
C LEU A 553 7.32 -4.21 37.05
N LYS A 554 7.90 -5.03 36.16
CA LYS A 554 7.95 -6.46 36.36
C LYS A 554 9.06 -6.87 37.34
N ASP A 555 10.15 -6.12 37.37
CA ASP A 555 11.30 -6.46 38.21
C ASP A 555 12.28 -5.29 38.25
N LYS A 556 12.12 -4.41 39.25
CA LYS A 556 12.90 -3.18 39.29
C LYS A 556 14.39 -3.46 39.48
N GLU A 557 14.75 -4.54 40.18
CA GLU A 557 16.15 -4.79 40.49
C GLU A 557 16.94 -5.33 39.31
N THR A 558 16.26 -5.84 38.27
CA THR A 558 16.92 -6.25 37.04
C THR A 558 16.55 -5.36 35.87
N LEU A 559 16.00 -4.18 36.14
CA LEU A 559 15.45 -3.33 35.09
C LEU A 559 16.54 -2.85 34.12
N ARG A 560 17.71 -2.46 34.63
CA ARG A 560 18.76 -1.96 33.74
C ARG A 560 19.25 -3.06 32.82
N ASP A 561 19.50 -4.26 33.37
CA ASP A 561 19.95 -5.37 32.55
C ASP A 561 18.87 -5.81 31.55
N THR A 562 17.59 -5.68 31.92
CA THR A 562 16.52 -6.02 30.99
C THR A 562 16.48 -5.05 29.82
N ILE A 563 16.68 -3.76 30.09
CA ILE A 563 16.71 -2.76 29.03
C ILE A 563 17.90 -2.99 28.11
N LEU A 564 19.07 -3.26 28.69
CA LEU A 564 20.29 -3.44 27.90
C LEU A 564 20.26 -4.70 27.04
N GLN A 565 19.28 -5.60 27.24
CA GLN A 565 19.08 -6.68 26.28
C GLN A 565 18.86 -6.11 24.89
N TYR A 566 18.14 -4.99 24.80
CA TYR A 566 17.87 -4.36 23.51
C TYR A 566 19.02 -3.50 23.01
N PHE A 567 20.06 -3.32 23.84
CA PHE A 567 21.29 -2.67 23.43
C PHE A 567 22.45 -3.66 23.34
N GLY A 568 22.13 -4.92 23.01
CA GLY A 568 23.14 -5.95 22.76
C GLY A 568 23.51 -6.79 23.96
N GLY A 569 22.95 -6.54 25.13
CA GLY A 569 23.31 -7.29 26.32
C GLY A 569 24.13 -6.42 27.27
N HIS A 570 23.85 -6.54 28.57
CA HIS A 570 24.48 -5.65 29.53
C HIS A 570 25.99 -5.89 29.64
N SER A 571 26.47 -7.06 29.21
CA SER A 571 27.90 -7.34 29.25
C SER A 571 28.70 -6.39 28.38
N LEU A 572 28.07 -5.75 27.39
CA LEU A 572 28.73 -4.80 26.52
C LEU A 572 28.74 -3.39 27.10
N TRP A 573 28.22 -3.19 28.31
CA TRP A 573 28.09 -1.87 28.91
C TRP A 573 28.76 -1.79 30.28
N THR A 574 29.66 -2.73 30.59
CA THR A 574 30.32 -2.72 31.89
C THR A 574 31.26 -1.53 32.06
N ASP A 575 31.66 -0.89 30.97
CA ASP A 575 32.53 0.29 31.01
C ASP A 575 31.77 1.59 30.91
N PHE A 576 30.44 1.55 30.79
CA PHE A 576 29.66 2.76 30.55
C PHE A 576 29.29 3.41 31.89
N PRO A 577 29.57 4.70 32.06
CA PRO A 577 29.26 5.39 33.33
C PRO A 577 27.79 5.79 33.46
N PHE A 578 26.95 4.79 33.78
CA PHE A 578 25.53 5.05 33.96
C PHE A 578 25.28 6.03 35.10
N ASP A 579 26.08 5.94 36.16
CA ASP A 579 25.89 6.80 37.32
C ASP A 579 26.22 8.26 37.03
N LYS A 580 27.05 8.53 36.02
CA LYS A 580 27.30 9.91 35.62
C LYS A 580 26.02 10.58 35.12
N TYR A 581 25.18 9.82 34.41
CA TYR A 581 23.96 10.37 33.85
C TYR A 581 22.74 10.16 34.73
N LEU A 582 22.76 9.16 35.60
CA LEU A 582 21.67 8.92 36.54
C LEU A 582 22.09 9.32 37.95
N ALA A 583 22.52 10.56 38.11
CA ALA A 583 23.01 11.05 39.39
C ALA A 583 21.83 11.57 40.23
N GLY A 584 22.15 12.05 41.42
CA GLY A 584 21.10 12.52 42.33
C GLY A 584 20.25 11.34 42.77
N GLY A 585 18.94 11.52 42.74
CA GLY A 585 18.02 10.45 43.06
C GLY A 585 17.55 9.63 41.88
N LYS A 586 18.09 9.88 40.69
CA LYS A 586 17.67 9.16 39.50
C LYS A 586 18.25 7.76 39.47
N ASP A 587 17.47 6.81 38.99
CA ASP A 587 17.88 5.41 38.95
C ASP A 587 17.41 4.80 37.63
N ASP A 588 17.34 3.47 37.58
CA ASP A 588 16.97 2.77 36.35
C ASP A 588 15.52 3.00 35.96
N VAL A 589 14.66 3.40 36.89
CA VAL A 589 13.29 3.74 36.53
C VAL A 589 13.26 5.02 35.70
N ASP A 590 14.12 5.99 36.04
CA ASP A 590 14.25 7.17 35.20
C ASP A 590 14.90 6.84 33.86
N PHE A 591 15.81 5.87 33.85
CA PHE A 591 16.35 5.34 32.59
C PHE A 591 15.22 4.84 31.70
N LEU A 592 14.35 4.00 32.24
CA LEU A 592 13.22 3.48 31.46
C LEU A 592 12.29 4.61 31.03
N THR A 593 12.06 5.59 31.91
CA THR A 593 11.18 6.71 31.58
C THR A 593 11.77 7.58 30.47
N ASP A 594 13.09 7.78 30.48
CA ASP A 594 13.72 8.56 29.43
C ASP A 594 13.54 7.91 28.07
N LEU A 595 13.76 6.60 27.99
CA LEU A 595 13.57 5.89 26.73
C LEU A 595 12.11 5.95 26.29
N LYS A 596 11.18 5.79 27.25
CA LYS A 596 9.77 5.94 26.95
C LYS A 596 9.46 7.33 26.40
N ASP A 597 10.09 8.36 26.96
CA ASP A 597 9.83 9.73 26.52
C ASP A 597 10.37 9.97 25.11
N VAL A 598 11.51 9.38 24.77
CA VAL A 598 12.06 9.53 23.43
C VAL A 598 11.08 8.98 22.39
N ILE A 599 10.61 7.75 22.63
CA ILE A 599 9.70 7.12 21.68
C ILE A 599 8.39 7.90 21.59
N TYR A 600 7.86 8.35 22.73
CA TYR A 600 6.59 9.07 22.71
C TYR A 600 6.70 10.39 21.94
N SER A 601 7.86 11.05 22.04
CA SER A 601 8.01 12.34 21.35
C SER A 601 7.95 12.19 19.84
N MET A 602 8.09 10.97 19.32
CA MET A 602 7.94 10.76 17.89
C MET A 602 6.50 10.43 17.50
N ARG A 603 5.66 10.05 18.46
CA ARG A 603 4.26 9.77 18.16
C ARG A 603 3.52 11.06 17.85
N ASN A 604 2.77 11.08 16.75
CA ASN A 604 2.06 12.28 16.30
C ASN A 604 3.02 13.46 16.12
N ASP A 605 4.28 13.17 15.82
CA ASP A 605 5.29 14.21 15.57
C ASP A 605 5.22 14.54 14.09
N SER A 606 4.60 15.68 13.76
CA SER A 606 4.39 16.07 12.37
C SER A 606 5.71 16.42 11.70
N PHE A 607 5.93 15.83 10.51
CA PHE A 607 7.07 16.22 9.68
C PHE A 607 6.87 17.59 9.06
N HIS A 608 5.62 18.06 8.94
CA HIS A 608 5.30 19.27 8.20
C HIS A 608 5.37 20.53 9.05
N TYR A 609 5.00 20.45 10.33
CA TYR A 609 4.96 21.62 11.21
C TYR A 609 5.86 21.37 12.41
N ALA A 610 6.94 22.14 12.51
CA ALA A 610 7.88 22.02 13.62
C ALA A 610 7.33 22.78 14.82
N THR A 611 7.05 22.06 15.91
CA THR A 611 6.50 22.68 17.12
C THR A 611 7.61 23.22 18.03
N HIS A 614 10.32 20.52 19.53
CA HIS A 614 10.54 19.55 18.47
C HIS A 614 11.99 19.12 18.41
N ASN A 615 12.90 20.06 18.62
CA ASN A 615 14.34 19.79 18.62
C ASN A 615 14.96 20.07 19.99
N ASN A 616 14.18 19.87 21.05
CA ASN A 616 14.69 19.98 22.42
C ASN A 616 13.86 19.02 23.27
N GLY A 617 14.39 17.80 23.44
CA GLY A 617 13.66 16.77 24.15
C GLY A 617 13.72 16.93 25.66
N LYS A 618 12.68 16.42 26.31
CA LYS A 618 12.60 16.47 27.78
C LYS A 618 13.59 15.52 28.43
N TRP A 619 13.95 14.43 27.75
CA TRP A 619 14.75 13.37 28.34
C TRP A 619 16.20 13.84 28.55
N ASN A 620 17.01 12.92 29.06
CA ASN A 620 18.44 13.14 29.25
C ASN A 620 19.14 12.98 27.91
N LYS A 621 19.30 14.10 27.20
CA LYS A 621 19.93 14.06 25.88
C LYS A 621 21.38 13.60 25.97
N GLU A 622 22.07 13.91 27.08
CA GLU A 622 23.46 13.49 27.22
C GLU A 622 23.57 11.98 27.35
N LEU A 623 22.64 11.36 28.08
CA LEU A 623 22.67 9.91 28.23
C LEU A 623 22.43 9.20 26.90
N ILE A 624 21.40 9.62 26.17
CA ILE A 624 21.08 8.97 24.90
C ILE A 624 22.20 9.17 23.89
N SER A 625 22.76 10.38 23.84
CA SER A 625 23.87 10.64 22.93
C SER A 625 25.09 9.82 23.31
N ALA A 626 25.35 9.66 24.60
CA ALA A 626 26.50 8.87 25.03
C ALA A 626 26.30 7.40 24.70
N MET A 627 25.06 6.90 24.80
CA MET A 627 24.81 5.51 24.43
C MET A 627 24.99 5.31 22.93
N PHE A 628 24.61 6.31 22.12
CA PHE A 628 24.81 6.20 20.68
C PHE A 628 26.29 6.12 20.35
N GLU A 629 27.09 7.03 20.92
CA GLU A 629 28.54 6.98 20.68
C GLU A 629 29.11 5.65 21.14
N HIS A 630 28.66 5.14 22.28
CA HIS A 630 29.13 3.85 22.77
C HIS A 630 28.81 2.74 21.79
N GLU A 631 27.65 2.81 21.12
CA GLU A 631 27.28 1.78 20.15
C GLU A 631 28.03 1.93 18.84
N THR A 632 28.35 3.16 18.41
CA THR A 632 29.14 3.30 17.19
C THR A 632 30.54 2.72 17.35
N GLU A 633 31.05 2.68 18.58
CA GLU A 633 32.40 2.19 18.82
C GLU A 633 32.54 0.70 18.55
N ARG A 634 31.45 -0.06 18.60
CA ARG A 634 31.52 -1.50 18.34
C ARG A 634 31.24 -1.87 16.89
N MET A 635 30.96 -0.89 16.03
CA MET A 635 30.45 -1.19 14.69
C MET A 635 31.51 -1.87 13.83
N THR A 636 32.77 -1.43 13.91
CA THR A 636 33.82 -2.09 13.15
C THR A 636 34.04 -3.51 13.64
N VAL A 637 34.00 -3.71 14.96
CA VAL A 637 34.14 -5.05 15.52
C VAL A 637 32.99 -5.94 15.06
N VAL A 638 31.77 -5.39 15.05
CA VAL A 638 30.61 -6.18 14.66
C VAL A 638 30.71 -6.60 13.19
N MET A 639 31.10 -5.67 12.31
CA MET A 639 31.14 -5.99 10.88
C MET A 639 32.26 -6.97 10.56
N LYS A 640 33.40 -6.85 11.25
CA LYS A 640 34.47 -7.81 11.01
C LYS A 640 34.16 -9.15 11.66
N ASP A 641 33.37 -9.15 12.75
CA ASP A 641 32.93 -10.41 13.34
C ASP A 641 31.99 -11.16 12.41
N LYS A 642 31.19 -10.45 11.61
CA LYS A 642 30.31 -11.12 10.67
C LYS A 642 31.09 -11.79 9.54
N PHE A 643 32.23 -11.21 9.15
CA PHE A 643 33.15 -11.93 8.26
C PHE A 643 33.62 -13.23 8.90
N TYR A 644 34.02 -13.16 10.17
CA TYR A 644 34.50 -14.34 10.87
C TYR A 644 33.38 -15.35 11.07
N SER A 645 32.23 -14.89 11.53
CA SER A 645 31.12 -15.80 11.81
C SER A 645 30.59 -16.44 10.54
N ASN A 646 30.71 -15.76 9.40
CA ASN A 646 30.32 -16.33 8.12
C ASN A 646 31.42 -17.19 7.51
N ASN A 647 32.47 -17.49 8.26
CA ASN A 647 33.52 -18.44 7.87
C ASN A 647 34.36 -17.97 6.69
N LEU A 648 34.42 -16.66 6.45
CA LEU A 648 35.31 -16.15 5.41
C LEU A 648 36.79 -16.43 5.69
N PRO A 649 37.31 -16.28 6.91
CA PRO A 649 38.72 -16.63 7.15
C PRO A 649 39.00 -18.12 7.11
N MET A 650 37.99 -18.96 6.84
CA MET A 650 38.23 -20.37 6.59
C MET A 650 38.69 -20.64 5.16
N PHE A 651 38.45 -19.70 4.24
CA PHE A 651 38.76 -19.92 2.84
C PHE A 651 39.60 -18.83 2.19
N TYR A 652 39.90 -17.74 2.90
CA TYR A 652 40.69 -16.65 2.34
C TYR A 652 41.66 -16.13 3.39
N LYS A 653 42.75 -15.52 2.91
CA LYS A 653 43.75 -14.97 3.82
C LYS A 653 43.20 -13.76 4.56
N ASN A 654 43.56 -13.66 5.84
CA ASN A 654 43.10 -12.53 6.66
C ASN A 654 43.52 -11.20 6.05
N ASP A 655 44.71 -11.13 5.46
CA ASP A 655 45.18 -9.89 4.87
C ASP A 655 44.32 -9.47 3.68
N ASP A 656 43.90 -10.45 2.86
CA ASP A 656 43.01 -10.13 1.75
C ASP A 656 41.63 -9.71 2.26
N LEU A 657 41.14 -10.35 3.31
CA LEU A 657 39.86 -9.96 3.89
C LEU A 657 39.95 -8.61 4.57
N LYS A 658 41.10 -8.28 5.17
CA LYS A 658 41.27 -6.98 5.79
C LYS A 658 41.13 -5.87 4.76
N LYS A 659 41.77 -6.04 3.61
CA LYS A 659 41.64 -5.06 2.52
C LYS A 659 40.19 -4.87 2.13
N LEU A 660 39.43 -5.95 2.03
CA LEU A 660 38.02 -5.84 1.66
C LEU A 660 37.22 -5.13 2.74
N LEU A 661 37.47 -5.47 4.01
CA LEU A 661 36.74 -4.84 5.11
C LEU A 661 36.90 -3.33 5.09
N ILE A 662 38.12 -2.85 4.87
CA ILE A 662 38.37 -1.41 4.83
C ILE A 662 37.65 -0.79 3.64
N ASP A 663 37.64 -1.47 2.49
CA ASP A 663 36.92 -0.95 1.33
C ASP A 663 35.44 -0.79 1.62
N LEU A 664 34.83 -1.80 2.25
CA LEU A 664 33.38 -1.83 2.41
C LEU A 664 32.89 -0.89 3.49
N TYR A 665 33.64 -0.73 4.58
CA TYR A 665 33.12 -0.08 5.78
C TYR A 665 33.88 1.19 6.16
N LYS A 666 34.77 1.69 5.30
CA LYS A 666 35.45 2.95 5.59
C LYS A 666 34.47 4.12 5.62
N ASP A 667 33.42 4.06 4.80
CA ASP A 667 32.41 5.10 4.73
C ASP A 667 31.04 4.47 4.91
N ASN A 668 30.15 5.18 5.60
CA ASN A 668 28.76 4.74 5.67
C ASN A 668 28.11 4.88 4.31
N VAL A 669 27.48 3.81 3.84
CA VAL A 669 26.92 3.74 2.50
C VAL A 669 25.42 3.94 2.58
N GLU A 670 24.92 4.97 1.90
CA GLU A 670 23.49 5.25 1.83
C GLU A 670 22.92 4.57 0.59
N ARG A 671 22.11 3.55 0.78
CA ARG A 671 21.57 2.80 -0.33
C ARG A 671 20.42 3.53 -0.99
N ALA A 672 20.33 3.37 -2.31
CA ALA A 672 19.25 3.93 -3.09
C ALA A 672 18.14 2.90 -3.28
N SER A 673 16.90 3.37 -3.33
CA SER A 673 15.78 2.47 -3.54
C SER A 673 15.67 2.09 -5.00
N GLN A 674 14.80 1.10 -5.26
CA GLN A 674 14.46 0.60 -6.59
C GLN A 674 15.67 0.02 -7.32
N VAL A 675 16.75 -0.28 -6.61
CA VAL A 675 17.83 -1.09 -7.17
C VAL A 675 17.52 -2.54 -6.84
N PRO A 676 17.56 -3.45 -7.81
CA PRO A 676 17.30 -4.87 -7.53
C PRO A 676 18.17 -5.38 -6.39
N SER A 677 17.56 -6.16 -5.49
CA SER A 677 18.30 -6.66 -4.35
C SER A 677 19.35 -7.67 -4.78
N PHE A 678 20.38 -7.83 -3.94
CA PHE A 678 21.41 -8.82 -4.21
C PHE A 678 20.81 -10.22 -4.38
N ASN A 679 19.84 -10.56 -3.53
CA ASN A 679 19.27 -11.89 -3.54
C ASN A 679 18.40 -12.15 -4.77
N LYS A 680 17.94 -11.10 -5.45
CA LYS A 680 17.25 -11.27 -6.72
C LYS A 680 18.23 -11.37 -7.88
N VAL A 681 19.36 -10.66 -7.80
CA VAL A 681 20.38 -10.75 -8.85
C VAL A 681 21.11 -12.08 -8.77
N PHE A 682 21.50 -12.48 -7.55
CA PHE A 682 22.18 -13.74 -7.29
C PHE A 682 21.26 -14.61 -6.45
N VAL A 683 20.42 -15.39 -7.12
CA VAL A 683 19.49 -16.27 -6.43
C VAL A 683 20.26 -17.33 -5.66
N ARG A 684 19.95 -17.47 -4.38
CA ARG A 684 20.75 -18.35 -3.52
C ARG A 684 20.70 -19.80 -3.99
N LYS A 685 19.55 -20.24 -4.51
CA LYS A 685 19.42 -21.62 -4.97
C LYS A 685 20.43 -21.92 -6.07
N ASN A 686 20.56 -21.02 -7.04
CA ASN A 686 21.45 -21.20 -8.18
C ASN A 686 22.88 -20.77 -7.90
N PHE A 687 23.16 -20.26 -6.70
CA PHE A 687 24.46 -19.64 -6.44
C PHE A 687 25.63 -20.60 -6.60
N PRO A 688 25.62 -21.83 -6.04
CA PRO A 688 26.78 -22.71 -6.23
C PRO A 688 27.07 -23.02 -7.70
N ALA A 689 26.02 -23.25 -8.50
CA ALA A 689 26.24 -23.52 -9.92
C ALA A 689 26.76 -22.30 -10.66
N LEU A 690 26.24 -21.11 -10.32
CA LEU A 690 26.69 -19.90 -11.01
C LEU A 690 28.14 -19.57 -10.67
N VAL A 691 28.57 -19.91 -9.45
CA VAL A 691 29.94 -19.61 -9.04
C VAL A 691 30.92 -20.54 -9.75
N ARG A 692 30.55 -21.80 -9.94
CA ARG A 692 31.43 -22.77 -10.61
C ARG A 692 31.46 -22.61 -12.12
N ASP A 693 30.54 -21.84 -12.69
CA ASP A 693 30.48 -21.69 -14.14
C ASP A 693 31.73 -20.97 -14.65
N LYS A 694 32.38 -21.56 -15.67
CA LYS A 694 33.59 -20.98 -16.23
C LYS A 694 33.31 -19.63 -16.87
N ASP A 695 32.11 -19.44 -17.44
CA ASP A 695 31.78 -18.18 -18.08
C ASP A 695 31.58 -17.06 -17.06
N ASN A 696 31.37 -17.39 -15.79
CA ASN A 696 31.19 -16.38 -14.75
C ASN A 696 32.47 -16.21 -13.95
N LEU A 697 32.70 -17.11 -12.99
CA LEU A 697 33.87 -17.05 -12.13
C LEU A 697 34.76 -18.27 -12.22
N GLY A 698 34.21 -19.46 -12.46
CA GLY A 698 35.02 -20.66 -12.54
C GLY A 698 35.64 -21.06 -11.22
N ILE A 699 35.02 -20.69 -10.11
CA ILE A 699 35.56 -21.00 -8.79
C ILE A 699 35.29 -22.47 -8.48
N GLU A 700 36.35 -23.22 -8.19
CA GLU A 700 36.22 -24.58 -7.69
C GLU A 700 37.04 -24.70 -6.41
N LEU A 701 36.42 -25.23 -5.36
CA LEU A 701 37.06 -25.41 -4.07
C LEU A 701 37.48 -26.87 -3.95
N ASP A 702 38.78 -27.11 -3.80
CA ASP A 702 39.32 -28.45 -3.67
C ASP A 702 39.43 -28.80 -2.19
N LEU A 703 38.78 -29.89 -1.79
CA LEU A 703 38.79 -30.32 -0.40
C LEU A 703 39.38 -31.73 -0.25
N ASP A 706 37.39 -35.78 3.31
CA ASP A 706 37.15 -36.52 4.53
C ASP A 706 35.68 -36.49 4.93
N ALA A 707 35.41 -36.59 6.24
CA ALA A 707 34.04 -36.61 6.72
C ALA A 707 33.39 -35.23 6.65
N ASP A 708 34.18 -34.17 6.78
CA ASP A 708 33.66 -32.81 6.76
C ASP A 708 33.63 -32.20 5.37
N LYS A 709 33.60 -33.02 4.32
CA LYS A 709 33.67 -32.52 2.95
C LYS A 709 32.44 -31.71 2.58
N GLY A 710 31.28 -32.37 2.49
CA GLY A 710 30.07 -31.67 2.10
C GLY A 710 29.72 -30.51 3.00
N GLU A 711 30.02 -30.63 4.29
CA GLU A 711 29.76 -29.53 5.22
C GLU A 711 30.67 -28.33 4.93
N ASN A 712 31.91 -28.57 4.50
CA ASN A 712 32.81 -27.47 4.20
C ASN A 712 32.47 -26.79 2.88
N GLU A 713 31.93 -27.53 1.90
CA GLU A 713 31.47 -26.89 0.68
C GLU A 713 30.26 -25.99 0.96
N LEU A 714 29.35 -26.46 1.83
CA LEU A 714 28.21 -25.64 2.22
C LEU A 714 28.67 -24.38 2.94
N LYS A 715 29.66 -24.50 3.83
CA LYS A 715 30.20 -23.33 4.50
C LYS A 715 30.79 -22.34 3.50
N PHE A 716 31.44 -22.84 2.45
CA PHE A 716 32.08 -21.95 1.49
C PHE A 716 31.04 -21.15 0.70
N TYR A 717 30.04 -21.83 0.15
CA TYR A 717 29.02 -21.13 -0.63
C TYR A 717 28.22 -20.17 0.24
N ASN A 718 27.96 -20.53 1.50
CA ASN A 718 27.33 -19.57 2.41
C ASN A 718 28.24 -18.38 2.68
N ALA A 719 29.54 -18.64 2.82
CA ALA A 719 30.51 -17.56 3.05
C ALA A 719 30.59 -16.64 1.85
N LEU A 720 30.71 -17.23 0.65
CA LEU A 720 30.80 -16.42 -0.56
C LEU A 720 29.52 -15.63 -0.79
N TYR A 721 28.37 -16.19 -0.40
CA TYR A 721 27.11 -15.49 -0.61
C TYR A 721 27.02 -14.23 0.27
N TYR A 722 27.48 -14.32 1.52
CA TYR A 722 27.46 -13.14 2.37
C TYR A 722 28.48 -12.11 1.91
N MET A 723 29.68 -12.56 1.52
CA MET A 723 30.70 -11.62 1.08
C MET A 723 30.28 -10.87 -0.17
N PHE A 724 29.75 -11.60 -1.17
CA PHE A 724 29.27 -10.95 -2.39
C PHE A 724 28.16 -9.95 -2.10
N LYS A 725 27.29 -10.27 -1.13
CA LYS A 725 26.20 -9.36 -0.78
C LYS A 725 26.76 -8.05 -0.24
N GLU A 726 27.69 -8.14 0.72
CA GLU A 726 28.32 -6.94 1.26
C GLU A 726 29.05 -6.16 0.17
N ILE A 727 29.76 -6.86 -0.71
CA ILE A 727 30.42 -6.20 -1.83
C ILE A 727 29.39 -5.52 -2.73
N TYR A 728 28.27 -6.21 -2.99
CA TYR A 728 27.25 -5.69 -3.89
C TYR A 728 26.77 -4.31 -3.45
N TYR A 729 26.46 -4.16 -2.17
CA TYR A 729 25.88 -2.90 -1.68
C TYR A 729 26.92 -1.85 -1.35
N ASN A 730 28.10 -2.23 -0.85
CA ASN A 730 29.03 -1.27 -0.28
C ASN A 730 30.18 -0.90 -1.21
N ALA A 731 30.28 -1.51 -2.39
CA ALA A 731 31.37 -1.17 -3.30
C ALA A 731 30.93 -1.22 -4.75
N PHE A 732 30.10 -2.20 -5.10
CA PHE A 732 29.78 -2.44 -6.50
C PHE A 732 28.85 -1.36 -7.07
N LEU A 733 27.73 -1.09 -6.39
CA LEU A 733 26.69 -0.26 -6.98
C LEU A 733 27.15 1.17 -7.23
N ASN A 734 28.10 1.68 -6.45
CA ASN A 734 28.55 3.07 -6.58
C ASN A 734 29.87 3.21 -7.33
N ASP A 735 30.43 2.12 -7.83
CA ASP A 735 31.71 2.20 -8.53
C ASP A 735 31.54 2.87 -9.88
N LYS A 736 32.45 3.81 -10.19
CA LYS A 736 32.34 4.57 -11.43
C LYS A 736 32.51 3.68 -12.65
N ASN A 737 33.53 2.82 -12.64
CA ASN A 737 33.78 1.95 -13.78
C ASN A 737 32.64 0.97 -14.00
N VAL A 738 31.97 0.53 -12.93
CA VAL A 738 30.85 -0.39 -13.07
C VAL A 738 29.73 0.23 -13.89
N ARG A 739 29.40 1.50 -13.61
CA ARG A 739 28.32 2.17 -14.32
C ARG A 739 28.60 2.27 -15.81
N GLU A 740 29.83 2.66 -16.17
CA GLU A 740 30.18 2.80 -17.58
C GLU A 740 30.07 1.47 -18.32
N ARG A 741 30.55 0.39 -17.72
CA ARG A 741 30.49 -0.91 -18.39
C ARG A 741 29.08 -1.49 -18.38
N PHE A 742 28.28 -1.13 -17.39
CA PHE A 742 26.87 -1.54 -17.38
C PHE A 742 26.14 -0.95 -18.57
N ILE A 743 26.39 0.33 -18.88
CA ILE A 743 25.68 1.00 -19.96
C ILE A 743 26.06 0.40 -21.30
N THR A 744 27.36 0.19 -21.53
CA THR A 744 27.82 -0.37 -22.80
C THR A 744 27.29 -1.79 -23.01
N LYS A 745 27.27 -2.59 -21.95
CA LYS A 745 26.79 -3.97 -22.08
C LYS A 745 25.27 -4.03 -22.22
N ALA A 746 24.55 -3.17 -21.51
CA ALA A 746 23.09 -3.19 -21.57
C ALA A 746 22.58 -2.77 -22.93
N THR A 747 23.34 -1.92 -23.63
CA THR A 747 22.95 -1.41 -24.94
C THR A 747 23.63 -2.16 -26.09
N LYS A 748 24.18 -3.35 -25.81
CA LYS A 748 24.84 -4.13 -26.86
C LYS A 748 23.87 -4.45 -27.99
N VAL A 749 22.76 -5.11 -27.66
CA VAL A 749 21.82 -5.56 -28.69
C VAL A 749 21.21 -4.38 -29.43
N ALA A 750 21.10 -3.22 -28.76
CA ALA A 750 20.55 -2.04 -29.42
C ALA A 750 21.46 -1.56 -30.55
N ASP A 751 22.78 -1.63 -30.36
CA ASP A 751 23.74 -1.16 -31.34
C ASP A 751 24.18 -2.24 -32.31
N ASN A 752 23.50 -3.38 -32.34
CA ASN A 752 23.81 -4.46 -33.26
C ASN A 752 22.52 -5.03 -33.85
N ASN A 782 12.64 -12.34 -26.65
CA ASN A 782 13.82 -12.04 -25.85
C ASN A 782 14.79 -11.13 -26.59
N TYR A 783 15.06 -11.45 -27.85
CA TYR A 783 15.84 -10.54 -28.69
C TYR A 783 15.06 -9.25 -28.93
N ILE A 784 13.74 -9.34 -29.02
CA ILE A 784 12.90 -8.16 -29.18
C ILE A 784 13.03 -7.24 -27.96
N ALA A 785 13.02 -7.83 -26.76
CA ALA A 785 12.99 -7.03 -25.55
C ALA A 785 14.33 -6.35 -25.30
N GLU A 786 15.44 -7.07 -25.50
CA GLU A 786 16.75 -6.48 -25.21
C GLU A 786 17.08 -5.32 -26.12
N ASN A 787 16.48 -5.26 -27.31
CA ASN A 787 16.68 -4.10 -28.18
C ASN A 787 15.96 -2.88 -27.61
N ASP A 788 14.70 -3.04 -27.21
CA ASP A 788 13.96 -1.93 -26.63
C ASP A 788 14.55 -1.52 -25.29
N PHE A 789 14.96 -2.50 -24.47
CA PHE A 789 15.62 -2.18 -23.20
C PHE A 789 16.89 -1.37 -23.43
N GLY A 790 17.67 -1.74 -24.43
CA GLY A 790 18.89 -1.00 -24.72
C GLY A 790 18.63 0.43 -25.17
N GLN A 791 17.62 0.62 -26.03
CA GLN A 791 17.31 1.97 -26.48
C GLN A 791 16.79 2.84 -25.34
N ARG A 792 16.05 2.25 -24.40
CA ARG A 792 15.60 2.99 -23.23
C ARG A 792 16.79 3.49 -22.41
N ILE A 793 17.79 2.62 -22.21
CA ILE A 793 19.00 3.02 -21.49
C ILE A 793 19.69 4.16 -22.21
N LYS A 794 19.76 4.08 -23.55
CA LYS A 794 20.40 5.13 -24.33
C LYS A 794 19.71 6.48 -24.14
N ASN A 795 18.37 6.48 -24.16
CA ASN A 795 17.64 7.72 -23.95
C ASN A 795 17.93 8.31 -22.57
N ILE A 796 18.01 7.45 -21.55
CA ILE A 796 18.20 7.95 -20.19
C ILE A 796 19.55 8.66 -20.05
N VAL A 797 20.60 8.05 -20.59
CA VAL A 797 21.94 8.63 -20.41
C VAL A 797 22.10 9.90 -21.25
N GLN A 798 21.35 10.01 -22.36
CA GLN A 798 21.40 11.23 -23.15
C GLN A 798 20.72 12.39 -22.43
N VAL A 799 19.61 12.13 -21.74
CA VAL A 799 18.93 13.17 -20.99
C VAL A 799 19.83 13.74 -19.90
N ASN A 800 20.51 12.87 -19.16
CA ASN A 800 21.45 13.30 -18.14
C ASN A 800 22.62 12.33 -18.06
N PRO A 801 23.81 12.73 -18.51
CA PRO A 801 24.96 11.80 -18.46
C PRO A 801 25.44 11.50 -17.04
N ASP A 802 25.07 12.32 -16.06
CA ASP A 802 25.53 12.14 -14.69
C ASP A 802 24.61 11.25 -13.86
N TYR A 803 23.58 10.67 -14.46
CA TYR A 803 22.71 9.74 -13.74
C TYR A 803 23.52 8.58 -13.21
N THR A 804 23.38 8.30 -11.91
CA THR A 804 24.08 7.17 -11.32
C THR A 804 23.47 5.85 -11.83
N LEU A 805 24.19 4.76 -11.54
CA LEU A 805 23.64 3.44 -11.87
C LEU A 805 22.31 3.22 -11.16
N ALA A 806 22.21 3.65 -9.90
CA ALA A 806 20.96 3.51 -9.18
C ALA A 806 19.84 4.32 -9.85
N GLN A 807 20.16 5.52 -10.33
CA GLN A 807 19.14 6.35 -10.97
C GLN A 807 18.71 5.78 -12.32
N ILE A 808 19.62 5.15 -13.05
CA ILE A 808 19.23 4.43 -14.26
C ILE A 808 18.30 3.27 -13.92
N CYS A 809 18.65 2.51 -12.87
CA CYS A 809 17.77 1.43 -12.40
C CYS A 809 16.40 1.98 -12.01
N GLN A 810 16.37 3.12 -11.33
CA GLN A 810 15.10 3.69 -10.88
C GLN A 810 14.24 4.12 -12.07
N LEU A 811 14.86 4.78 -13.06
CA LEU A 811 14.10 5.22 -14.23
C LEU A 811 13.58 4.03 -15.03
N ILE A 812 14.38 2.99 -15.17
CA ILE A 812 13.94 1.78 -15.88
C ILE A 812 12.78 1.13 -15.13
N MET A 813 12.95 0.92 -13.82
CA MET A 813 11.92 0.24 -13.04
C MET A 813 10.64 1.06 -12.93
N THR A 814 10.70 2.37 -13.21
CA THR A 814 9.51 3.21 -13.10
C THR A 814 8.46 2.80 -14.14
N GLU A 815 8.83 2.81 -15.41
CA GLU A 815 7.88 2.43 -16.46
C GLU A 815 7.60 0.93 -16.49
N TYR A 816 8.45 0.12 -15.86
CA TYR A 816 8.11 -1.29 -15.69
C TYR A 816 6.86 -1.43 -14.84
N ASN A 817 6.74 -0.61 -13.80
CA ASN A 817 5.59 -0.66 -12.90
C ASN A 817 4.32 -0.20 -13.60
N CYS A 823 -2.80 -3.05 -10.87
CA CYS A 823 -3.74 -3.98 -10.26
C CYS A 823 -3.55 -4.03 -8.75
N MET A 824 -4.67 -3.93 -8.03
CA MET A 824 -4.63 -3.84 -6.57
C MET A 824 -4.22 -5.16 -5.92
N GLN A 825 -4.48 -6.27 -6.58
CA GLN A 825 -4.20 -7.59 -6.01
C GLN A 825 -2.83 -8.06 -6.44
N LYS A 826 -2.06 -8.57 -5.47
CA LYS A 826 -0.86 -9.32 -5.81
C LYS A 826 -1.24 -10.51 -6.68
N LYS A 827 -0.43 -10.78 -7.70
CA LYS A 827 -0.74 -11.81 -8.68
C LYS A 827 -0.20 -13.15 -8.22
N SER A 828 -1.07 -14.16 -8.20
CA SER A 828 -0.64 -15.52 -7.95
C SER A 828 -0.10 -16.14 -9.25
N ALA A 829 0.36 -17.39 -9.16
CA ALA A 829 0.83 -18.11 -10.34
C ALA A 829 -0.31 -18.83 -11.04
N TYR A 842 11.87 -5.75 -18.70
CA TYR A 842 12.83 -4.75 -18.22
C TYR A 842 13.50 -5.19 -16.92
N LYS A 843 12.77 -5.94 -16.08
CA LYS A 843 13.34 -6.33 -14.79
C LYS A 843 14.37 -7.43 -14.94
N MET A 844 14.12 -8.43 -15.79
CA MET A 844 15.09 -9.49 -15.99
C MET A 844 16.37 -8.97 -16.62
N LEU A 845 16.23 -8.12 -17.64
CA LEU A 845 17.41 -7.54 -18.29
C LEU A 845 18.20 -6.66 -17.34
N LEU A 846 17.52 -6.01 -16.39
CA LEU A 846 18.24 -5.35 -15.29
C LEU A 846 19.00 -6.38 -14.47
N LEU A 847 18.33 -7.47 -14.08
CA LEU A 847 18.98 -8.49 -13.27
C LEU A 847 20.16 -9.13 -14.00
N VAL A 848 19.99 -9.43 -15.28
CA VAL A 848 21.05 -10.09 -16.04
C VAL A 848 22.25 -9.15 -16.20
N ASN A 849 21.99 -7.88 -16.50
CA ASN A 849 23.10 -6.95 -16.72
C ASN A 849 23.80 -6.59 -15.41
N LEU A 850 23.05 -6.46 -14.31
CA LEU A 850 23.69 -6.29 -13.02
C LEU A 850 24.52 -7.52 -12.64
N ARG A 851 24.00 -8.71 -12.94
CA ARG A 851 24.73 -9.93 -12.63
C ARG A 851 26.05 -9.99 -13.38
N LYS A 852 26.02 -9.70 -14.69
CA LYS A 852 27.25 -9.72 -15.49
C LYS A 852 28.24 -8.66 -15.01
N ALA A 853 27.75 -7.46 -14.70
CA ALA A 853 28.65 -6.39 -14.30
C ALA A 853 29.32 -6.69 -12.96
N PHE A 854 28.59 -7.36 -12.04
CA PHE A 854 29.16 -7.68 -10.74
C PHE A 854 30.26 -8.71 -10.85
N LEU A 855 30.07 -9.73 -11.71
CA LEU A 855 31.09 -10.76 -11.88
C LEU A 855 32.38 -10.16 -12.43
N GLU A 856 32.27 -9.23 -13.38
CA GLU A 856 33.46 -8.58 -13.92
C GLU A 856 34.10 -7.65 -12.89
N PHE A 857 33.27 -6.99 -12.07
CA PHE A 857 33.79 -6.19 -10.97
C PHE A 857 34.60 -7.06 -9.99
N ILE A 858 34.10 -8.26 -9.72
CA ILE A 858 34.83 -9.18 -8.85
C ILE A 858 36.17 -9.56 -9.48
N LYS A 859 36.15 -9.92 -10.77
CA LYS A 859 37.37 -10.33 -11.44
C LYS A 859 38.38 -9.19 -11.54
N GLU A 860 37.92 -7.95 -11.62
CA GLU A 860 38.81 -6.81 -11.79
C GLU A 860 39.39 -6.30 -10.48
N ASN A 861 38.61 -6.31 -9.39
CA ASN A 861 39.01 -5.65 -8.15
C ASN A 861 39.26 -6.59 -6.99
N TYR A 862 38.75 -7.81 -7.02
CA TYR A 862 38.88 -8.74 -5.91
C TYR A 862 39.22 -10.13 -6.44
N ALA A 863 40.31 -10.21 -7.22
CA ALA A 863 40.69 -11.46 -7.86
C ALA A 863 41.01 -12.56 -6.86
N PHE A 864 41.36 -12.20 -5.61
CA PHE A 864 41.70 -13.22 -4.62
C PHE A 864 40.52 -14.11 -4.29
N VAL A 865 39.28 -13.67 -4.54
CA VAL A 865 38.14 -14.53 -4.23
C VAL A 865 38.04 -15.70 -5.19
N LEU A 866 38.68 -15.62 -6.36
CA LEU A 866 38.68 -16.73 -7.30
C LEU A 866 39.54 -17.90 -6.85
N LYS A 867 40.37 -17.72 -5.82
CA LYS A 867 41.31 -18.74 -5.38
C LYS A 867 41.13 -19.02 -3.89
N PRO A 868 40.01 -19.61 -3.50
CA PRO A 868 39.82 -19.98 -2.09
C PRO A 868 40.66 -21.20 -1.75
N TYR A 869 40.97 -21.32 -0.47
CA TYR A 869 41.69 -22.49 0.02
C TYR A 869 41.25 -22.75 1.46
N LYS A 870 40.73 -23.96 1.70
CA LYS A 870 40.29 -24.33 3.04
C LYS A 870 41.46 -24.43 3.98
N HIS A 871 41.39 -23.73 5.10
CA HIS A 871 42.39 -23.83 6.16
C HIS A 871 41.70 -23.62 7.49
N ASP A 872 42.43 -23.89 8.57
CA ASP A 872 41.86 -23.83 9.91
C ASP A 872 41.43 -22.41 10.27
N LEU A 873 40.31 -22.31 10.97
CA LEU A 873 39.83 -21.01 11.44
C LEU A 873 40.73 -20.50 12.55
N CYS A 874 41.20 -19.27 12.41
CA CYS A 874 41.96 -18.63 13.49
C CYS A 874 41.02 -18.30 14.65
N ASP A 875 41.61 -17.87 15.76
CA ASP A 875 40.82 -17.45 16.90
C ASP A 875 40.10 -16.14 16.58
N LYS A 876 38.88 -16.01 17.12
CA LYS A 876 38.03 -14.87 16.79
C LYS A 876 38.74 -13.55 17.10
N ALA A 877 39.44 -13.47 18.23
CA ALA A 877 40.15 -12.25 18.59
C ALA A 877 41.39 -12.00 17.75
N ASP A 878 41.86 -13.01 17.01
CA ASP A 878 43.03 -12.87 16.14
C ASP A 878 42.69 -12.40 14.74
N PHE A 879 41.41 -12.35 14.37
CA PHE A 879 41.01 -12.00 13.01
C PHE A 879 40.96 -10.48 12.86
N VAL A 880 41.94 -9.93 12.14
CA VAL A 880 42.07 -8.50 11.86
C VAL A 880 41.79 -7.68 13.11
N PRO A 881 42.60 -7.79 14.17
CA PRO A 881 42.33 -7.00 15.38
C PRO A 881 42.66 -5.53 15.22
N ASP A 882 43.42 -5.16 14.19
CA ASP A 882 43.77 -3.76 13.93
C ASP A 882 42.81 -3.09 12.95
N PHE A 883 41.57 -3.55 12.87
CA PHE A 883 40.64 -3.04 11.87
C PHE A 883 40.22 -1.61 12.18
N ALA A 884 39.97 -1.29 13.46
CA ALA A 884 39.42 0.01 13.81
C ALA A 884 40.37 1.15 13.47
N LYS A 885 41.67 0.89 13.42
CA LYS A 885 42.62 1.98 13.22
C LYS A 885 42.64 2.50 11.79
N TYR A 886 42.05 1.78 10.84
CA TYR A 886 42.07 2.18 9.45
C TYR A 886 40.83 2.99 9.04
N VAL A 887 39.72 2.87 9.76
CA VAL A 887 38.46 3.49 9.36
C VAL A 887 37.81 4.18 10.55
N LYS A 888 37.09 5.27 10.27
CA LYS A 888 36.31 5.99 11.27
C LYS A 888 35.04 6.51 10.63
N PRO A 889 34.11 5.61 10.26
CA PRO A 889 32.94 6.05 9.49
C PRO A 889 31.94 6.89 10.28
N TYR A 890 31.92 6.79 11.61
CA TYR A 890 30.90 7.47 12.41
C TYR A 890 31.40 8.75 13.06
N ALA A 891 32.59 9.24 12.67
CA ALA A 891 33.18 10.37 13.38
C ALA A 891 32.27 11.60 13.38
N GLY A 892 31.79 12.01 12.21
CA GLY A 892 30.95 13.21 12.13
C GLY A 892 29.56 13.00 12.70
N LEU A 893 29.00 11.80 12.53
CA LEU A 893 27.64 11.56 12.98
C LEU A 893 27.50 11.61 14.50
N ILE A 894 28.55 11.21 15.22
CA ILE A 894 28.49 11.19 16.68
C ILE A 894 28.18 12.57 17.24
N SER A 895 28.84 13.60 16.71
CA SER A 895 28.59 14.94 17.21
C SER A 895 27.21 15.45 16.80
N ARG A 896 26.72 15.05 15.62
CA ARG A 896 25.43 15.55 15.17
C ARG A 896 24.28 14.94 15.97
N VAL A 897 24.40 13.66 16.32
CA VAL A 897 23.41 13.05 17.20
C VAL A 897 23.44 13.71 18.58
N ALA A 898 24.62 14.10 19.04
CA ALA A 898 24.74 14.74 20.35
C ALA A 898 23.94 16.04 20.41
N GLY A 899 23.86 16.77 19.30
CA GLY A 899 23.17 18.04 19.27
C GLY A 899 21.80 18.03 18.61
N SER A 900 21.22 16.85 18.35
CA SER A 900 19.94 16.74 17.67
C SER A 900 19.02 15.80 18.43
N SER A 901 17.99 16.36 19.08
CA SER A 901 16.95 15.54 19.69
C SER A 901 16.23 14.70 18.63
N GLU A 902 16.06 15.25 17.42
CA GLU A 902 15.37 14.50 16.37
C GLU A 902 16.17 13.26 15.97
N LEU A 903 17.49 13.39 15.84
CA LEU A 903 18.31 12.22 15.52
C LEU A 903 18.22 11.16 16.61
N GLN A 904 18.16 11.60 17.88
CA GLN A 904 18.03 10.63 18.97
C GLN A 904 16.70 9.90 18.91
N LYS A 905 15.64 10.56 18.44
CA LYS A 905 14.35 9.89 18.25
C LYS A 905 14.47 8.77 17.23
N TRP A 906 15.07 9.06 16.06
CA TRP A 906 15.25 8.02 15.06
C TRP A 906 16.10 6.88 15.59
N TYR A 907 17.12 7.22 16.40
CA TYR A 907 17.99 6.21 16.99
C TYR A 907 17.20 5.25 17.87
N ILE A 908 16.48 5.78 18.87
CA ILE A 908 15.85 4.90 19.85
C ILE A 908 14.69 4.14 19.23
N VAL A 909 13.87 4.80 18.40
CA VAL A 909 12.74 4.13 17.78
C VAL A 909 13.22 2.96 16.91
N SER A 910 14.20 3.22 16.05
CA SER A 910 14.71 2.14 15.20
C SER A 910 15.45 1.09 16.02
N ARG A 911 16.16 1.49 17.08
CA ARG A 911 16.95 0.54 17.86
C ARG A 911 16.08 -0.51 18.54
N PHE A 912 14.82 -0.19 18.83
CA PHE A 912 13.94 -1.12 19.53
C PHE A 912 13.07 -1.94 18.59
N LEU A 913 13.38 -1.95 17.29
CA LEU A 913 12.67 -2.79 16.35
C LEU A 913 13.38 -4.13 16.19
N SER A 914 12.64 -5.10 15.66
CA SER A 914 13.28 -6.33 15.21
C SER A 914 14.19 -6.02 14.04
N PRO A 915 15.17 -6.89 13.76
CA PRO A 915 16.04 -6.66 12.59
C PRO A 915 15.28 -6.51 11.29
N ALA A 916 14.22 -7.32 11.09
CA ALA A 916 13.45 -7.21 9.87
C ALA A 916 12.69 -5.89 9.81
N GLN A 917 12.14 -5.45 10.95
CA GLN A 917 11.42 -4.18 10.96
C GLN A 917 12.36 -3.00 10.74
N ALA A 918 13.53 -3.02 11.38
CA ALA A 918 14.51 -1.96 11.15
C ALA A 918 14.89 -1.88 9.68
N ASN A 919 15.06 -3.05 9.03
CA ASN A 919 15.36 -3.09 7.60
C ASN A 919 14.22 -2.46 6.79
N HIS A 920 12.97 -2.79 7.13
CA HIS A 920 11.84 -2.20 6.42
C HIS A 920 11.79 -0.69 6.60
N MET A 921 12.00 -0.22 7.84
CA MET A 921 12.03 1.22 8.10
C MET A 921 13.09 1.90 7.24
N LEU A 922 14.26 1.27 7.12
CA LEU A 922 15.30 1.85 6.27
C LEU A 922 14.85 1.90 4.81
N GLY A 923 14.20 0.85 4.33
CA GLY A 923 13.70 0.85 2.97
C GLY A 923 12.67 1.94 2.72
N PHE A 924 11.80 2.19 3.71
CA PHE A 924 10.80 3.24 3.56
C PHE A 924 11.44 4.62 3.46
N LEU A 925 12.53 4.85 4.21
CA LEU A 925 13.26 6.11 4.08
C LEU A 925 13.84 6.24 2.68
N HIS A 926 14.40 5.16 2.14
CA HIS A 926 14.94 5.18 0.78
C HIS A 926 13.86 5.50 -0.23
N SER A 927 12.70 4.86 -0.12
CA SER A 927 11.63 5.12 -1.07
C SER A 927 11.15 6.57 -0.99
N TYR A 928 11.11 7.13 0.22
CA TYR A 928 10.74 8.53 0.38
C TYR A 928 11.72 9.45 -0.33
N LYS A 929 13.02 9.24 -0.10
CA LYS A 929 14.02 10.11 -0.71
C LYS A 929 13.97 10.02 -2.23
N GLN A 930 13.79 8.82 -2.77
CA GLN A 930 13.73 8.66 -4.22
C GLN A 930 12.46 9.28 -4.79
N TYR A 931 11.34 9.14 -4.08
CA TYR A 931 10.09 9.74 -4.54
C TYR A 931 10.23 11.26 -4.65
N VAL A 932 10.73 11.90 -3.58
CA VAL A 932 10.88 13.36 -3.59
C VAL A 932 11.83 13.78 -4.71
N TRP A 933 12.94 13.06 -4.89
CA TRP A 933 13.87 13.38 -5.96
C TRP A 933 13.21 13.29 -7.33
N ASP A 934 12.37 12.26 -7.52
CA ASP A 934 11.70 12.07 -8.80
C ASP A 934 10.65 13.14 -9.06
N ILE A 935 9.99 13.62 -8.01
CA ILE A 935 8.99 14.68 -8.18
C ILE A 935 9.65 15.96 -8.65
N TYR A 936 10.71 16.38 -7.95
CA TYR A 936 11.40 17.60 -8.35
C TYR A 936 12.05 17.45 -9.71
N ARG A 937 12.52 16.24 -10.05
CA ARG A 937 13.07 16.00 -11.38
C ARG A 937 12.01 16.27 -12.45
N ARG A 938 10.81 15.72 -12.27
CA ARG A 938 9.75 15.90 -13.27
C ARG A 938 9.17 17.31 -13.23
N ALA A 939 9.10 17.93 -12.05
CA ALA A 939 8.68 19.33 -12.00
C ALA A 939 9.66 20.21 -12.76
N SER A 940 10.96 19.94 -12.61
CA SER A 940 11.99 20.76 -13.25
C SER A 940 11.95 20.64 -14.77
N GLU A 941 11.84 19.40 -15.28
CA GLU A 941 11.87 19.22 -16.73
C GLU A 941 10.63 19.81 -17.39
N THR A 942 9.53 19.93 -16.66
CA THR A 942 8.31 20.55 -17.18
C THR A 942 8.25 22.05 -16.93
N GLY A 943 9.28 22.63 -16.33
CA GLY A 943 9.27 24.05 -16.03
C GLY A 943 8.18 24.45 -15.06
N THR A 944 7.81 23.55 -14.15
CA THR A 944 6.76 23.84 -13.17
C THR A 944 7.41 24.35 -11.89
N GLU A 945 7.13 25.60 -11.55
CA GLU A 945 7.62 26.15 -10.30
C GLU A 945 7.00 25.38 -9.13
N ILE A 946 7.83 25.09 -8.14
CA ILE A 946 7.42 24.22 -7.04
C ILE A 946 8.02 24.75 -5.75
N ASN A 947 7.19 24.83 -4.71
CA ASN A 947 7.66 25.22 -3.40
C ASN A 947 8.42 24.07 -2.76
N HIS A 948 9.62 24.36 -2.26
CA HIS A 948 10.50 23.34 -1.69
C HIS A 948 10.29 23.16 -0.19
N SER A 949 9.04 23.16 0.28
CA SER A 949 8.78 22.85 1.69
C SER A 949 9.16 21.41 2.02
N ILE A 950 9.07 20.51 1.06
CA ILE A 950 9.51 19.13 1.20
C ILE A 950 10.91 19.05 0.59
N ALA A 951 11.92 18.94 1.44
CA ALA A 951 13.29 18.94 0.97
C ALA A 951 13.71 17.57 0.45
N GLU A 952 14.65 17.57 -0.50
CA GLU A 952 15.19 16.32 -1.01
C GLU A 952 16.18 15.68 -0.06
N ASP A 953 16.87 16.49 0.76
CA ASP A 953 17.99 16.03 1.56
C ASP A 953 17.73 16.06 3.05
N LYS A 954 16.58 16.56 3.50
CA LYS A 954 16.31 16.70 4.93
C LYS A 954 14.91 16.24 5.25
N ILE A 955 14.73 15.76 6.47
CA ILE A 955 13.42 15.38 6.98
C ILE A 955 13.32 15.92 8.41
N ALA A 956 12.27 16.70 8.67
CA ALA A 956 12.07 17.31 9.99
C ALA A 956 13.33 18.05 10.45
N GLY A 957 13.93 18.79 9.53
CA GLY A 957 15.10 19.60 9.82
C GLY A 957 16.40 18.85 10.03
N VAL A 958 16.47 17.57 9.67
CA VAL A 958 17.65 16.75 9.89
C VAL A 958 18.04 16.06 8.58
N ASP A 959 19.34 15.94 8.34
CA ASP A 959 19.82 15.33 7.09
C ASP A 959 19.36 13.88 6.97
N ILE A 960 18.75 13.56 5.83
CA ILE A 960 18.34 12.18 5.57
C ILE A 960 19.53 11.24 5.59
N THR A 961 20.71 11.70 5.16
CA THR A 961 21.90 10.86 5.21
C THR A 961 22.25 10.48 6.65
N ASP A 962 22.04 11.40 7.60
CA ASP A 962 22.28 11.07 9.01
C ASP A 962 21.22 10.10 9.54
N VAL A 963 19.95 10.32 9.17
CA VAL A 963 18.89 9.41 9.59
C VAL A 963 19.16 8.01 9.04
N ASP A 964 19.59 7.94 7.77
CA ASP A 964 19.90 6.65 7.15
C ASP A 964 20.99 5.92 7.92
N ALA A 965 22.11 6.62 8.22
CA ALA A 965 23.20 5.99 8.96
C ALA A 965 22.76 5.53 10.34
N VAL A 966 21.83 6.25 10.96
CA VAL A 966 21.36 5.87 12.29
C VAL A 966 20.53 4.59 12.23
N ILE A 967 19.57 4.54 11.30
CA ILE A 967 18.74 3.35 11.16
C ILE A 967 19.58 2.16 10.74
N ASP A 968 20.55 2.38 9.84
CA ASP A 968 21.43 1.30 9.41
C ASP A 968 22.20 0.72 10.59
N LEU A 969 22.65 1.57 11.52
CA LEU A 969 23.31 1.07 12.72
C LEU A 969 22.38 0.17 13.53
N SER A 970 21.11 0.57 13.65
CA SER A 970 20.13 -0.25 14.36
C SER A 970 19.93 -1.59 13.66
N VAL A 971 19.75 -1.58 12.33
CA VAL A 971 19.58 -2.82 11.58
C VAL A 971 20.68 -3.81 11.94
N LYS A 972 21.93 -3.36 11.90
CA LYS A 972 23.05 -4.26 12.15
C LYS A 972 23.10 -4.73 13.60
N LEU A 973 22.88 -3.82 14.55
CA LEU A 973 23.00 -4.17 15.96
C LEU A 973 21.78 -4.92 16.48
N CYS A 974 20.60 -4.68 15.91
CA CYS A 974 19.42 -5.45 16.33
C CYS A 974 19.59 -6.93 16.04
N GLY A 975 20.32 -7.27 14.98
CA GLY A 975 20.57 -8.65 14.63
C GLY A 975 21.84 -9.24 15.23
N THR A 976 22.56 -8.49 16.06
CA THR A 976 23.79 -8.96 16.67
C THR A 976 23.49 -9.40 18.10
N ILE A 977 23.27 -10.70 18.26
CA ILE A 977 22.92 -11.27 19.55
C ILE A 977 24.17 -11.54 20.36
N SER A 978 24.12 -11.24 21.65
CA SER A 978 25.24 -11.49 22.54
C SER A 978 25.54 -12.99 22.63
N SER A 979 26.79 -13.31 22.91
CA SER A 979 27.20 -14.69 23.09
C SER A 979 27.02 -15.16 24.54
N GLU A 980 26.51 -14.31 25.42
CA GLU A 980 26.35 -14.63 26.83
C GLU A 980 24.90 -14.95 27.12
N ILE A 981 24.63 -16.17 27.59
CA ILE A 981 23.28 -16.52 28.04
C ILE A 981 22.83 -15.58 29.16
N SER A 982 23.78 -15.14 30.00
CA SER A 982 23.44 -14.28 31.13
C SER A 982 23.01 -12.89 30.72
N ASP A 983 23.23 -12.50 29.46
CA ASP A 983 22.74 -11.21 28.98
C ASP A 983 21.23 -11.21 28.75
N TYR A 984 20.63 -12.38 28.56
CA TYR A 984 19.20 -12.49 28.32
C TYR A 984 18.47 -13.31 29.38
N PHE A 985 19.15 -14.23 30.06
CA PHE A 985 18.54 -15.04 31.09
C PHE A 985 19.44 -15.04 32.32
N LYS A 986 18.87 -15.49 33.43
CA LYS A 986 19.49 -15.33 34.73
C LYS A 986 20.48 -16.45 35.04
N ASP A 987 20.20 -17.66 34.56
CA ASP A 987 21.15 -18.76 34.60
C ASP A 987 20.76 -19.73 33.48
N ASP A 988 21.54 -20.81 33.35
CA ASP A 988 21.26 -21.79 32.31
C ASP A 988 19.92 -22.49 32.53
N GLU A 989 19.45 -22.56 33.78
CA GLU A 989 18.20 -23.27 34.06
C GLU A 989 17.00 -22.48 33.55
N VAL A 990 16.98 -21.17 33.78
CA VAL A 990 15.89 -20.34 33.26
C VAL A 990 15.88 -20.36 31.75
N TYR A 991 17.07 -20.34 31.13
CA TYR A 991 17.16 -20.39 29.68
C TYR A 991 16.64 -21.72 29.14
N ALA A 992 17.02 -22.82 29.77
CA ALA A 992 16.55 -24.13 29.32
C ALA A 992 15.04 -24.25 29.44
N GLU A 993 14.46 -23.73 30.52
CA GLU A 993 13.01 -23.78 30.66
C GLU A 993 12.33 -22.92 29.60
N TYR A 994 12.95 -21.79 29.25
CA TYR A 994 12.39 -20.96 28.18
C TYR A 994 12.43 -21.69 26.85
N ILE A 995 13.50 -22.44 26.58
CA ILE A 995 13.59 -23.24 25.37
C ILE A 995 12.47 -24.26 25.30
N SER A 996 12.06 -24.79 26.46
CA SER A 996 11.03 -25.82 26.52
C SER A 996 9.67 -25.33 26.02
N SER A 997 9.48 -24.03 25.83
CA SER A 997 8.22 -23.55 25.27
C SER A 997 8.12 -23.77 23.77
N TYR A 998 9.24 -24.00 23.09
CA TYR A 998 9.25 -24.25 21.65
C TYR A 998 9.88 -25.57 21.27
N LEU A 999 10.48 -26.30 22.21
CA LEU A 999 11.13 -27.58 21.95
C LEU A 999 10.75 -28.57 23.02
N ASP A 1000 10.36 -29.78 22.60
CA ASP A 1000 10.02 -30.85 23.52
C ASP A 1000 11.25 -31.75 23.66
N PHE A 1001 12.17 -31.34 24.55
CA PHE A 1001 13.35 -32.14 24.84
C PHE A 1001 13.11 -33.13 25.97
N GLU A 1002 11.87 -33.59 26.15
CA GLU A 1002 11.53 -34.68 27.07
C GLU A 1002 11.93 -34.32 28.50
N TYR A 1003 11.28 -33.27 29.02
CA TYR A 1003 11.49 -32.81 30.37
C TYR A 1003 10.94 -33.84 31.36
N ASP A 1004 11.81 -34.40 32.20
CA ASP A 1004 11.40 -35.46 33.11
C ASP A 1004 10.68 -34.93 34.34
N GLY A 1005 11.04 -33.73 34.80
CA GLY A 1005 10.41 -33.15 35.97
C GLY A 1005 11.40 -32.56 36.94
N GLY A 1006 12.68 -32.87 36.74
CA GLY A 1006 13.72 -32.31 37.59
C GLY A 1006 14.08 -30.90 37.17
N ASN A 1007 15.30 -30.70 36.69
CA ASN A 1007 15.73 -29.40 36.20
C ASN A 1007 15.81 -29.44 34.68
N TYR A 1008 15.40 -28.34 34.04
CA TYR A 1008 15.34 -28.30 32.59
C TYR A 1008 16.72 -28.41 31.95
N LYS A 1009 17.75 -27.89 32.62
CA LYS A 1009 19.09 -27.88 32.04
C LYS A 1009 19.60 -29.30 31.80
N ASP A 1010 19.43 -30.18 32.79
CA ASP A 1010 19.89 -31.56 32.64
C ASP A 1010 19.03 -32.34 31.66
N SER A 1011 17.72 -32.04 31.61
CA SER A 1011 16.86 -32.69 30.63
C SER A 1011 17.30 -32.35 29.20
N LEU A 1012 17.65 -31.09 28.97
CA LEU A 1012 18.11 -30.69 27.64
C LEU A 1012 19.45 -31.33 27.30
N ASN A 1013 20.36 -31.40 28.29
CA ASN A 1013 21.68 -31.99 28.03
C ASN A 1013 21.56 -33.47 27.70
N ARG A 1014 20.68 -34.19 28.39
CA ARG A 1014 20.46 -35.59 28.06
C ARG A 1014 19.81 -35.75 26.69
N PHE A 1015 18.86 -34.86 26.37
CA PHE A 1015 18.20 -34.91 25.06
C PHE A 1015 19.22 -34.77 23.94
N CYS A 1016 20.09 -33.76 24.03
CA CYS A 1016 21.08 -33.53 22.99
C CYS A 1016 22.12 -34.65 22.94
N ASN A 1017 22.40 -35.28 24.08
CA ASN A 1017 23.36 -36.38 24.14
C ASN A 1017 22.73 -37.73 23.86
N SER A 1018 21.44 -37.78 23.53
CA SER A 1018 20.78 -39.04 23.21
C SER A 1018 20.90 -39.34 21.72
N ASP A 1019 20.68 -40.60 21.37
CA ASP A 1019 20.77 -41.02 19.98
C ASP A 1019 19.56 -40.51 19.20
N ALA A 1020 19.83 -39.95 18.01
CA ALA A 1020 18.76 -39.50 17.13
C ALA A 1020 18.46 -40.56 16.08
N VAL A 1021 19.39 -40.75 15.14
CA VAL A 1021 19.26 -41.77 14.10
C VAL A 1021 20.61 -42.46 13.97
N ASN A 1022 20.65 -43.76 14.25
CA ASN A 1022 21.84 -44.59 14.05
C ASN A 1022 23.04 -44.06 14.80
N ASP A 1023 24.04 -43.57 14.04
CA ASP A 1023 25.29 -43.07 14.62
C ASP A 1023 25.28 -41.56 14.82
N GLN A 1024 24.10 -40.95 14.87
CA GLN A 1024 23.96 -39.50 15.00
C GLN A 1024 23.17 -39.18 16.26
N LYS A 1025 23.73 -38.33 17.11
CA LYS A 1025 23.03 -37.86 18.30
C LYS A 1025 22.18 -36.63 17.97
N VAL A 1026 21.26 -36.31 18.88
CA VAL A 1026 20.39 -35.15 18.68
C VAL A 1026 21.21 -33.89 18.49
N ALA A 1027 22.08 -33.57 19.46
CA ALA A 1027 22.98 -32.42 19.41
C ALA A 1027 22.12 -31.15 19.25
N LEU A 1028 22.52 -30.22 18.37
CA LEU A 1028 21.73 -29.06 17.96
C LEU A 1028 21.60 -27.98 19.02
N TYR A 1029 21.26 -28.34 20.25
CA TYR A 1029 20.83 -27.36 21.24
C TYR A 1029 21.79 -27.21 22.42
N TYR A 1030 22.95 -27.84 22.39
CA TYR A 1030 23.89 -27.74 23.49
C TYR A 1030 25.27 -27.35 22.96
N ASP A 1031 25.98 -26.54 23.76
CA ASP A 1031 27.29 -26.01 23.41
C ASP A 1031 28.22 -26.28 24.58
N GLY A 1032 28.71 -27.51 24.67
CA GLY A 1032 29.64 -27.90 25.71
C GLY A 1032 29.01 -28.02 27.09
N GLU A 1033 29.32 -27.07 27.97
CA GLU A 1033 28.86 -27.12 29.35
C GLU A 1033 27.56 -26.36 29.57
N HIS A 1034 27.05 -25.67 28.57
CA HIS A 1034 25.85 -24.86 28.69
C HIS A 1034 24.96 -25.11 27.48
N PRO A 1035 23.66 -24.85 27.60
CA PRO A 1035 22.80 -24.89 26.42
C PRO A 1035 23.27 -23.90 25.37
N LYS A 1036 23.08 -24.26 24.11
CA LYS A 1036 23.51 -23.40 23.02
C LYS A 1036 22.60 -22.18 22.91
N LEU A 1037 23.21 -21.01 22.75
CA LEU A 1037 22.45 -19.79 22.55
C LEU A 1037 21.88 -19.81 21.13
N ASN A 1038 20.56 -19.95 21.02
CA ASN A 1038 19.90 -19.98 19.73
C ASN A 1038 19.44 -18.57 19.37
N ARG A 1039 19.87 -18.11 18.20
CA ARG A 1039 19.60 -16.73 17.79
C ARG A 1039 18.10 -16.48 17.60
N ASN A 1040 17.38 -17.45 17.05
CA ASN A 1040 15.96 -17.27 16.82
C ASN A 1040 15.17 -17.28 18.13
N ILE A 1041 15.65 -18.01 19.14
CA ILE A 1041 14.98 -18.02 20.44
C ILE A 1041 15.07 -16.64 21.09
N ILE A 1042 16.25 -16.03 21.07
CA ILE A 1042 16.44 -14.76 21.75
C ILE A 1042 15.72 -13.63 21.00
N LEU A 1043 15.73 -13.68 19.66
CA LEU A 1043 14.99 -12.70 18.88
C LEU A 1043 13.49 -12.77 19.16
N SER A 1044 12.95 -13.98 19.33
CA SER A 1044 11.53 -14.10 19.66
C SER A 1044 11.25 -13.64 21.08
N LYS A 1045 12.25 -13.75 21.97
CA LYS A 1045 12.10 -13.23 23.32
C LYS A 1045 12.09 -11.71 23.35
N LEU A 1046 12.95 -11.07 22.54
CA LEU A 1046 13.04 -9.62 22.57
C LEU A 1046 11.94 -8.96 21.74
N TYR A 1047 11.64 -9.52 20.56
CA TYR A 1047 10.78 -8.86 19.59
C TYR A 1047 9.51 -9.63 19.26
N GLY A 1048 9.42 -10.91 19.61
CA GLY A 1048 8.24 -11.71 19.33
C GLY A 1048 7.28 -11.75 20.52
N GLU A 1049 6.20 -12.51 20.33
CA GLU A 1049 5.14 -12.64 21.32
C GLU A 1049 5.03 -14.11 21.71
N ARG A 1050 5.46 -14.42 22.95
CA ARG A 1050 5.65 -15.81 23.34
C ARG A 1050 4.33 -16.58 23.35
N ARG A 1051 3.32 -16.08 24.05
CA ARG A 1051 2.05 -16.79 24.15
C ARG A 1051 1.42 -16.98 22.77
N PHE A 1052 1.55 -15.99 21.89
CA PHE A 1052 1.04 -16.12 20.53
C PHE A 1052 1.72 -17.27 19.79
N LEU A 1053 3.06 -17.30 19.85
CA LEU A 1053 3.80 -18.34 19.13
C LEU A 1053 3.49 -19.73 19.66
N GLU A 1054 3.23 -19.86 20.97
CA GLU A 1054 2.86 -21.15 21.53
C GLU A 1054 1.49 -21.60 21.05
N LYS A 1055 0.57 -20.65 20.87
CA LYS A 1055 -0.80 -20.99 20.53
C LYS A 1055 -0.98 -21.35 19.06
N ILE A 1056 -0.05 -20.95 18.18
CA ILE A 1056 -0.19 -21.19 16.75
C ILE A 1056 0.79 -22.22 16.21
N THR A 1057 1.74 -22.68 17.01
CA THR A 1057 2.73 -23.65 16.55
C THR A 1057 2.75 -24.87 17.46
N ASP A 1058 3.36 -25.94 16.96
CA ASP A 1058 3.65 -27.14 17.73
C ASP A 1058 5.14 -27.17 18.05
N ARG A 1059 5.47 -27.65 19.25
CA ARG A 1059 6.86 -27.70 19.67
C ARG A 1059 7.66 -28.66 18.79
N VAL A 1060 8.94 -28.33 18.60
CA VAL A 1060 9.86 -29.23 17.91
C VAL A 1060 9.96 -30.53 18.71
N SER A 1061 9.87 -31.66 18.00
CA SER A 1061 9.82 -32.97 18.63
C SER A 1061 11.01 -33.81 18.20
N ARG A 1062 11.21 -34.91 18.92
CA ARG A 1062 12.24 -35.88 18.54
C ARG A 1062 12.03 -36.37 17.12
N SER A 1063 10.78 -36.64 16.73
CA SER A 1063 10.52 -37.14 15.38
C SER A 1063 10.86 -36.10 14.33
N ASP A 1064 10.67 -34.81 14.62
CA ASP A 1064 11.16 -33.77 13.73
C ASP A 1064 12.66 -33.89 13.52
N ILE A 1065 13.40 -34.05 14.63
CA ILE A 1065 14.86 -34.11 14.55
C ILE A 1065 15.31 -35.38 13.85
N VAL A 1066 14.61 -36.49 14.08
CA VAL A 1066 14.92 -37.73 13.36
C VAL A 1066 14.75 -37.53 11.86
N GLU A 1067 13.62 -36.96 11.45
CA GLU A 1067 13.38 -36.70 10.03
C GLU A 1067 14.38 -35.69 9.48
N TYR A 1068 14.82 -34.74 10.30
CA TYR A 1068 15.83 -33.79 9.88
C TYR A 1068 17.13 -34.51 9.51
N TYR A 1069 17.63 -35.36 10.40
CA TYR A 1069 18.89 -36.04 10.15
C TYR A 1069 18.81 -37.03 9.00
N LYS A 1070 17.65 -37.68 8.83
CA LYS A 1070 17.52 -38.63 7.73
C LYS A 1070 17.50 -37.93 6.38
N LEU A 1071 16.90 -36.74 6.32
CA LEU A 1071 16.93 -35.98 5.08
C LEU A 1071 18.29 -35.34 4.83
N LYS A 1072 19.01 -35.00 5.91
CA LYS A 1072 20.37 -34.51 5.76
C LYS A 1072 21.28 -35.56 5.14
N LYS A 1073 21.09 -36.82 5.53
CA LYS A 1073 21.90 -37.91 4.97
C LYS A 1073 21.54 -38.16 3.50
N GLU A 1074 20.24 -38.22 3.21
CA GLU A 1074 19.79 -38.51 1.85
C GLU A 1074 20.26 -37.45 0.86
N THR A 1075 20.33 -36.19 1.29
CA THR A 1075 20.72 -35.09 0.41
C THR A 1075 22.19 -34.75 0.51
N SER A 1076 22.98 -35.51 1.27
CA SER A 1076 24.36 -35.14 1.55
C SER A 1076 25.25 -35.22 0.31
N GLN A 1077 24.84 -35.94 -0.73
CA GLN A 1077 25.68 -36.15 -1.90
C GLN A 1077 25.44 -35.13 -3.01
N TYR A 1078 24.33 -34.39 -2.96
CA TYR A 1078 24.01 -33.43 -4.02
C TYR A 1078 23.50 -32.12 -3.44
N GLN A 1079 23.87 -31.80 -2.20
CA GLN A 1079 23.30 -30.63 -1.53
C GLN A 1079 23.73 -29.33 -2.20
N THR A 1080 25.02 -29.18 -2.48
CA THR A 1080 25.53 -27.96 -3.09
C THR A 1080 25.54 -28.04 -4.62
N LYS A 1081 24.80 -28.96 -5.21
CA LYS A 1081 24.60 -28.94 -6.65
C LYS A 1081 23.78 -27.72 -7.07
N GLY A 1082 23.10 -27.07 -6.13
CA GLY A 1082 22.32 -25.88 -6.41
C GLY A 1082 21.07 -26.16 -7.20
N ILE A 1083 21.26 -26.54 -8.47
CA ILE A 1083 20.18 -26.90 -9.36
C ILE A 1083 20.37 -28.36 -9.73
N PHE A 1084 19.29 -29.14 -9.65
CA PHE A 1084 19.40 -30.59 -9.53
C PHE A 1084 18.95 -31.30 -10.80
N ASP A 1085 19.29 -32.59 -10.85
CA ASP A 1085 19.05 -33.44 -12.03
C ASP A 1085 17.65 -34.04 -12.03
N SER A 1086 17.29 -34.75 -10.97
CA SER A 1086 16.05 -35.51 -10.94
C SER A 1086 14.99 -34.80 -10.12
N GLU A 1087 13.73 -35.18 -10.36
CA GLU A 1087 12.61 -34.63 -9.61
C GLU A 1087 12.66 -35.04 -8.15
N ASP A 1088 13.10 -36.27 -7.86
CA ASP A 1088 13.17 -36.73 -6.48
C ASP A 1088 14.26 -36.01 -5.69
N GLU A 1089 15.36 -35.63 -6.35
CA GLU A 1089 16.39 -34.86 -5.66
C GLU A 1089 15.85 -33.50 -5.23
N GLN A 1090 15.16 -32.80 -6.13
CA GLN A 1090 14.65 -31.48 -5.82
C GLN A 1090 13.63 -31.52 -4.69
N LYS A 1091 12.76 -32.53 -4.69
CA LYS A 1091 11.74 -32.62 -3.64
C LYS A 1091 12.36 -32.97 -2.30
N ASN A 1092 13.39 -33.81 -2.29
CA ASN A 1092 14.06 -34.14 -1.03
C ASN A 1092 14.85 -32.96 -0.48
N ILE A 1093 15.38 -32.11 -1.37
CA ILE A 1093 16.07 -30.90 -0.93
C ILE A 1093 15.08 -29.93 -0.29
N LYS A 1094 13.92 -29.74 -0.93
CA LYS A 1094 12.89 -28.88 -0.35
C LYS A 1094 12.44 -29.41 1.01
N LYS A 1095 12.25 -30.72 1.12
CA LYS A 1095 11.82 -31.30 2.40
C LYS A 1095 12.87 -31.09 3.48
N PHE A 1096 14.15 -31.19 3.13
CA PHE A 1096 15.19 -30.95 4.13
C PHE A 1096 15.22 -29.49 4.56
N GLN A 1097 15.07 -28.57 3.60
CA GLN A 1097 15.04 -27.15 3.93
C GLN A 1097 13.88 -26.84 4.87
N GLU A 1098 12.72 -27.48 4.65
CA GLU A 1098 11.58 -27.28 5.54
C GLU A 1098 11.88 -27.82 6.94
N MET A 1099 12.50 -29.00 7.03
CA MET A 1099 12.84 -29.55 8.33
C MET A 1099 13.94 -28.74 9.02
N LYS A 1100 14.88 -28.20 8.25
CA LYS A 1100 15.93 -27.38 8.86
C LYS A 1100 15.32 -26.11 9.46
N ASN A 1101 14.36 -25.50 8.75
CA ASN A 1101 13.69 -24.31 9.28
C ASN A 1101 12.95 -24.62 10.58
N ILE A 1102 12.42 -25.83 10.72
CA ILE A 1102 11.68 -26.18 11.92
C ILE A 1102 12.63 -26.40 13.08
N VAL A 1103 13.68 -27.20 12.87
CA VAL A 1103 14.59 -27.56 13.95
C VAL A 1103 15.44 -26.37 14.41
N GLU A 1104 15.63 -25.37 13.54
CA GLU A 1104 16.37 -24.16 13.89
C GLU A 1104 15.46 -23.04 14.37
N PHE A 1105 14.16 -23.31 14.55
CA PHE A 1105 13.18 -22.30 14.94
C PHE A 1105 13.10 -21.14 13.94
N ARG A 1106 13.42 -21.43 12.67
CA ARG A 1106 13.29 -20.41 11.63
C ARG A 1106 11.84 -20.18 11.24
N ASP A 1107 11.04 -21.25 11.22
CA ASP A 1107 9.60 -21.07 10.98
C ASP A 1107 8.98 -20.20 12.06
N LEU A 1108 9.49 -20.29 13.29
CA LEU A 1108 9.03 -19.43 14.38
C LEU A 1108 9.18 -17.96 14.02
N MET A 1109 10.35 -17.57 13.50
CA MET A 1109 10.58 -16.20 13.09
C MET A 1109 9.69 -15.80 11.93
N ASP A 1110 9.44 -16.73 11.00
CA ASP A 1110 8.56 -16.46 9.88
C ASP A 1110 7.17 -16.10 10.35
N TYR A 1111 6.61 -16.89 11.27
CA TYR A 1111 5.27 -16.60 11.79
C TYR A 1111 5.24 -15.27 12.54
N SER A 1112 6.32 -14.96 13.27
CA SER A 1112 6.39 -13.69 13.99
C SER A 1112 6.40 -12.51 13.02
N GLU A 1113 7.11 -12.64 11.89
CA GLU A 1113 7.14 -11.55 10.92
C GLU A 1113 5.77 -11.38 10.25
N ILE A 1114 5.10 -12.49 9.94
CA ILE A 1114 3.78 -12.39 9.33
C ILE A 1114 2.81 -11.70 10.26
N ALA A 1115 2.83 -12.07 11.54
CA ALA A 1115 2.00 -11.38 12.53
C ALA A 1115 2.37 -9.91 12.62
N ASP A 1116 3.67 -9.59 12.57
CA ASP A 1116 4.07 -8.18 12.61
C ASP A 1116 3.57 -7.43 11.39
N GLU A 1117 3.55 -8.08 10.22
CA GLU A 1117 3.05 -7.42 9.02
C GLU A 1117 1.54 -7.22 9.09
N LEU A 1118 0.81 -8.21 9.60
CA LEU A 1118 -0.63 -8.05 9.79
C LEU A 1118 -0.93 -6.97 10.81
N GLN A 1119 -0.18 -6.93 11.91
CA GLN A 1119 -0.39 -5.92 12.93
C GLN A 1119 0.07 -4.54 12.45
N GLY A 1120 1.17 -4.50 11.71
CA GLY A 1120 1.65 -3.23 11.19
C GLY A 1120 0.66 -2.58 10.23
N GLN A 1121 0.03 -3.39 9.37
CA GLN A 1121 -0.96 -2.85 8.45
C GLN A 1121 -2.16 -2.29 9.19
N LEU A 1122 -2.59 -2.97 10.27
CA LEU A 1122 -3.68 -2.44 11.08
C LEU A 1122 -3.32 -1.08 11.68
N ILE A 1123 -2.08 -0.94 12.16
CA ILE A 1123 -1.65 0.33 12.74
C ILE A 1123 -1.49 1.38 11.63
N ASN A 1124 -1.01 0.97 10.46
CA ASN A 1124 -0.99 1.86 9.31
C ASN A 1124 -2.38 2.43 9.03
N TRP A 1125 -3.39 1.57 9.03
CA TRP A 1125 -4.76 2.04 8.79
C TRP A 1125 -5.25 2.97 9.88
N ILE A 1126 -4.83 2.72 11.12
CA ILE A 1126 -5.19 3.63 12.22
C ILE A 1126 -4.76 5.05 11.88
N TYR A 1127 -3.51 5.23 11.46
CA TYR A 1127 -3.03 6.58 11.19
C TYR A 1127 -3.50 7.13 9.85
N LEU A 1128 -3.91 6.25 8.93
CA LEU A 1128 -4.64 6.72 7.76
C LEU A 1128 -5.98 7.34 8.17
N ARG A 1129 -6.73 6.64 9.03
CA ARG A 1129 -8.01 7.18 9.48
C ARG A 1129 -7.82 8.45 10.30
N GLU A 1130 -6.82 8.50 11.17
CA GLU A 1130 -6.66 9.67 12.04
C GLU A 1130 -6.30 10.90 11.22
N ARG A 1131 -5.46 10.74 10.20
CA ARG A 1131 -5.18 11.83 9.29
C ARG A 1131 -6.47 12.34 8.65
N ASP A 1132 -7.33 11.43 8.22
CA ASP A 1132 -8.52 11.83 7.47
C ASP A 1132 -9.63 12.35 8.38
N LEU A 1133 -9.68 11.88 9.63
CA LEU A 1133 -10.59 12.50 10.60
C LEU A 1133 -10.22 13.95 10.84
N MET A 1134 -8.93 14.24 11.01
CA MET A 1134 -8.50 15.63 11.14
C MET A 1134 -8.82 16.43 9.89
N ASN A 1135 -8.58 15.84 8.71
CA ASN A 1135 -8.88 16.53 7.45
C ASN A 1135 -10.38 16.79 7.30
N PHE A 1136 -11.21 15.83 7.69
CA PHE A 1136 -12.65 16.06 7.62
C PHE A 1136 -13.05 17.22 8.53
N GLN A 1137 -12.58 17.20 9.77
CA GLN A 1137 -12.90 18.27 10.71
C GLN A 1137 -12.36 19.61 10.22
N LEU A 1138 -11.15 19.63 9.68
CA LEU A 1138 -10.60 20.87 9.14
C LEU A 1138 -11.44 21.39 7.99
N GLY A 1139 -11.73 20.53 7.01
CA GLY A 1139 -12.51 20.98 5.86
C GLY A 1139 -13.92 21.41 6.24
N TYR A 1140 -14.54 20.66 7.15
CA TYR A 1140 -15.91 20.98 7.56
C TYR A 1140 -15.97 22.32 8.30
N HIS A 1141 -15.09 22.50 9.30
CA HIS A 1141 -15.13 23.74 10.05
C HIS A 1141 -14.54 24.91 9.26
N TYR A 1142 -13.63 24.64 8.34
CA TYR A 1142 -13.21 25.69 7.41
C TYR A 1142 -14.38 26.17 6.56
N ALA A 1143 -15.21 25.25 6.09
CA ALA A 1143 -16.41 25.65 5.36
C ALA A 1143 -17.37 26.42 6.26
N CYS A 1144 -17.47 26.01 7.53
CA CYS A 1144 -18.36 26.70 8.46
C CYS A 1144 -17.85 28.10 8.76
N LEU A 1145 -16.55 28.24 9.02
CA LEU A 1145 -15.94 29.55 9.21
C LEU A 1145 -16.24 30.50 8.06
N ASN A 1146 -16.37 29.97 6.84
CA ASN A 1146 -16.47 30.79 5.65
C ASN A 1146 -17.88 30.89 5.10
N ASN A 1147 -18.90 30.44 5.83
CA ASN A 1147 -20.28 30.69 5.46
C ASN A 1147 -20.87 31.72 6.42
N ASP A 1148 -22.15 32.05 6.22
CA ASP A 1148 -22.80 33.11 6.98
C ASP A 1148 -23.53 32.60 8.22
N SER A 1149 -23.40 31.32 8.55
CA SER A 1149 -24.11 30.80 9.70
C SER A 1149 -23.59 31.41 10.99
N ASN A 1150 -24.43 31.35 12.03
CA ASN A 1150 -24.10 31.95 13.32
C ASN A 1150 -22.89 31.25 13.94
N LYS A 1151 -21.87 32.03 14.28
CA LYS A 1151 -20.65 31.51 14.88
C LYS A 1151 -20.28 32.37 16.08
N GLN A 1152 -20.00 31.72 17.21
CA GLN A 1152 -19.68 32.44 18.42
C GLN A 1152 -18.24 32.96 18.40
N ALA A 1153 -17.94 33.80 19.40
CA ALA A 1153 -16.67 34.54 19.40
C ALA A 1153 -15.48 33.59 19.46
N THR A 1154 -15.48 32.66 20.42
CA THR A 1154 -14.30 31.82 20.61
C THR A 1154 -14.15 30.76 19.51
N TYR A 1155 -15.20 30.52 18.73
CA TYR A 1155 -15.06 29.66 17.55
C TYR A 1155 -14.15 30.32 16.51
N VAL A 1156 -14.22 31.64 16.40
CA VAL A 1156 -13.45 32.38 15.41
C VAL A 1156 -12.14 32.91 15.98
N THR A 1157 -12.18 33.44 17.20
CA THR A 1157 -11.03 34.13 17.78
C THR A 1157 -10.84 33.73 19.23
N LEU A 1158 -9.62 33.30 19.57
CA LEU A 1158 -9.20 33.09 20.94
C LEU A 1158 -8.28 34.23 21.35
N ASP A 1159 -8.59 34.88 22.46
CA ASP A 1159 -7.76 35.96 23.00
C ASP A 1159 -7.30 35.52 24.39
N TYR A 1160 -6.26 34.69 24.43
CA TYR A 1160 -5.78 34.14 25.69
C TYR A 1160 -4.89 35.15 26.39
N GLN A 1161 -5.23 35.46 27.65
CA GLN A 1161 -4.56 36.53 28.39
C GLN A 1161 -3.71 36.02 29.55
N GLY A 1162 -3.43 34.73 29.61
CA GLY A 1162 -2.57 34.18 30.63
C GLY A 1162 -1.15 34.71 30.45
N LYS A 1163 -0.24 34.17 31.27
CA LYS A 1163 1.17 34.57 31.18
C LYS A 1163 1.74 34.26 29.81
N LYS A 1164 1.32 33.17 29.19
CA LYS A 1164 1.69 32.86 27.82
C LYS A 1164 0.59 33.32 26.87
N ASN A 1165 0.42 34.64 26.82
CA ASN A 1165 -0.69 35.24 26.09
C ASN A 1165 -0.51 35.04 24.59
N ARG A 1166 -1.65 34.87 23.91
CA ARG A 1166 -1.65 34.70 22.46
C ARG A 1166 -3.07 34.92 21.94
N LYS A 1167 -3.16 35.58 20.79
CA LYS A 1167 -4.43 35.77 20.10
C LYS A 1167 -4.44 34.89 18.86
N ILE A 1168 -5.46 34.03 18.75
CA ILE A 1168 -5.54 33.03 17.69
C ILE A 1168 -6.74 33.38 16.81
N ASN A 1169 -6.47 33.87 15.60
CA ASN A 1169 -7.51 34.07 14.61
C ASN A 1169 -7.71 32.80 13.79
N GLY A 1170 -8.96 32.43 13.58
CA GLY A 1170 -9.24 31.11 13.02
C GLY A 1170 -9.05 30.05 14.08
N ALA A 1171 -9.56 30.32 15.28
CA ALA A 1171 -9.25 29.50 16.45
C ALA A 1171 -9.69 28.05 16.27
N ILE A 1172 -10.85 27.82 15.66
CA ILE A 1172 -11.36 26.45 15.53
C ILE A 1172 -10.36 25.61 14.73
N LEU A 1173 -9.79 26.17 13.67
CA LEU A 1173 -8.84 25.39 12.87
C LEU A 1173 -7.56 25.09 13.65
N TYR A 1174 -7.05 26.08 14.39
CA TYR A 1174 -5.87 25.87 15.22
C TYR A 1174 -6.12 24.76 16.23
N GLN A 1175 -7.27 24.79 16.89
CA GLN A 1175 -7.56 23.84 17.97
C GLN A 1175 -7.77 22.43 17.43
N ILE A 1176 -8.32 22.30 16.22
CA ILE A 1176 -8.44 20.98 15.61
C ILE A 1176 -7.07 20.37 15.37
N CYS A 1177 -6.17 21.13 14.74
CA CYS A 1177 -4.84 20.59 14.47
C CYS A 1177 -4.08 20.32 15.76
N ALA A 1178 -4.32 21.12 16.81
CA ALA A 1178 -3.62 20.90 18.06
C ALA A 1178 -3.94 19.54 18.65
N MET A 1179 -5.14 19.01 18.40
CA MET A 1179 -5.50 17.69 18.89
C MET A 1179 -4.60 16.59 18.34
N TYR A 1180 -3.99 16.80 17.18
CA TYR A 1180 -3.30 15.72 16.48
C TYR A 1180 -1.80 15.90 16.36
N ILE A 1181 -1.23 17.01 16.83
CA ILE A 1181 0.18 17.31 16.66
C ILE A 1181 0.85 17.33 18.03
N ASN A 1182 1.80 16.42 18.24
CA ASN A 1182 2.54 16.36 19.49
C ASN A 1182 3.42 17.60 19.63
N GLY A 1183 3.15 18.41 20.63
CA GLY A 1183 3.88 19.64 20.88
C GLY A 1183 3.10 20.90 20.59
N LEU A 1184 1.91 20.81 19.98
CA LEU A 1184 1.11 21.98 19.69
C LEU A 1184 0.20 22.25 20.89
N PRO A 1185 0.37 23.38 21.59
CA PRO A 1185 -0.47 23.64 22.77
C PRO A 1185 -1.94 23.83 22.40
N LEU A 1186 -2.81 23.50 23.35
CA LEU A 1186 -4.24 23.67 23.19
C LEU A 1186 -4.77 24.58 24.30
N TYR A 1187 -5.71 25.45 23.94
CA TYR A 1187 -6.32 26.39 24.88
C TYR A 1187 -7.68 25.87 25.31
N TYR A 1188 -7.93 25.88 26.61
CA TYR A 1188 -9.16 25.30 27.15
C TYR A 1188 -9.39 25.84 28.56
N VAL A 1189 -10.59 25.59 29.08
CA VAL A 1189 -10.92 25.89 30.46
C VAL A 1189 -10.69 24.64 31.29
N ASP A 1190 -9.78 24.73 32.25
CA ASP A 1190 -9.37 23.57 33.03
C ASP A 1190 -10.51 23.08 33.92
N LYS A 1191 -10.53 21.76 34.14
CA LYS A 1191 -11.55 21.12 34.96
C LYS A 1191 -11.58 21.68 36.37
N ASP A 1192 -10.44 21.64 37.07
CA ASP A 1192 -10.41 21.94 38.49
C ASP A 1192 -10.36 23.44 38.76
N SER A 1193 -9.67 24.21 37.92
CA SER A 1193 -9.59 25.65 38.13
C SER A 1193 -10.78 26.41 37.57
N SER A 1194 -11.49 25.82 36.61
CA SER A 1194 -12.58 26.47 35.88
C SER A 1194 -12.13 27.76 35.19
N GLU A 1195 -10.83 27.90 34.93
CA GLU A 1195 -10.27 29.08 34.26
C GLU A 1195 -9.55 28.66 32.98
N TRP A 1196 -9.42 29.61 32.06
CA TRP A 1196 -8.71 29.36 30.81
C TRP A 1196 -7.23 29.09 31.08
N THR A 1197 -6.67 28.14 30.32
CA THR A 1197 -5.25 27.83 30.41
C THR A 1197 -4.78 27.34 29.06
N VAL A 1198 -3.47 27.14 28.94
CA VAL A 1198 -2.86 26.58 27.75
C VAL A 1198 -1.95 25.44 28.18
N SER A 1199 -2.02 24.32 27.47
CA SER A 1199 -1.18 23.17 27.77
C SER A 1199 0.20 23.35 27.16
N ASP A 1200 1.10 22.40 27.44
CA ASP A 1200 2.40 22.41 26.78
C ASP A 1200 2.37 21.74 25.42
N GLY A 1201 1.25 21.13 25.03
CA GLY A 1201 1.10 20.50 23.74
C GLY A 1201 1.55 19.07 23.66
N LYS A 1202 2.16 18.54 24.73
CA LYS A 1202 2.70 17.18 24.72
C LYS A 1202 1.77 16.16 25.36
N GLU A 1203 0.60 16.58 25.83
CA GLU A 1203 -0.34 15.64 26.40
C GLU A 1203 -0.89 14.71 25.31
N SER A 1204 -1.49 13.60 25.75
CA SER A 1204 -1.93 12.55 24.85
C SER A 1204 -3.07 13.04 23.95
N THR A 1205 -3.29 12.27 22.87
CA THR A 1205 -4.43 12.53 21.99
C THR A 1205 -5.74 12.52 22.77
N GLY A 1206 -5.91 11.53 23.65
CA GLY A 1206 -7.12 11.48 24.45
C GLY A 1206 -7.26 12.67 25.37
N ALA A 1207 -6.15 13.16 25.92
CA ALA A 1207 -6.20 14.35 26.75
C ALA A 1207 -6.58 15.58 25.93
N LYS A 1208 -6.05 15.69 24.71
CA LYS A 1208 -6.36 16.84 23.88
C LYS A 1208 -7.81 16.84 23.42
N ILE A 1209 -8.39 15.66 23.19
CA ILE A 1209 -9.80 15.60 22.83
C ILE A 1209 -10.65 16.11 23.99
N GLY A 1210 -10.34 15.68 25.22
CA GLY A 1210 -11.05 16.20 26.37
C GLY A 1210 -10.89 17.70 26.53
N GLU A 1211 -9.66 18.19 26.28
CA GLU A 1211 -9.42 19.63 26.35
C GLU A 1211 -10.18 20.39 25.26
N PHE A 1212 -10.23 19.82 24.05
CA PHE A 1212 -11.03 20.44 22.99
C PHE A 1212 -12.49 20.56 23.39
N TYR A 1213 -13.03 19.53 24.02
CA TYR A 1213 -14.40 19.60 24.50
C TYR A 1213 -14.59 20.75 25.48
N ARG A 1214 -13.59 21.02 26.32
CA ARG A 1214 -13.66 22.10 27.29
C ARG A 1214 -13.36 23.46 26.66
N TYR A 1215 -12.77 23.49 25.48
CA TYR A 1215 -12.70 24.73 24.71
C TYR A 1215 -14.04 25.04 24.07
N ALA A 1216 -14.72 24.03 23.54
CA ALA A 1216 -16.00 24.23 22.87
C ALA A 1216 -17.19 24.11 23.80
N LYS A 1217 -16.97 23.87 25.09
CA LYS A 1217 -18.08 23.56 26.00
C LYS A 1217 -19.04 24.73 26.16
N SER A 1218 -18.60 25.95 25.86
CA SER A 1218 -19.46 27.12 25.91
C SER A 1218 -20.40 27.22 24.71
N PHE A 1219 -20.15 26.43 23.64
CA PHE A 1219 -20.86 26.64 22.40
C PHE A 1219 -22.35 26.37 22.58
N GLU A 1220 -23.17 27.33 22.12
CA GLU A 1220 -24.60 27.32 22.39
C GLU A 1220 -25.42 26.81 21.21
N ASN A 1221 -24.86 26.74 20.01
CA ASN A 1221 -25.56 26.24 18.84
C ASN A 1221 -25.26 24.76 18.58
N THR A 1222 -24.55 24.10 19.48
CA THR A 1222 -24.31 22.67 19.38
C THR A 1222 -23.98 22.12 20.76
N SER A 1223 -24.23 20.83 20.94
CA SER A 1223 -23.85 20.12 22.15
C SER A 1223 -22.52 19.40 22.02
N ASP A 1224 -21.96 19.29 20.81
CA ASP A 1224 -20.70 18.57 20.60
C ASP A 1224 -20.08 19.10 19.31
N CYS A 1225 -19.23 20.12 19.45
CA CYS A 1225 -18.55 20.69 18.30
C CYS A 1225 -17.57 19.70 17.68
N TYR A 1226 -16.91 18.89 18.52
CA TYR A 1226 -15.96 17.90 18.02
C TYR A 1226 -16.62 16.95 17.03
N ALA A 1227 -17.86 16.56 17.29
CA ALA A 1227 -18.57 15.58 16.48
C ALA A 1227 -19.45 16.21 15.40
N SER A 1228 -19.42 17.54 15.26
CA SER A 1228 -20.27 18.21 14.30
C SER A 1228 -19.94 17.73 12.89
N GLY A 1229 -20.98 17.29 12.16
CA GLY A 1229 -20.81 16.77 10.82
C GLY A 1229 -20.33 15.35 10.73
N LEU A 1230 -19.95 14.72 11.85
CA LEU A 1230 -19.40 13.38 11.77
C LEU A 1230 -20.42 12.32 11.37
N GLU A 1231 -21.71 12.69 11.27
CA GLU A 1231 -22.68 11.77 10.68
C GLU A 1231 -22.35 11.46 9.23
N ILE A 1232 -21.57 12.34 8.58
CA ILE A 1232 -21.10 12.07 7.22
C ILE A 1232 -19.87 11.17 7.24
N PHE A 1233 -19.05 11.28 8.29
CA PHE A 1233 -17.80 10.54 8.38
C PHE A 1233 -18.01 9.11 8.87
N GLU A 1234 -18.98 8.87 9.74
CA GLU A 1234 -19.11 7.61 10.44
C GLU A 1234 -20.53 7.45 10.96
N ASN A 1235 -20.79 6.32 11.62
CA ASN A 1235 -22.02 6.13 12.39
C ASN A 1235 -21.72 6.59 13.82
N ILE A 1236 -22.33 7.71 14.21
CA ILE A 1236 -22.05 8.32 15.51
C ILE A 1236 -22.29 7.34 16.65
N SER A 1237 -23.30 6.48 16.51
CA SER A 1237 -23.62 5.52 17.57
C SER A 1237 -22.51 4.53 17.82
N GLU A 1238 -21.59 4.35 16.87
CA GLU A 1238 -20.47 3.44 16.98
C GLU A 1238 -19.16 4.14 17.27
N HIS A 1239 -19.19 5.45 17.56
CA HIS A 1239 -17.96 6.22 17.68
C HIS A 1239 -17.04 5.65 18.76
N ASP A 1240 -17.60 5.33 19.93
CA ASP A 1240 -16.79 4.77 21.00
C ASP A 1240 -16.30 3.36 20.67
N ASN A 1241 -17.05 2.62 19.86
CA ASN A 1241 -16.56 1.32 19.41
C ASN A 1241 -15.36 1.48 18.48
N ILE A 1242 -15.34 2.54 17.68
CA ILE A 1242 -14.19 2.79 16.82
C ILE A 1242 -12.96 3.09 17.67
N THR A 1243 -13.13 3.96 18.67
CA THR A 1243 -12.02 4.26 19.60
C THR A 1243 -11.53 2.99 20.29
N GLU A 1244 -12.46 2.11 20.69
CA GLU A 1244 -12.05 0.87 21.34
C GLU A 1244 -11.24 -0.02 20.40
N LEU A 1245 -11.69 -0.15 19.15
CA LEU A 1245 -10.93 -0.94 18.19
C LEU A 1245 -9.56 -0.34 17.92
N ARG A 1246 -9.49 0.98 17.78
CA ARG A 1246 -8.21 1.65 17.57
C ARG A 1246 -7.26 1.38 18.73
N ASN A 1247 -7.76 1.52 19.96
CA ASN A 1247 -6.92 1.25 21.13
C ASN A 1247 -6.56 -0.24 21.22
N TYR A 1248 -7.51 -1.12 20.91
CA TYR A 1248 -7.23 -2.55 20.96
C TYR A 1248 -6.03 -2.91 20.10
N ILE A 1249 -5.99 -2.38 18.88
CA ILE A 1249 -4.90 -2.67 17.95
C ILE A 1249 -3.60 -2.02 18.43
N GLU A 1250 -3.61 -0.69 18.62
CA GLU A 1250 -2.37 0.01 18.90
C GLU A 1250 -1.79 -0.34 20.27
N HIS A 1251 -2.61 -0.80 21.20
CA HIS A 1251 -2.11 -1.21 22.51
C HIS A 1251 -1.73 -2.69 22.54
N PHE A 1252 -1.81 -3.39 21.40
CA PHE A 1252 -1.40 -4.79 21.29
C PHE A 1252 -2.18 -5.69 22.24
N ARG A 1253 -3.46 -5.37 22.45
CA ARG A 1253 -4.29 -6.14 23.37
C ARG A 1253 -4.48 -7.59 22.90
N TYR A 1254 -4.42 -7.81 21.59
CA TYR A 1254 -4.58 -9.17 21.06
C TYR A 1254 -3.58 -10.13 21.68
N TYR A 1255 -2.34 -9.68 21.90
CA TYR A 1255 -1.31 -10.56 22.42
C TYR A 1255 -1.41 -10.80 23.92
N SER A 1256 -2.31 -10.11 24.62
CA SER A 1256 -2.54 -10.36 26.03
C SER A 1256 -3.80 -11.17 26.30
N SER A 1257 -4.84 -11.00 25.50
CA SER A 1257 -6.13 -11.62 25.77
C SER A 1257 -6.53 -12.68 24.76
N PHE A 1258 -6.19 -12.50 23.48
CA PHE A 1258 -6.56 -13.43 22.42
C PHE A 1258 -8.07 -13.66 22.38
N ASP A 1259 -8.83 -12.58 22.65
CA ASP A 1259 -10.28 -12.67 22.63
C ASP A 1259 -10.84 -12.65 21.22
N ARG A 1260 -10.09 -12.07 20.28
CA ARG A 1260 -10.48 -12.02 18.88
C ARG A 1260 -9.34 -12.56 18.03
N SER A 1261 -9.65 -12.88 16.79
CA SER A 1261 -8.68 -13.35 15.83
C SER A 1261 -8.23 -12.21 14.93
N PHE A 1262 -7.09 -12.40 14.27
CA PHE A 1262 -6.71 -11.48 13.21
C PHE A 1262 -7.81 -11.34 12.17
N LEU A 1263 -8.42 -12.46 11.77
CA LEU A 1263 -9.52 -12.39 10.82
C LEU A 1263 -10.69 -11.58 11.38
N GLY A 1264 -10.92 -11.68 12.69
CA GLY A 1264 -12.00 -10.91 13.30
C GLY A 1264 -11.68 -9.43 13.39
N ILE A 1265 -10.41 -9.09 13.63
CA ILE A 1265 -10.03 -7.69 13.66
C ILE A 1265 -10.12 -7.08 12.27
N TYR A 1266 -9.57 -7.77 11.26
CA TYR A 1266 -9.70 -7.31 9.88
C TYR A 1266 -11.17 -7.22 9.47
N SER A 1267 -12.01 -8.12 9.99
CA SER A 1267 -13.43 -8.08 9.66
C SER A 1267 -14.08 -6.80 10.18
N GLU A 1268 -13.77 -6.41 11.43
CA GLU A 1268 -14.38 -5.21 11.99
C GLU A 1268 -13.84 -3.94 11.33
N VAL A 1269 -12.57 -3.95 10.92
CA VAL A 1269 -12.04 -2.84 10.14
C VAL A 1269 -12.82 -2.69 8.84
N PHE A 1270 -13.01 -3.81 8.12
CA PHE A 1270 -13.80 -3.79 6.90
C PHE A 1270 -15.23 -3.33 7.17
N ASP A 1271 -15.80 -3.74 8.31
CA ASP A 1271 -17.19 -3.43 8.59
C ASP A 1271 -17.39 -1.94 8.85
N ARG A 1272 -16.56 -1.33 9.71
CA ARG A 1272 -16.88 0.02 10.15
C ARG A 1272 -15.69 0.95 10.44
N PHE A 1273 -14.46 0.57 10.12
CA PHE A 1273 -13.35 1.49 10.37
C PHE A 1273 -13.21 2.53 9.26
N PHE A 1274 -13.51 2.15 8.02
CA PHE A 1274 -13.38 3.07 6.90
C PHE A 1274 -14.74 3.45 6.32
N THR A 1275 -15.67 3.86 7.18
CA THR A 1275 -16.96 4.35 6.72
C THR A 1275 -16.83 5.66 5.96
N TYR A 1276 -15.71 6.37 6.12
CA TYR A 1276 -15.55 7.70 5.56
C TYR A 1276 -15.09 7.72 4.10
N ASP A 1277 -14.57 6.61 3.58
CA ASP A 1277 -14.08 6.60 2.20
C ASP A 1277 -14.11 5.18 1.66
N LEU A 1278 -14.95 4.96 0.63
CA LEU A 1278 -15.12 3.64 0.05
C LEU A 1278 -13.81 3.07 -0.49
N LYS A 1279 -12.94 3.91 -1.04
CA LYS A 1279 -11.75 3.37 -1.71
C LYS A 1279 -10.77 2.72 -0.72
N TYR A 1280 -10.82 3.10 0.55
CA TYR A 1280 -10.06 2.40 1.57
C TYR A 1280 -10.79 1.15 2.06
N ARG A 1281 -12.08 1.28 2.37
CA ARG A 1281 -12.83 0.13 2.90
C ARG A 1281 -12.77 -1.06 1.94
N LYS A 1282 -13.04 -0.81 0.66
CA LYS A 1282 -13.20 -1.91 -0.28
C LYS A 1282 -11.88 -2.56 -0.69
N ASN A 1283 -10.74 -2.04 -0.23
CA ASN A 1283 -9.45 -2.69 -0.47
C ASN A 1283 -8.92 -3.43 0.75
N VAL A 1284 -9.64 -3.37 1.88
CA VAL A 1284 -9.16 -4.04 3.09
C VAL A 1284 -8.98 -5.53 2.89
N PRO A 1285 -9.93 -6.29 2.34
CA PRO A 1285 -9.69 -7.74 2.18
C PRO A 1285 -8.56 -8.05 1.21
N THR A 1286 -8.42 -7.28 0.13
CA THR A 1286 -7.36 -7.52 -0.84
C THR A 1286 -5.98 -7.33 -0.22
N ILE A 1287 -5.84 -6.29 0.61
CA ILE A 1287 -4.58 -6.03 1.30
C ILE A 1287 -4.21 -7.22 2.20
N LEU A 1288 -5.19 -7.75 2.93
CA LEU A 1288 -4.98 -8.96 3.72
C LEU A 1288 -4.58 -10.13 2.84
N TYR A 1289 -5.30 -10.33 1.72
CA TYR A 1289 -4.95 -11.38 0.78
C TYR A 1289 -3.53 -11.22 0.26
N ASN A 1290 -3.11 -9.98 0.01
CA ASN A 1290 -1.78 -9.73 -0.54
C ASN A 1290 -0.69 -10.07 0.47
N ILE A 1291 -0.91 -9.74 1.75
CA ILE A 1291 0.09 -10.03 2.78
C ILE A 1291 0.36 -11.52 2.85
N LEU A 1292 -0.72 -12.33 2.86
CA LEU A 1292 -0.57 -13.77 2.89
C LEU A 1292 0.10 -14.29 1.61
N LEU A 1293 -0.27 -13.74 0.45
CA LEU A 1293 0.31 -14.21 -0.80
C LEU A 1293 1.80 -13.88 -0.88
N GLN A 1294 2.24 -12.80 -0.20
CA GLN A 1294 3.66 -12.48 -0.17
C GLN A 1294 4.46 -13.60 0.49
N HIS A 1295 3.82 -14.38 1.37
CA HIS A 1295 4.44 -15.55 1.98
C HIS A 1295 3.98 -16.85 1.34
N PHE A 1296 3.48 -16.76 0.09
CA PHE A 1296 3.17 -17.91 -0.75
C PHE A 1296 1.99 -18.72 -0.22
N VAL A 1297 1.08 -18.07 0.49
CA VAL A 1297 -0.15 -18.69 0.97
C VAL A 1297 -1.32 -18.06 0.23
N ASN A 1298 -2.10 -18.89 -0.46
CA ASN A 1298 -3.28 -18.45 -1.19
C ASN A 1298 -4.51 -18.78 -0.36
N VAL A 1299 -5.35 -17.76 -0.11
CA VAL A 1299 -6.58 -17.96 0.66
C VAL A 1299 -7.76 -17.51 -0.19
N ARG A 1300 -8.88 -18.20 0.00
CA ARG A 1300 -10.13 -17.87 -0.68
C ARG A 1300 -11.12 -17.37 0.37
N PHE A 1301 -11.50 -16.10 0.26
CA PHE A 1301 -12.34 -15.46 1.26
C PHE A 1301 -13.79 -15.89 1.11
N GLU A 1302 -14.50 -15.85 2.24
CA GLU A 1302 -15.93 -16.03 2.27
C GLU A 1302 -16.50 -14.95 3.17
N PHE A 1303 -17.46 -14.18 2.66
CA PHE A 1303 -18.03 -13.06 3.38
C PHE A 1303 -19.36 -13.48 4.00
N VAL A 1304 -19.37 -13.62 5.32
CA VAL A 1304 -20.56 -14.07 6.04
C VAL A 1304 -20.87 -13.06 7.14
N SER A 1305 -21.61 -13.49 8.16
CA SER A 1305 -22.08 -12.60 9.21
C SER A 1305 -21.45 -12.95 10.56
N GLY A 1306 -21.13 -11.91 11.33
CA GLY A 1306 -20.66 -12.02 12.69
C GLY A 1306 -21.47 -11.10 13.59
N LYS A 1307 -20.84 -10.68 14.68
CA LYS A 1307 -21.49 -9.83 15.66
C LYS A 1307 -20.57 -8.68 16.05
N LYS A 1308 -21.18 -7.54 16.35
CA LYS A 1308 -20.46 -6.38 16.85
C LYS A 1308 -21.34 -5.65 17.85
N MET A 1309 -20.70 -4.91 18.75
CA MET A 1309 -21.41 -4.11 19.73
C MET A 1309 -21.57 -2.68 19.24
N ILE A 1310 -22.69 -2.06 19.63
CA ILE A 1310 -22.96 -0.66 19.37
C ILE A 1310 -22.95 0.05 20.72
N GLY A 1311 -21.95 0.88 20.95
CA GLY A 1311 -21.77 1.52 22.23
C GLY A 1311 -20.89 0.71 23.17
N ILE A 1312 -20.45 1.38 24.23
CA ILE A 1312 -19.56 0.79 25.23
C ILE A 1312 -20.21 0.91 26.59
N ASP A 1313 -20.19 -0.18 27.36
CA ASP A 1313 -20.75 -0.18 28.70
C ASP A 1313 -19.75 0.38 29.69
N LYS A 1314 -20.20 1.30 30.54
CA LYS A 1314 -19.34 1.91 31.56
C LYS A 1314 -19.91 1.66 32.95
N LYS A 1318 -24.30 1.30 30.55
CA LYS A 1318 -24.69 -0.08 30.25
C LYS A 1318 -25.74 -0.11 29.14
N ILE A 1319 -25.42 0.46 27.99
CA ILE A 1319 -26.38 0.62 26.90
C ILE A 1319 -25.93 -0.07 25.62
N ALA A 1320 -24.86 -0.87 25.68
CA ALA A 1320 -24.35 -1.51 24.47
C ALA A 1320 -25.30 -2.59 23.98
N LYS A 1321 -25.65 -2.52 22.70
CA LYS A 1321 -26.47 -3.53 22.05
C LYS A 1321 -25.64 -4.26 21.00
N GLU A 1322 -26.03 -5.50 20.72
CA GLU A 1322 -25.33 -6.33 19.75
C GLU A 1322 -26.04 -6.26 18.39
N LYS A 1323 -25.24 -6.33 17.34
CA LYS A 1323 -25.75 -6.19 15.97
C LYS A 1323 -24.95 -7.11 15.05
N GLU A 1324 -25.52 -7.37 13.87
CA GLU A 1324 -24.80 -8.13 12.86
C GLU A 1324 -23.58 -7.33 12.40
N CYS A 1325 -22.51 -8.06 12.08
CA CYS A 1325 -21.26 -7.47 11.62
C CYS A 1325 -20.73 -8.27 10.44
N ALA A 1326 -20.07 -7.60 9.51
CA ALA A 1326 -19.38 -8.31 8.44
C ALA A 1326 -18.32 -9.22 9.04
N ARG A 1327 -18.25 -10.45 8.53
CA ARG A 1327 -17.23 -11.40 8.97
C ARG A 1327 -16.52 -11.94 7.75
N ILE A 1328 -15.22 -11.65 7.65
CA ILE A 1328 -14.37 -12.23 6.63
C ILE A 1328 -13.82 -13.54 7.17
N THR A 1329 -14.12 -14.64 6.49
CA THR A 1329 -13.59 -15.94 6.86
C THR A 1329 -13.00 -16.58 5.61
N ILE A 1330 -12.49 -17.80 5.77
CA ILE A 1330 -11.88 -18.55 4.68
C ILE A 1330 -12.77 -19.74 4.35
N ARG A 1331 -12.89 -20.04 3.05
CA ARG A 1331 -13.75 -21.13 2.59
C ARG A 1331 -13.45 -22.42 3.36
N GLU A 1332 -14.53 -23.08 3.82
CA GLU A 1332 -14.39 -24.21 4.74
C GLU A 1332 -13.63 -25.36 4.10
N LYS A 1333 -13.86 -25.63 2.82
CA LYS A 1333 -13.15 -26.68 2.12
C LYS A 1333 -12.34 -26.08 0.97
N ASN A 1334 -11.07 -26.47 0.90
CA ASN A 1334 -10.14 -25.97 -0.11
C ASN A 1334 -10.09 -24.44 -0.12
N GLY A 1335 -9.97 -23.86 1.07
CA GLY A 1335 -9.89 -22.42 1.22
C GLY A 1335 -8.47 -21.89 1.30
N VAL A 1336 -7.51 -22.77 1.57
CA VAL A 1336 -6.11 -22.39 1.71
C VAL A 1336 -5.26 -23.36 0.90
N TYR A 1337 -4.38 -22.81 0.05
CA TYR A 1337 -3.43 -23.65 -0.68
C TYR A 1337 -2.15 -22.88 -0.89
N SER A 1338 -1.05 -23.63 -1.02
CA SER A 1338 0.26 -23.04 -1.19
C SER A 1338 0.48 -22.66 -2.65
N GLU A 1339 1.19 -21.56 -2.86
CA GLU A 1339 1.75 -21.27 -4.17
C GLU A 1339 2.75 -22.35 -4.56
N GLN A 1340 2.85 -22.60 -5.85
CA GLN A 1340 3.82 -23.57 -6.39
C GLN A 1340 5.09 -22.84 -6.81
N PHE A 1341 6.23 -23.41 -6.44
CA PHE A 1341 7.52 -22.94 -6.94
C PHE A 1341 7.83 -23.60 -8.28
N THR A 1342 8.38 -22.82 -9.21
CA THR A 1342 8.83 -23.35 -10.50
C THR A 1342 10.32 -23.66 -10.36
N TYR A 1343 10.63 -24.94 -10.20
CA TYR A 1343 12.00 -25.40 -10.00
C TYR A 1343 12.54 -25.94 -11.31
N LYS A 1344 13.43 -25.18 -11.94
CA LYS A 1344 14.04 -25.61 -13.18
C LYS A 1344 15.10 -26.67 -12.90
N LEU A 1345 15.05 -27.77 -13.65
CA LEU A 1345 16.05 -28.82 -13.56
C LEU A 1345 17.03 -28.66 -14.72
N LYS A 1346 17.90 -29.66 -14.92
CA LYS A 1346 18.83 -29.61 -16.04
C LYS A 1346 18.09 -29.66 -17.37
N ASN A 1347 17.16 -30.60 -17.51
CA ASN A 1347 16.37 -30.75 -18.72
C ASN A 1347 14.92 -30.32 -18.53
N GLY A 1348 14.27 -30.74 -17.45
CA GLY A 1348 12.87 -30.50 -17.24
C GLY A 1348 12.59 -29.43 -16.21
N THR A 1349 11.31 -29.31 -15.87
CA THR A 1349 10.83 -28.36 -14.86
C THR A 1349 9.83 -29.07 -13.97
N VAL A 1350 10.01 -28.93 -12.66
CA VAL A 1350 9.11 -29.54 -11.69
C VAL A 1350 8.49 -28.45 -10.84
N TYR A 1351 7.25 -28.67 -10.41
CA TYR A 1351 6.52 -27.75 -9.56
C TYR A 1351 6.37 -28.34 -8.17
N VAL A 1352 6.77 -27.57 -7.15
CA VAL A 1352 6.77 -28.01 -5.76
C VAL A 1352 6.03 -26.97 -4.93
N ASP A 1353 5.23 -27.44 -3.98
CA ASP A 1353 4.57 -26.52 -3.05
C ASP A 1353 5.60 -25.70 -2.29
N ALA A 1354 5.44 -24.38 -2.33
CA ALA A 1354 6.31 -23.51 -1.55
C ALA A 1354 6.18 -23.76 -0.06
N ARG A 1355 4.97 -24.10 0.40
CA ARG A 1355 4.69 -24.26 1.82
C ARG A 1355 3.94 -25.58 2.03
N ASP A 1356 4.43 -26.40 2.95
CA ASP A 1356 3.84 -27.69 3.23
C ASP A 1356 2.59 -27.53 4.10
N LYS A 1357 1.90 -28.66 4.35
CA LYS A 1357 0.66 -28.61 5.11
C LYS A 1357 0.90 -28.12 6.54
N ARG A 1358 2.05 -28.49 7.13
CA ARG A 1358 2.36 -28.07 8.49
C ARG A 1358 2.50 -26.55 8.58
N TYR A 1359 3.15 -25.94 7.59
CA TYR A 1359 3.24 -24.48 7.54
C TYR A 1359 1.87 -23.85 7.39
N LEU A 1360 1.05 -24.37 6.48
CA LEU A 1360 -0.27 -23.83 6.24
C LEU A 1360 -1.16 -23.96 7.47
N GLN A 1361 -0.97 -25.02 8.27
CA GLN A 1361 -1.74 -25.17 9.50
C GLN A 1361 -1.45 -24.04 10.47
N SER A 1362 -0.18 -23.66 10.61
CA SER A 1362 0.15 -22.57 11.53
C SER A 1362 -0.35 -21.23 11.01
N ILE A 1363 -0.38 -21.05 9.69
CA ILE A 1363 -0.96 -19.83 9.12
C ILE A 1363 -2.46 -19.77 9.42
N ILE A 1364 -3.16 -20.89 9.28
CA ILE A 1364 -4.59 -20.92 9.60
C ILE A 1364 -4.81 -20.62 11.07
N ARG A 1365 -4.01 -21.25 11.95
CA ARG A 1365 -4.13 -20.97 13.37
C ARG A 1365 -3.84 -19.51 13.68
N LEU A 1366 -2.84 -18.94 13.00
CA LEU A 1366 -2.52 -17.53 13.16
C LEU A 1366 -3.73 -16.65 12.82
N LEU A 1367 -4.45 -17.00 11.75
CA LEU A 1367 -5.56 -16.17 11.31
C LEU A 1367 -6.82 -16.38 12.16
N PHE A 1368 -7.03 -17.58 12.69
CA PHE A 1368 -8.30 -17.95 13.30
C PHE A 1368 -8.29 -17.96 14.82
N TYR A 1369 -7.13 -18.20 15.46
CA TYR A 1369 -7.10 -18.32 16.91
C TYR A 1369 -7.75 -17.09 17.56
N PRO A 1370 -8.63 -17.28 18.56
CA PRO A 1370 -8.91 -18.52 19.29
C PRO A 1370 -9.91 -19.48 18.63
N GLU A 1371 -10.49 -19.11 17.49
CA GLU A 1371 -11.40 -20.02 16.80
C GLU A 1371 -10.63 -21.19 16.21
N LYS A 1372 -11.20 -22.39 16.35
CA LYS A 1372 -10.62 -23.59 15.76
C LYS A 1372 -11.44 -24.01 14.56
N VAL A 1373 -10.75 -24.51 13.53
CA VAL A 1373 -11.39 -24.92 12.29
C VAL A 1373 -10.86 -26.30 11.90
N ASN A 1374 -11.54 -26.91 10.93
CA ASN A 1374 -11.11 -28.20 10.38
C ASN A 1374 -10.06 -27.93 9.31
N MET A 1375 -8.79 -27.99 9.71
CA MET A 1375 -7.72 -27.64 8.77
C MET A 1375 -7.48 -28.73 7.74
N ASP A 1376 -7.83 -29.98 8.05
CA ASP A 1376 -7.76 -31.03 7.03
C ASP A 1376 -8.71 -30.71 5.87
N GLU A 1377 -9.87 -30.15 6.18
CA GLU A 1377 -10.84 -29.80 5.14
C GLU A 1377 -10.45 -28.51 4.42
N MET A 1378 -9.91 -27.55 5.15
CA MET A 1378 -9.65 -26.23 4.57
C MET A 1378 -8.42 -26.22 3.68
N ILE A 1379 -7.41 -27.02 4.00
CA ILE A 1379 -6.16 -27.00 3.26
C ILE A 1379 -6.29 -27.85 2.00
N GLU A 1380 -5.85 -27.31 0.87
CA GLU A 1380 -5.90 -27.98 -0.41
C GLU A 1380 -4.49 -28.40 -0.82
N VAL A 1381 -4.38 -29.61 -1.35
CA VAL A 1381 -3.09 -30.14 -1.82
C VAL A 1381 -3.24 -30.71 -3.22
I IOD C . 34.59 -3.21 -13.52
I IOD D . -8.98 7.43 14.47
I IOD E . 34.03 4.92 14.05
I IOD F . -35.77 -7.85 -38.94
I IOD G . 21.00 -16.38 -10.66
I IOD H . -1.28 12.55 28.99
I IOD I . 16.00 15.41 -24.34
I IOD J . 1.70 -0.18 24.20
I IOD K . 9.82 16.25 24.14
I IOD L . -37.00 21.64 13.81
I IOD M . -36.25 -5.94 -15.68
I IOD N . 24.78 -36.37 7.17
I IOD O . 23.88 -36.00 30.40
I IOD P . -7.80 34.44 29.67
I IOD Q . 38.25 -3.57 15.41
I IOD R . 6.31 -4.73 10.06
I IOD S . -21.20 -4.57 -52.74
I IOD T . -9.88 17.21 30.25
I IOD U . -5.70 -23.83 17.88
I IOD V . 4.93 -30.78 -3.84
I IOD W . 27.45 2.57 36.69
I IOD X . -33.24 23.81 -0.06
I IOD Y . -26.53 -9.42 -28.87
C1 GOL Z . -14.93 -10.83 15.34
O1 GOL Z . -14.04 -9.92 15.97
C2 GOL Z . -15.83 -10.08 14.36
O2 GOL Z . -15.15 -8.95 13.87
C3 GOL Z . -16.22 -10.99 13.21
O3 GOL Z . -17.21 -10.34 12.43
C1 GOL AA . 24.10 -14.46 -17.07
O1 GOL AA . 22.98 -14.41 -16.21
C2 GOL AA . 25.31 -14.96 -16.30
O2 GOL AA . 24.92 -15.42 -15.02
C3 GOL AA . 26.30 -13.82 -16.12
O3 GOL AA . 27.22 -13.82 -17.20
C1 GOL BA . 17.62 7.83 -4.71
O1 GOL BA . 18.23 7.61 -3.47
C2 GOL BA . 17.33 9.32 -4.87
O2 GOL BA . 17.87 10.00 -3.77
C3 GOL BA . 18.01 9.81 -6.14
O3 GOL BA . 17.82 8.88 -7.18
#